data_7KN8
#
_entry.id   7KN8
#
_cell.length_a   81.790
_cell.length_b   100.430
_cell.length_c   168.274
_cell.angle_alpha   90.000
_cell.angle_beta   90.000
_cell.angle_gamma   90.000
#
_symmetry.space_group_name_H-M   'P 21 21 21'
#
loop_
_entity.id
_entity.type
_entity.pdbx_description
1 polymer Cellulase
2 branched alpha-D-xylopyranose-(1-6)-beta-D-glucopyranose-(1-4)-beta-D-glucopyranose
3 non-polymer 1,2-ETHANEDIOL
4 non-polymer 'SODIUM ION'
5 non-polymer 'IODIDE ION'
6 water water
#
_entity_poly.entity_id   1
_entity_poly.type   'polypeptide(L)'
_entity_poly.pdbx_seq_one_letter_code
;MAEPATSGPYQWRSVAIGGGGFVTGVLFHPAERGLAYARTDVGGAYRWDAQAQQWTALTDWLGADDWNLMGIDAFAVDPA
DADALYLAAGTYMHERAGNAAVLRSFNRGRTFERADLPFKLGGNQLGRANGERLAVDPHDGRVLLLGSRDAGLWRSDDRG
AHWAKVASFPDAALAGATARNHVGREQAVGIAFVVFDAASGNTGTPTPRIYVGVSTEQTSLYVSEDAGRSWAPVAGQPRG
LRPSHMAGGSDGHWYLSYGDQPGPDLMAGGALWKFTPAQGRWREISPIPQPASGDGFGWGAVAVDPQQPQVLLASTFRRR
TPRDELYRSVDGGKHWAPLLADAVFDHSAAPWTAHATPHWMGALAIDPFDGNHALFVTGYGIWASRNLQDFAAPQRPLQW
WFQDRGLEETVPLDLLSPMAGAHLLSALGDIDGFRHDELDRAQLQYAGPRLTNGESIDAAGQAPQWVVRSGTVRDRRNNE
IRALYSRDGGKQWTAFASEPPAGQGAGSIAIGADAAQVVWAPERGGNWRTSDFGAQWQRVDGLPDTAVVMADRVDARRWY
AVDVASGQLYESTDAARSFRATGVQVGSPARDERTRPQLRPDPWRAGVVYLASPGKGVMRWQDGTLQVLSQPDEARSLGI
GKALRAGAPPALYLAGRVQGVDGVFRSDDGGVQWQRINDDAHRFGRPYSVTGDPRIAGRVYFATGGRGIFYGDPR
;
_entity_poly.pdbx_strand_id   A,B
#
loop_
_chem_comp.id
_chem_comp.type
_chem_comp.name
_chem_comp.formula
BGC D-saccharide, beta linking beta-D-glucopyranose 'C6 H12 O6'
EDO non-polymer 1,2-ETHANEDIOL 'C2 H6 O2'
IOD non-polymer 'IODIDE ION' 'I -1'
NA non-polymer 'SODIUM ION' 'Na 1'
XYS D-saccharide, alpha linking alpha-D-xylopyranose 'C5 H10 O5'
#
# COMPACT_ATOMS: atom_id res chain seq x y z
N PRO A 9 14.50 10.39 53.64
CA PRO A 9 15.44 10.80 54.70
C PRO A 9 16.20 12.08 54.35
N TYR A 10 16.39 12.31 53.06
CA TYR A 10 16.94 13.57 52.54
C TYR A 10 15.85 14.33 51.80
N GLN A 11 16.07 15.63 51.64
CA GLN A 11 15.27 16.45 50.74
C GLN A 11 16.09 16.69 49.48
N TRP A 12 15.56 16.28 48.32
CA TRP A 12 16.30 16.41 47.07
C TRP A 12 15.77 17.59 46.28
N ARG A 13 16.68 18.42 45.78
CA ARG A 13 16.34 19.58 44.98
C ARG A 13 17.12 19.57 43.68
N SER A 14 16.51 20.07 42.62
CA SER A 14 17.22 20.30 41.37
C SER A 14 18.14 21.51 41.47
N VAL A 15 19.35 21.37 40.94
CA VAL A 15 20.19 22.53 40.61
C VAL A 15 19.54 23.25 39.43
N ALA A 16 19.23 24.54 39.62
CA ALA A 16 18.42 25.27 38.65
C ALA A 16 19.23 25.59 37.41
N ILE A 17 18.79 25.07 36.26
CA ILE A 17 19.36 25.36 34.96
C ILE A 17 18.26 25.81 34.02
N GLY A 18 17.21 24.99 33.88
CA GLY A 18 16.08 25.33 33.02
C GLY A 18 16.05 24.58 31.72
N GLY A 19 15.26 23.51 31.64
CA GLY A 19 15.30 22.64 30.48
C GLY A 19 16.70 22.10 30.22
N GLY A 20 17.34 22.57 29.15
CA GLY A 20 18.69 22.19 28.84
C GLY A 20 18.84 21.02 27.88
N GLY A 21 17.78 20.25 27.65
CA GLY A 21 17.85 19.18 26.68
C GLY A 21 16.73 19.24 25.65
N PHE A 22 16.66 18.21 24.80
CA PHE A 22 15.69 18.15 23.70
C PHE A 22 14.35 17.63 24.23
N VAL A 23 13.31 18.48 24.22
CA VAL A 23 11.96 18.03 24.55
C VAL A 23 11.33 17.51 23.26
N THR A 24 11.01 16.22 23.22
CA THR A 24 10.62 15.58 21.98
C THR A 24 9.11 15.48 21.78
N GLY A 25 8.32 15.98 22.71
CA GLY A 25 6.88 15.97 22.55
C GLY A 25 6.17 16.81 23.59
N VAL A 26 5.09 17.48 23.17
CA VAL A 26 4.25 18.27 24.06
C VAL A 26 2.79 17.96 23.76
N LEU A 27 1.96 17.99 24.79
CA LEU A 27 0.60 17.46 24.68
C LEU A 27 -0.29 18.16 25.69
N PHE A 28 -1.36 18.79 25.21
CA PHE A 28 -2.40 19.34 26.07
C PHE A 28 -3.52 18.33 26.20
N HIS A 29 -4.21 18.35 27.35
CA HIS A 29 -5.40 17.53 27.47
C HIS A 29 -6.64 18.34 27.10
N PRO A 30 -7.43 17.90 26.11
CA PRO A 30 -8.61 18.68 25.71
C PRO A 30 -9.73 18.64 26.73
N ALA A 31 -9.68 17.75 27.72
CA ALA A 31 -10.76 17.66 28.70
C ALA A 31 -10.53 18.51 29.94
N GLU A 32 -9.33 19.07 30.15
CA GLU A 32 -9.11 19.88 31.34
C GLU A 32 -8.15 21.01 31.04
N ARG A 33 -8.61 22.24 31.30
CA ARG A 33 -7.76 23.41 31.07
C ARG A 33 -6.58 23.38 32.02
N GLY A 34 -5.41 23.76 31.52
CA GLY A 34 -4.22 23.81 32.35
C GLY A 34 -3.50 22.49 32.51
N LEU A 35 -4.06 21.40 31.98
CA LEU A 35 -3.39 20.09 32.05
C LEU A 35 -2.58 19.88 30.76
N ALA A 36 -1.28 19.66 30.92
CA ALA A 36 -0.43 19.35 29.77
C ALA A 36 0.68 18.42 30.23
N TYR A 37 1.32 17.78 29.25
CA TYR A 37 2.45 16.88 29.48
C TYR A 37 3.56 17.14 28.47
N ALA A 38 4.77 16.73 28.86
CA ALA A 38 5.92 16.75 27.96
C ALA A 38 6.70 15.46 28.08
N ARG A 39 7.23 14.98 26.96
CA ARG A 39 8.13 13.84 26.97
C ARG A 39 9.51 14.31 26.51
N THR A 40 10.54 13.57 26.94
CA THR A 40 11.93 13.93 26.61
C THR A 40 12.70 12.69 26.15
N ASP A 41 13.85 12.92 25.52
CA ASP A 41 14.58 11.79 24.95
C ASP A 41 15.44 11.08 25.98
N VAL A 42 15.97 11.79 26.98
CA VAL A 42 16.85 11.18 27.95
C VAL A 42 16.32 11.28 29.38
N GLY A 43 15.22 12.00 29.59
CA GLY A 43 14.86 12.42 30.94
C GLY A 43 13.41 12.27 31.36
N GLY A 44 12.75 11.21 30.92
CA GLY A 44 11.39 10.95 31.38
C GLY A 44 10.33 11.91 30.84
N ALA A 45 9.18 11.90 31.51
CA ALA A 45 8.05 12.73 31.15
C ALA A 45 7.70 13.68 32.30
N TYR A 46 6.86 14.65 31.97
CA TYR A 46 6.49 15.71 32.90
C TYR A 46 5.00 16.00 32.80
N ARG A 47 4.41 16.40 33.91
CA ARG A 47 3.04 16.91 33.95
C ARG A 47 3.06 18.36 34.37
N TRP A 48 2.49 19.25 33.56
CA TRP A 48 2.33 20.63 33.98
C TRP A 48 1.22 20.73 35.02
N ASP A 49 1.55 21.27 36.19
CA ASP A 49 0.63 21.44 37.31
C ASP A 49 0.28 22.92 37.42
N ALA A 50 -0.91 23.27 36.95
CA ALA A 50 -1.30 24.68 36.93
C ALA A 50 -1.33 25.27 38.34
N GLN A 51 -1.56 24.45 39.36
CA GLN A 51 -1.71 24.99 40.71
C GLN A 51 -0.37 25.42 41.30
N ALA A 52 0.70 24.72 40.94
CA ALA A 52 2.04 25.09 41.38
C ALA A 52 2.82 25.84 40.31
N GLN A 53 2.25 25.99 39.11
CA GLN A 53 2.93 26.62 37.99
C GLN A 53 4.29 25.99 37.71
N GLN A 54 4.31 24.67 37.54
CA GLN A 54 5.55 23.97 37.24
C GLN A 54 5.25 22.67 36.48
N TRP A 55 6.29 22.16 35.82
CA TRP A 55 6.32 20.79 35.34
C TRP A 55 6.73 19.88 36.47
N THR A 56 6.07 18.72 36.56
CA THR A 56 6.34 17.75 37.61
C THR A 56 6.87 16.49 36.95
N ALA A 57 8.10 16.11 37.28
CA ALA A 57 8.70 14.92 36.68
C ALA A 57 7.93 13.69 37.14
N LEU A 58 7.59 12.82 36.19
CA LEU A 58 6.71 11.70 36.46
C LEU A 58 7.43 10.36 36.58
N THR A 59 8.73 10.30 36.29
CA THR A 59 9.41 9.01 36.24
C THR A 59 10.69 8.96 37.07
N ASP A 60 10.82 9.82 38.10
CA ASP A 60 11.96 9.73 38.98
C ASP A 60 11.96 8.45 39.82
N TRP A 61 10.86 7.70 39.87
CA TRP A 61 10.83 6.42 40.57
C TRP A 61 11.56 5.31 39.83
N LEU A 62 11.96 5.54 38.58
CA LEU A 62 12.76 4.55 37.85
C LEU A 62 14.07 4.25 38.59
N GLY A 63 14.28 2.97 38.89
CA GLY A 63 15.49 2.53 39.56
C GLY A 63 16.61 2.24 38.57
N ALA A 64 17.73 1.74 39.11
CA ALA A 64 18.93 1.55 38.31
C ALA A 64 18.75 0.47 37.24
N ASP A 65 17.95 -0.56 37.54
CA ASP A 65 17.67 -1.61 36.55
C ASP A 65 16.87 -1.08 35.37
N ASP A 66 16.19 0.06 35.51
CA ASP A 66 15.25 0.56 34.51
C ASP A 66 15.69 1.90 33.94
N TRP A 67 17.00 2.12 33.82
CA TRP A 67 17.52 3.36 33.24
C TRP A 67 17.02 3.56 31.82
N ASN A 68 16.84 2.46 31.08
CA ASN A 68 16.45 2.54 29.67
C ASN A 68 15.02 3.02 29.48
N LEU A 69 14.18 3.00 30.52
CA LEU A 69 12.83 3.54 30.40
C LEU A 69 12.78 5.05 30.62
N MET A 70 13.92 5.72 30.79
CA MET A 70 13.90 7.17 30.92
C MET A 70 13.62 7.85 29.59
N GLY A 71 13.95 7.20 28.47
CA GLY A 71 13.63 7.73 27.16
C GLY A 71 12.19 7.47 26.79
N ILE A 72 11.43 8.52 26.49
CA ILE A 72 10.00 8.39 26.28
C ILE A 72 9.73 8.59 24.79
N ASP A 73 9.56 7.46 24.10
CA ASP A 73 9.46 7.45 22.65
C ASP A 73 8.11 7.93 22.14
N ALA A 74 7.10 8.00 23.00
CA ALA A 74 5.76 8.44 22.61
C ALA A 74 4.92 8.58 23.86
N PHE A 75 3.85 9.38 23.77
CA PHE A 75 2.87 9.44 24.85
C PHE A 75 1.51 9.87 24.30
N ALA A 76 0.47 9.64 25.10
CA ALA A 76 -0.90 9.81 24.66
C ALA A 76 -1.78 9.98 25.89
N VAL A 77 -2.85 10.74 25.73
CA VAL A 77 -3.89 10.81 26.75
C VAL A 77 -5.20 10.36 26.12
N ASP A 78 -6.13 10.00 27.00
CA ASP A 78 -7.48 9.62 26.59
C ASP A 78 -8.32 10.88 26.52
N PRO A 79 -8.78 11.32 25.34
CA PRO A 79 -9.60 12.55 25.29
C PRO A 79 -10.85 12.46 26.14
N ALA A 80 -11.36 11.26 26.40
CA ALA A 80 -12.56 11.08 27.20
C ALA A 80 -12.28 10.87 28.68
N ASP A 81 -11.02 10.93 29.12
CA ASP A 81 -10.72 10.66 30.52
C ASP A 81 -9.45 11.41 30.92
N ALA A 82 -9.63 12.58 31.52
CA ALA A 82 -8.49 13.42 31.91
C ALA A 82 -7.57 12.76 32.94
N ASP A 83 -7.98 11.65 33.55
CA ASP A 83 -7.06 11.03 34.50
C ASP A 83 -6.03 10.11 33.84
N ALA A 84 -6.27 9.63 32.63
CA ALA A 84 -5.42 8.61 32.02
C ALA A 84 -4.17 9.24 31.39
N LEU A 85 -3.04 8.54 31.53
CA LEU A 85 -1.79 8.92 30.87
C LEU A 85 -1.05 7.67 30.45
N TYR A 86 -0.57 7.64 29.20
CA TYR A 86 0.17 6.49 28.68
C TYR A 86 1.51 6.95 28.11
N LEU A 87 2.57 6.29 28.52
CA LEU A 87 3.92 6.57 28.06
C LEU A 87 4.50 5.33 27.38
N ALA A 88 5.04 5.50 26.19
CA ALA A 88 5.83 4.43 25.54
C ALA A 88 7.29 4.71 25.87
N ALA A 89 7.87 3.89 26.74
CA ALA A 89 9.18 4.14 27.33
C ALA A 89 10.19 3.12 26.81
N GLY A 90 11.37 3.61 26.42
CA GLY A 90 12.41 2.79 25.81
C GLY A 90 13.37 3.69 25.06
N THR A 91 14.65 3.65 25.41
CA THR A 91 15.58 4.68 24.94
C THR A 91 16.42 4.24 23.75
N TYR A 92 16.94 3.01 23.78
CA TYR A 92 17.82 2.54 22.72
C TYR A 92 17.37 1.17 22.27
N MET A 93 17.82 0.79 21.08
CA MET A 93 17.51 -0.50 20.50
C MET A 93 18.73 -1.39 20.38
N HIS A 94 19.88 -0.93 20.89
CA HIS A 94 21.08 -1.74 20.79
C HIS A 94 21.06 -2.85 21.83
N GLU A 95 22.14 -3.63 21.83
CA GLU A 95 22.16 -4.92 22.49
C GLU A 95 22.12 -4.78 24.01
N ARG A 96 22.83 -3.80 24.55
CA ARG A 96 22.89 -3.60 25.99
C ARG A 96 21.64 -2.92 26.56
N ALA A 97 20.64 -2.62 25.74
CA ALA A 97 19.43 -1.95 26.21
C ALA A 97 18.26 -2.92 26.22
N GLY A 98 17.39 -2.79 27.23
CA GLY A 98 16.30 -3.72 27.42
C GLY A 98 15.13 -3.46 26.49
N ASN A 99 14.11 -4.31 26.62
CA ASN A 99 12.88 -4.11 25.88
C ASN A 99 12.12 -2.89 26.40
N ALA A 100 11.21 -2.40 25.58
CA ALA A 100 10.41 -1.24 25.92
C ALA A 100 9.19 -1.64 26.75
N ALA A 101 8.40 -0.64 27.14
CA ALA A 101 7.25 -0.83 28.00
C ALA A 101 6.27 0.31 27.81
N VAL A 102 4.98 -0.01 27.93
CA VAL A 102 3.97 1.02 28.09
C VAL A 102 3.71 1.20 29.57
N LEU A 103 3.92 2.42 30.06
CA LEU A 103 3.61 2.81 31.42
C LEU A 103 2.25 3.48 31.41
N ARG A 104 1.29 2.90 32.13
CA ARG A 104 -0.07 3.43 32.14
C ARG A 104 -0.40 3.98 33.52
N SER A 105 -1.04 5.14 33.52
CA SER A 105 -1.48 5.78 34.75
C SER A 105 -2.94 6.15 34.62
N PHE A 106 -3.68 6.06 35.74
CA PHE A 106 -5.04 6.58 35.80
C PHE A 106 -5.17 7.62 36.92
N ASN A 107 -4.06 8.27 37.27
CA ASN A 107 -4.04 9.43 38.15
C ASN A 107 -3.03 10.46 37.64
N ARG A 108 -3.01 10.67 36.32
CA ARG A 108 -2.22 11.71 35.68
C ARG A 108 -0.73 11.52 35.92
N GLY A 109 -0.29 10.27 36.06
CA GLY A 109 1.11 10.01 36.26
C GLY A 109 1.56 9.94 37.70
N ARG A 110 0.63 9.99 38.68
CA ARG A 110 1.03 9.84 40.07
C ARG A 110 1.60 8.44 40.32
N THR A 111 0.91 7.42 39.83
CA THR A 111 1.41 6.05 39.84
C THR A 111 1.28 5.46 38.45
N PHE A 112 2.10 4.46 38.19
CA PHE A 112 2.10 3.79 36.90
C PHE A 112 1.98 2.30 37.09
N GLU A 113 1.37 1.62 36.11
CA GLU A 113 1.51 0.19 35.93
C GLU A 113 2.22 -0.08 34.61
N ARG A 114 2.97 -1.18 34.57
CA ARG A 114 3.95 -1.44 33.52
C ARG A 114 3.54 -2.63 32.66
N ALA A 115 3.44 -2.42 31.34
CA ALA A 115 3.24 -3.50 30.37
C ALA A 115 4.52 -3.67 29.56
N ASP A 116 5.22 -4.77 29.78
CA ASP A 116 6.45 -5.02 29.05
C ASP A 116 6.12 -5.46 27.62
N LEU A 117 6.86 -4.90 26.65
CA LEU A 117 6.66 -5.17 25.25
C LEU A 117 7.77 -6.08 24.73
N PRO A 118 7.51 -6.85 23.67
CA PRO A 118 8.54 -7.77 23.17
C PRO A 118 9.50 -7.13 22.15
N PHE A 119 9.55 -5.81 22.07
CA PHE A 119 10.47 -5.12 21.15
C PHE A 119 11.05 -3.93 21.87
N LYS A 120 12.04 -3.27 21.24
CA LYS A 120 12.71 -2.12 21.83
C LYS A 120 12.26 -0.84 21.14
N LEU A 121 12.41 0.30 21.83
CA LEU A 121 12.05 1.58 21.24
C LEU A 121 13.26 2.51 21.21
N GLY A 122 13.07 3.68 20.58
CA GLY A 122 14.18 4.57 20.26
C GLY A 122 14.07 5.95 20.85
N GLY A 123 13.77 6.02 22.17
CA GLY A 123 13.49 7.30 22.82
C GLY A 123 14.59 8.33 22.63
N ASN A 124 15.84 7.89 22.54
CA ASN A 124 16.96 8.77 22.27
C ASN A 124 17.67 8.38 20.98
N GLN A 125 16.92 7.98 19.96
CA GLN A 125 17.49 7.66 18.65
C GLN A 125 16.84 8.53 17.57
N LEU A 126 17.22 8.28 16.31
CA LEU A 126 16.59 8.98 15.21
C LEU A 126 15.09 8.76 15.24
N GLY A 127 14.35 9.78 14.79
CA GLY A 127 12.90 9.74 14.76
C GLY A 127 12.22 9.95 16.10
N ARG A 128 12.98 10.21 17.17
CA ARG A 128 12.39 10.33 18.50
C ARG A 128 11.39 11.48 18.57
N ALA A 129 11.57 12.52 17.76
CA ALA A 129 10.66 13.65 17.75
C ALA A 129 9.51 13.50 16.76
N ASN A 130 9.50 12.46 15.93
CA ASN A 130 8.29 12.13 15.21
C ASN A 130 7.23 11.71 16.21
N GLY A 131 5.98 12.08 15.97
CA GLY A 131 4.92 11.61 16.86
C GLY A 131 3.55 12.00 16.36
N GLU A 132 2.53 11.43 17.00
CA GLU A 132 2.74 10.47 18.09
C GLU A 132 2.47 9.01 17.70
N ARG A 133 3.46 8.16 18.02
CA ARG A 133 3.42 6.73 17.73
C ARG A 133 2.39 6.00 18.58
N LEU A 134 2.08 6.52 19.74
CA LEU A 134 1.13 5.94 20.66
C LEU A 134 -0.15 6.77 20.63
N ALA A 135 -1.29 6.11 20.59
CA ALA A 135 -2.53 6.85 20.47
C ALA A 135 -3.65 6.07 21.14
N VAL A 136 -4.61 6.81 21.69
CA VAL A 136 -5.82 6.27 22.28
C VAL A 136 -6.98 6.48 21.32
N ASP A 137 -7.79 5.45 21.15
CA ASP A 137 -8.99 5.54 20.32
C ASP A 137 -9.94 6.60 20.91
N PRO A 138 -10.37 7.60 20.12
CA PRO A 138 -11.13 8.70 20.71
C PRO A 138 -12.59 8.39 20.95
N HIS A 139 -13.05 7.21 20.54
CA HIS A 139 -14.42 6.79 20.80
C HIS A 139 -14.50 5.59 21.73
N ASP A 140 -13.45 4.79 21.84
CA ASP A 140 -13.39 3.67 22.76
C ASP A 140 -12.00 3.67 23.42
N GLY A 141 -11.90 4.35 24.57
CA GLY A 141 -10.65 4.50 25.28
C GLY A 141 -10.04 3.20 25.74
N ARG A 142 -10.77 2.08 25.65
CA ARG A 142 -10.17 0.79 25.89
C ARG A 142 -9.11 0.47 24.85
N VAL A 143 -9.21 1.06 23.66
CA VAL A 143 -8.35 0.69 22.54
C VAL A 143 -7.21 1.69 22.43
N LEU A 144 -5.98 1.16 22.37
CA LEU A 144 -4.80 1.94 22.05
C LEU A 144 -4.04 1.27 20.92
N LEU A 145 -3.28 2.07 20.18
CA LEU A 145 -2.36 1.57 19.18
C LEU A 145 -0.98 2.13 19.43
N LEU A 146 0.03 1.31 19.16
CA LEU A 146 1.42 1.70 19.33
C LEU A 146 2.19 1.29 18.08
N GLY A 147 2.81 2.26 17.43
CA GLY A 147 3.69 1.98 16.31
C GLY A 147 5.10 1.79 16.82
N SER A 148 5.71 0.67 16.43
CA SER A 148 7.06 0.35 16.88
C SER A 148 8.07 0.92 15.88
N ARG A 149 9.35 0.65 16.13
CA ARG A 149 10.41 1.10 15.24
C ARG A 149 10.89 0.00 14.30
N ASP A 150 10.71 -1.28 14.67
CA ASP A 150 11.11 -2.37 13.80
C ASP A 150 10.27 -3.62 13.97
N ALA A 151 9.03 -3.50 14.49
CA ALA A 151 8.19 -4.66 14.77
C ALA A 151 6.73 -4.41 14.44
N GLY A 152 6.46 -3.55 13.46
CA GLY A 152 5.08 -3.36 13.03
C GLY A 152 4.24 -2.57 14.01
N LEU A 153 2.93 -2.83 13.96
CA LEU A 153 1.92 -2.08 14.70
C LEU A 153 1.31 -2.98 15.78
N TRP A 154 1.15 -2.43 16.97
CA TRP A 154 0.67 -3.17 18.12
C TRP A 154 -0.59 -2.52 18.67
N ARG A 155 -1.43 -3.33 19.30
CA ARG A 155 -2.77 -2.92 19.70
C ARG A 155 -3.07 -3.41 21.10
N SER A 156 -3.83 -2.60 21.84
CA SER A 156 -4.35 -2.98 23.14
C SER A 156 -5.86 -2.74 23.14
N ASP A 157 -6.60 -3.64 23.78
CA ASP A 157 -8.03 -3.39 23.96
C ASP A 157 -8.42 -3.41 25.43
N ASP A 158 -7.45 -3.30 26.34
CA ASP A 158 -7.70 -3.23 27.78
C ASP A 158 -6.91 -2.08 28.42
N ARG A 159 -6.96 -0.90 27.80
CA ARG A 159 -6.34 0.32 28.32
C ARG A 159 -4.84 0.16 28.50
N GLY A 160 -4.18 -0.53 27.57
CA GLY A 160 -2.74 -0.62 27.60
C GLY A 160 -2.17 -1.67 28.53
N ALA A 161 -2.99 -2.50 29.15
CA ALA A 161 -2.46 -3.52 30.04
C ALA A 161 -1.83 -4.68 29.27
N HIS A 162 -2.37 -5.03 28.10
CA HIS A 162 -1.81 -6.11 27.29
C HIS A 162 -1.77 -5.70 25.83
N TRP A 163 -0.74 -6.18 25.11
CA TRP A 163 -0.49 -5.78 23.73
C TRP A 163 -0.29 -6.99 22.83
N ALA A 164 -0.77 -6.85 21.59
CA ALA A 164 -0.66 -7.89 20.57
C ALA A 164 -0.43 -7.24 19.21
N LYS A 165 0.38 -7.90 18.38
CA LYS A 165 0.71 -7.36 17.08
C LYS A 165 -0.53 -7.30 16.19
N VAL A 166 -0.68 -6.21 15.45
CA VAL A 166 -1.74 -6.10 14.45
C VAL A 166 -1.28 -6.92 13.24
N ALA A 167 -1.77 -8.16 13.13
CA ALA A 167 -1.22 -9.12 12.17
C ALA A 167 -1.44 -8.66 10.73
N SER A 168 -2.46 -7.85 10.49
CA SER A 168 -2.77 -7.38 9.15
C SER A 168 -1.89 -6.22 8.69
N PHE A 169 -1.19 -5.55 9.61
CA PHE A 169 -0.29 -4.48 9.21
C PHE A 169 1.03 -5.10 8.78
N PRO A 170 1.48 -4.90 7.56
CA PRO A 170 2.64 -5.64 7.07
C PRO A 170 3.93 -5.07 7.65
N ASP A 171 4.84 -5.97 8.02
CA ASP A 171 6.16 -5.52 8.42
C ASP A 171 6.86 -4.81 7.28
N ALA A 172 6.56 -5.21 6.04
CA ALA A 172 7.20 -4.61 4.87
C ALA A 172 6.84 -3.14 4.75
N ALA A 173 5.77 -2.68 5.40
CA ALA A 173 5.46 -1.26 5.40
C ALA A 173 6.62 -0.44 5.93
N LEU A 174 7.41 -1.00 6.83
CA LEU A 174 8.55 -0.30 7.39
C LEU A 174 9.80 -0.47 6.52
N ALA A 175 9.67 -0.97 5.29
CA ALA A 175 10.82 -1.08 4.41
C ALA A 175 11.38 0.30 4.13
N GLY A 176 12.69 0.42 4.27
CA GLY A 176 13.38 1.68 4.11
C GLY A 176 13.24 2.62 5.29
N ALA A 177 12.59 2.19 6.36
CA ALA A 177 12.42 3.06 7.52
C ALA A 177 13.61 2.91 8.45
N THR A 178 14.79 3.14 7.88
CA THR A 178 16.02 3.26 8.65
C THR A 178 16.77 4.47 8.11
N ALA A 179 17.78 4.91 8.86
CA ALA A 179 18.57 6.07 8.46
C ALA A 179 19.86 6.10 9.26
N ARG A 180 20.85 6.81 8.72
CA ARG A 180 22.11 7.05 9.44
C ARG A 180 22.02 8.27 10.34
N ASN A 181 22.61 8.17 11.53
CA ASN A 181 22.69 9.33 12.40
C ASN A 181 23.97 10.11 12.09
N HIS A 182 24.26 11.13 12.91
CA HIS A 182 25.36 12.05 12.63
C HIS A 182 26.73 11.37 12.68
N VAL A 183 26.85 10.23 13.35
CA VAL A 183 28.12 9.55 13.47
C VAL A 183 28.21 8.32 12.58
N GLY A 184 27.25 8.15 11.66
CA GLY A 184 27.34 7.12 10.65
C GLY A 184 26.56 5.84 10.90
N ARG A 185 25.92 5.70 12.06
CA ARG A 185 25.30 4.43 12.47
C ARG A 185 23.84 4.37 12.00
N GLU A 186 23.47 3.24 11.40
CA GLU A 186 22.11 3.02 10.94
C GLU A 186 21.18 2.75 12.11
N GLN A 187 19.98 3.34 12.08
CA GLN A 187 19.03 3.13 13.16
C GLN A 187 17.66 2.85 12.59
N ALA A 188 16.91 2.00 13.30
CA ALA A 188 15.54 1.66 12.92
C ALA A 188 14.62 2.80 13.33
N VAL A 189 14.01 3.49 12.37
CA VAL A 189 13.10 4.57 12.71
C VAL A 189 11.64 4.12 12.63
N GLY A 190 11.29 3.32 11.62
CA GLY A 190 9.97 2.69 11.60
C GLY A 190 8.82 3.69 11.53
N ILE A 191 7.81 3.48 12.37
CA ILE A 191 6.58 4.27 12.32
C ILE A 191 6.82 5.63 12.97
N ALA A 192 6.34 6.69 12.30
CA ALA A 192 6.39 8.06 12.81
C ALA A 192 5.17 8.45 13.64
N PHE A 193 3.96 8.04 13.25
CA PHE A 193 2.77 8.38 14.01
C PHE A 193 1.64 7.40 13.73
N VAL A 194 0.69 7.36 14.66
CA VAL A 194 -0.58 6.66 14.52
C VAL A 194 -1.69 7.65 14.87
N VAL A 195 -2.61 7.87 13.92
CA VAL A 195 -3.64 8.90 14.05
C VAL A 195 -5.01 8.29 13.79
N PHE A 196 -5.88 8.36 14.79
CA PHE A 196 -7.29 8.04 14.59
C PHE A 196 -7.99 9.22 13.94
N ASP A 197 -8.88 8.93 13.00
CA ASP A 197 -9.78 9.94 12.43
C ASP A 197 -11.05 9.91 13.27
N ALA A 198 -11.13 10.80 14.25
CA ALA A 198 -12.30 10.79 15.15
C ALA A 198 -13.58 11.10 14.41
N ALA A 199 -13.53 11.95 13.38
CA ALA A 199 -14.73 12.23 12.61
C ALA A 199 -15.33 10.97 11.99
N SER A 200 -14.57 9.87 11.88
CA SER A 200 -15.08 8.63 11.31
C SER A 200 -15.85 7.76 12.29
N GLY A 201 -15.78 8.05 13.59
CA GLY A 201 -16.32 7.18 14.61
C GLY A 201 -17.52 7.76 15.35
N ASN A 202 -18.04 6.94 16.26
CA ASN A 202 -19.08 7.31 17.21
C ASN A 202 -18.79 6.67 18.55
N THR A 203 -19.21 7.36 19.62
CA THR A 203 -18.92 6.95 21.00
C THR A 203 -19.24 5.47 21.22
N GLY A 204 -18.31 4.77 21.88
CA GLY A 204 -18.54 3.43 22.36
C GLY A 204 -18.00 2.32 21.48
N THR A 205 -17.74 2.60 20.20
CA THR A 205 -17.25 1.66 19.20
C THR A 205 -15.88 2.08 18.71
N PRO A 206 -14.97 1.13 18.50
CA PRO A 206 -13.64 1.49 17.98
C PRO A 206 -13.72 2.32 16.71
N THR A 207 -12.86 3.33 16.63
CA THR A 207 -12.84 4.24 15.49
C THR A 207 -12.49 3.50 14.20
N PRO A 208 -13.29 3.63 13.14
CA PRO A 208 -13.01 2.84 11.93
C PRO A 208 -11.77 3.29 11.16
N ARG A 209 -11.49 4.58 11.03
CA ARG A 209 -10.43 5.05 10.14
C ARG A 209 -9.20 5.43 10.94
N ILE A 210 -8.06 4.85 10.56
CA ILE A 210 -6.78 4.98 11.24
C ILE A 210 -5.68 5.21 10.22
N TYR A 211 -4.83 6.21 10.47
CA TYR A 211 -3.68 6.54 9.64
C TYR A 211 -2.40 6.13 10.38
N VAL A 212 -1.44 5.61 9.62
CA VAL A 212 -0.11 5.24 10.13
C VAL A 212 0.93 5.85 9.22
N GLY A 213 1.77 6.71 9.77
CA GLY A 213 2.89 7.27 9.05
C GLY A 213 4.16 6.48 9.32
N VAL A 214 4.91 6.24 8.25
CA VAL A 214 6.16 5.50 8.33
C VAL A 214 7.29 6.44 7.90
N SER A 215 8.36 6.49 8.70
CA SER A 215 9.50 7.34 8.37
C SER A 215 10.35 6.66 7.30
N THR A 216 9.88 6.76 6.05
CA THR A 216 10.56 6.11 4.95
C THR A 216 10.38 6.94 3.68
N GLU A 217 11.36 6.82 2.78
CA GLU A 217 11.25 7.44 1.47
C GLU A 217 10.31 6.68 0.55
N GLN A 218 9.99 5.42 0.89
CA GLN A 218 8.99 4.66 0.14
C GLN A 218 7.59 5.09 0.60
N THR A 219 6.56 4.29 0.27
CA THR A 219 5.20 4.54 0.72
C THR A 219 5.19 4.89 2.21
N SER A 220 4.82 6.11 2.57
CA SER A 220 4.98 6.53 3.96
C SER A 220 3.67 6.79 4.68
N LEU A 221 2.52 6.67 4.00
CA LEU A 221 1.24 6.93 4.64
C LEU A 221 0.28 5.77 4.35
N TYR A 222 -0.14 5.09 5.40
CA TYR A 222 -1.11 4.01 5.30
C TYR A 222 -2.40 4.39 6.03
N VAL A 223 -3.49 3.75 5.62
CA VAL A 223 -4.82 4.03 6.17
C VAL A 223 -5.61 2.74 6.24
N SER A 224 -6.37 2.59 7.32
CA SER A 224 -7.36 1.54 7.45
C SER A 224 -8.75 2.17 7.53
N GLU A 225 -9.72 1.51 6.90
CA GLU A 225 -11.12 1.89 6.99
C GLU A 225 -11.93 1.00 7.92
N ASP A 226 -11.35 -0.07 8.44
CA ASP A 226 -12.11 -1.07 9.18
C ASP A 226 -11.47 -1.35 10.53
N ALA A 227 -11.02 -0.29 11.20
CA ALA A 227 -10.51 -0.36 12.58
C ALA A 227 -9.23 -1.18 12.69
N GLY A 228 -8.44 -1.23 11.62
CA GLY A 228 -7.19 -1.94 11.61
C GLY A 228 -7.25 -3.33 11.00
N ARG A 229 -8.40 -3.77 10.50
CA ARG A 229 -8.48 -5.12 9.96
C ARG A 229 -7.74 -5.24 8.62
N SER A 230 -7.70 -4.18 7.82
CA SER A 230 -6.96 -4.18 6.57
C SER A 230 -6.33 -2.81 6.37
N TRP A 231 -5.33 -2.75 5.48
CA TRP A 231 -4.47 -1.57 5.36
C TRP A 231 -4.12 -1.30 3.90
N ALA A 232 -4.10 -0.02 3.53
CA ALA A 232 -3.84 0.40 2.17
C ALA A 232 -3.03 1.69 2.20
N PRO A 233 -2.19 1.91 1.19
CA PRO A 233 -1.52 3.21 1.07
C PRO A 233 -2.53 4.27 0.68
N VAL A 234 -2.36 5.47 1.26
CA VAL A 234 -3.22 6.57 0.90
C VAL A 234 -2.95 6.98 -0.54
N ALA A 235 -4.01 7.13 -1.33
CA ALA A 235 -3.83 7.45 -2.74
C ALA A 235 -3.23 8.84 -2.89
N GLY A 236 -2.36 8.99 -3.88
CA GLY A 236 -1.84 10.28 -4.27
C GLY A 236 -0.75 10.84 -3.38
N GLN A 237 -0.35 10.11 -2.34
CA GLN A 237 0.62 10.63 -1.39
C GLN A 237 1.95 10.95 -2.06
N PRO A 238 2.68 11.93 -1.55
CA PRO A 238 4.03 12.18 -2.04
C PRO A 238 5.00 11.13 -1.52
N ARG A 239 6.02 10.84 -2.34
CA ARG A 239 7.05 9.92 -1.94
C ARG A 239 8.42 10.57 -2.08
N GLY A 240 9.40 10.01 -1.39
CA GLY A 240 10.76 10.50 -1.43
C GLY A 240 11.18 11.24 -0.18
N LEU A 241 10.23 11.72 0.60
CA LEU A 241 10.50 12.37 1.88
C LEU A 241 9.80 11.61 3.00
N ARG A 242 10.20 11.91 4.25
CA ARG A 242 9.72 11.18 5.42
C ARG A 242 8.76 12.02 6.24
N PRO A 243 7.52 11.59 6.47
CA PRO A 243 6.63 12.36 7.33
C PRO A 243 7.03 12.21 8.79
N SER A 244 6.74 13.25 9.58
CA SER A 244 7.00 13.24 11.01
C SER A 244 5.78 13.53 11.86
N HIS A 245 4.74 14.19 11.32
CA HIS A 245 3.55 14.55 12.06
C HIS A 245 2.38 14.62 11.10
N MET A 246 1.18 14.34 11.61
CA MET A 246 -0.06 14.47 10.85
C MET A 246 -1.12 15.09 11.75
N ALA A 247 -1.58 16.29 11.40
CA ALA A 247 -2.42 17.07 12.31
C ALA A 247 -3.69 17.51 11.61
N GLY A 248 -4.62 18.04 12.41
CA GLY A 248 -5.85 18.58 11.87
C GLY A 248 -6.88 17.47 11.70
N GLY A 249 -7.58 17.50 10.56
CA GLY A 249 -8.48 16.43 10.17
C GLY A 249 -9.95 16.69 10.46
N SER A 250 -10.27 17.51 11.47
CA SER A 250 -11.68 17.66 11.88
C SER A 250 -12.54 18.32 10.81
N ASP A 251 -11.96 19.12 9.93
CA ASP A 251 -12.72 19.73 8.85
C ASP A 251 -12.50 19.01 7.51
N GLY A 252 -11.85 17.85 7.53
CA GLY A 252 -11.56 17.14 6.29
C GLY A 252 -10.25 17.52 5.63
N HIS A 253 -9.41 18.33 6.29
CA HIS A 253 -8.08 18.67 5.82
C HIS A 253 -7.05 18.24 6.86
N TRP A 254 -6.06 17.44 6.42
CA TRP A 254 -4.96 16.98 7.25
C TRP A 254 -3.67 17.66 6.82
N TYR A 255 -2.81 17.90 7.79
CA TYR A 255 -1.57 18.65 7.59
C TYR A 255 -0.42 17.75 8.02
N LEU A 256 0.54 17.54 7.12
CA LEU A 256 1.63 16.59 7.33
C LEU A 256 2.96 17.26 7.05
N SER A 257 3.87 17.21 8.03
CA SER A 257 5.21 17.73 7.89
C SER A 257 6.13 16.62 7.44
N TYR A 258 7.11 16.96 6.58
CA TYR A 258 8.04 16.02 5.98
C TYR A 258 9.46 16.55 6.06
N GLY A 259 10.42 15.63 6.22
CA GLY A 259 11.82 15.95 6.09
C GLY A 259 12.51 14.90 5.23
N ASP A 260 13.72 15.25 4.75
CA ASP A 260 14.49 14.30 3.97
C ASP A 260 15.25 13.32 4.85
N GLN A 261 15.14 13.45 6.16
CA GLN A 261 15.68 12.56 7.17
C GLN A 261 14.67 12.45 8.29
N PRO A 262 14.73 11.39 9.10
CA PRO A 262 13.81 11.32 10.25
C PRO A 262 13.99 12.45 11.23
N GLY A 263 15.22 12.98 11.38
CA GLY A 263 15.54 13.93 12.42
C GLY A 263 15.88 13.24 13.72
N PRO A 264 16.57 13.94 14.64
CA PRO A 264 16.95 15.35 14.50
C PRO A 264 18.25 15.56 13.73
N ASP A 265 19.08 14.53 13.58
CA ASP A 265 20.31 14.69 12.81
C ASP A 265 20.01 14.92 11.33
N LEU A 266 20.77 15.81 10.70
CA LEU A 266 21.07 15.80 9.27
C LEU A 266 19.94 16.22 8.34
N MET A 267 18.85 16.80 8.81
CA MET A 267 17.81 17.19 7.86
C MET A 267 18.32 18.29 6.92
N ALA A 268 18.02 18.12 5.62
CA ALA A 268 18.47 19.10 4.63
C ALA A 268 17.46 19.27 3.50
N GLY A 269 16.22 18.88 3.71
CA GLY A 269 15.15 19.05 2.75
C GLY A 269 13.86 18.67 3.45
N GLY A 270 12.76 18.90 2.77
CA GLY A 270 11.47 18.55 3.32
C GLY A 270 10.35 19.30 2.62
N ALA A 271 9.15 19.16 3.17
CA ALA A 271 7.98 19.76 2.57
C ALA A 271 6.85 19.79 3.60
N LEU A 272 5.83 20.57 3.29
CA LEU A 272 4.61 20.62 4.09
C LEU A 272 3.44 20.35 3.15
N TRP A 273 2.61 19.36 3.50
CA TRP A 273 1.52 18.95 2.62
C TRP A 273 0.18 19.07 3.32
N LYS A 274 -0.81 19.55 2.56
CA LYS A 274 -2.21 19.55 2.94
C LYS A 274 -2.93 18.43 2.21
N PHE A 275 -3.63 17.58 2.95
CA PHE A 275 -4.26 16.41 2.35
C PHE A 275 -5.76 16.46 2.62
N THR A 276 -6.56 16.44 1.55
CA THR A 276 -8.01 16.53 1.60
C THR A 276 -8.59 15.22 1.04
N PRO A 277 -8.82 14.22 1.89
CA PRO A 277 -9.21 12.89 1.36
C PRO A 277 -10.48 12.88 0.53
N ALA A 278 -11.49 13.67 0.89
CA ALA A 278 -12.73 13.67 0.10
C ALA A 278 -12.49 14.10 -1.34
N GLN A 279 -11.54 15.00 -1.59
CA GLN A 279 -11.23 15.42 -2.93
C GLN A 279 -10.07 14.61 -3.54
N GLY A 280 -9.45 13.72 -2.77
CA GLY A 280 -8.26 13.03 -3.23
C GLY A 280 -7.11 13.97 -3.56
N ARG A 281 -7.05 15.12 -2.89
CA ARG A 281 -6.20 16.24 -3.28
C ARG A 281 -5.02 16.35 -2.33
N TRP A 282 -3.85 16.58 -2.90
CA TRP A 282 -2.64 16.90 -2.16
C TRP A 282 -2.13 18.25 -2.64
N ARG A 283 -1.84 19.14 -1.69
CA ARG A 283 -1.33 20.47 -2.00
C ARG A 283 -0.16 20.78 -1.09
N GLU A 284 0.94 21.20 -1.72
CA GLU A 284 2.13 21.63 -0.99
C GLU A 284 1.92 23.06 -0.52
N ILE A 285 2.02 23.29 0.79
CA ILE A 285 1.67 24.57 1.40
C ILE A 285 2.81 25.10 2.26
N SER A 286 4.03 24.66 1.99
CA SER A 286 5.18 25.08 2.78
C SER A 286 5.24 26.60 2.86
N PRO A 287 5.38 27.20 4.05
CA PRO A 287 5.47 28.65 4.17
C PRO A 287 6.54 29.28 3.28
N ILE A 288 7.74 28.68 3.21
CA ILE A 288 8.82 29.19 2.36
C ILE A 288 9.40 28.04 1.55
N PRO A 289 9.89 28.29 0.34
CA PRO A 289 10.38 27.19 -0.51
C PRO A 289 11.78 26.74 -0.09
N GLN A 290 12.17 25.57 -0.61
CA GLN A 290 13.55 25.13 -0.46
C GLN A 290 14.48 26.01 -1.30
N PRO A 291 15.74 26.18 -0.88
CA PRO A 291 16.72 26.90 -1.70
C PRO A 291 16.91 26.22 -3.05
N ALA A 292 17.16 27.03 -4.08
CA ALA A 292 17.43 26.46 -5.39
C ALA A 292 18.74 25.68 -5.38
N SER A 293 19.70 26.12 -4.58
CA SER A 293 20.99 25.45 -4.48
C SER A 293 21.44 25.52 -3.03
N GLY A 294 22.43 24.68 -2.69
CA GLY A 294 22.86 24.56 -1.32
C GLY A 294 21.94 23.66 -0.53
N ASP A 295 22.27 23.49 0.75
CA ASP A 295 21.49 22.65 1.64
C ASP A 295 20.10 23.24 1.88
N GLY A 296 19.07 22.40 1.79
CA GLY A 296 17.74 22.78 2.21
C GLY A 296 17.55 22.58 3.70
N PHE A 297 16.27 22.49 4.08
CA PHE A 297 15.88 22.32 5.46
C PHE A 297 14.57 21.55 5.49
N GLY A 298 14.24 21.01 6.65
CA GLY A 298 13.03 20.25 6.82
C GLY A 298 11.90 21.08 7.43
N TRP A 299 10.71 20.52 7.37
CA TRP A 299 9.58 20.99 8.14
C TRP A 299 9.47 20.05 9.33
N GLY A 300 9.80 20.59 10.51
CA GLY A 300 9.95 19.74 11.68
C GLY A 300 8.64 19.35 12.32
N ALA A 301 7.61 20.18 12.21
CA ALA A 301 6.34 19.88 12.84
C ALA A 301 5.27 20.80 12.30
N VAL A 302 4.03 20.35 12.47
CA VAL A 302 2.84 21.12 12.14
C VAL A 302 1.78 20.83 13.20
N ALA A 303 1.01 21.85 13.54
CA ALA A 303 -0.07 21.73 14.50
C ALA A 303 -1.25 22.56 14.02
N VAL A 304 -2.44 22.21 14.50
CA VAL A 304 -3.68 22.90 14.17
C VAL A 304 -4.34 23.36 15.46
N ASP A 305 -4.83 24.59 15.47
CA ASP A 305 -5.58 25.09 16.61
C ASP A 305 -6.77 24.19 16.91
N PRO A 306 -6.85 23.60 18.11
CA PRO A 306 -8.00 22.72 18.42
C PRO A 306 -9.36 23.38 18.26
N GLN A 307 -9.45 24.71 18.37
CA GLN A 307 -10.72 25.42 18.24
C GLN A 307 -10.95 26.02 16.86
N GLN A 308 -9.92 26.03 16.00
CA GLN A 308 -9.96 26.80 14.76
C GLN A 308 -9.24 25.99 13.69
N PRO A 309 -9.97 25.14 12.98
CA PRO A 309 -9.31 24.13 12.12
C PRO A 309 -8.48 24.70 10.98
N GLN A 310 -8.62 25.99 10.65
CA GLN A 310 -7.82 26.59 9.58
C GLN A 310 -6.59 27.33 10.11
N VAL A 311 -6.32 27.27 11.42
CA VAL A 311 -5.19 27.96 12.04
C VAL A 311 -4.07 26.95 12.25
N LEU A 312 -2.91 27.21 11.63
CA LEU A 312 -1.80 26.28 11.62
C LEU A 312 -0.53 26.94 12.14
N LEU A 313 0.32 26.12 12.76
CA LEU A 313 1.71 26.47 13.03
C LEU A 313 2.61 25.45 12.37
N ALA A 314 3.73 25.90 11.83
CA ALA A 314 4.66 25.00 11.17
C ALA A 314 6.08 25.54 11.33
N SER A 315 7.00 24.66 11.70
CA SER A 315 8.38 25.01 12.02
C SER A 315 9.32 24.44 10.98
N THR A 316 10.36 25.21 10.64
CA THR A 316 11.48 24.69 9.89
C THR A 316 12.38 23.88 10.81
N PHE A 317 13.24 23.07 10.21
CA PHE A 317 14.12 22.21 10.99
C PHE A 317 15.49 22.21 10.31
N ARG A 318 16.51 22.63 11.07
CA ARG A 318 17.88 22.77 10.56
C ARG A 318 17.92 23.73 9.37
N ARG A 319 17.15 24.81 9.47
CA ARG A 319 17.30 25.90 8.53
C ARG A 319 18.42 26.78 9.03
N ARG A 320 19.45 26.95 8.19
CA ARG A 320 20.61 27.76 8.51
C ARG A 320 20.74 28.93 7.55
N THR A 321 19.63 29.37 6.95
CA THR A 321 19.64 30.45 5.96
C THR A 321 18.61 31.52 6.32
N PRO A 322 18.81 32.24 7.43
CA PRO A 322 19.94 32.20 8.37
C PRO A 322 19.73 31.25 9.58
N ARG A 323 18.48 31.03 9.96
CA ARG A 323 18.10 30.32 11.18
C ARG A 323 16.66 29.85 11.03
N ASP A 324 16.18 29.08 12.01
CA ASP A 324 14.85 28.50 11.92
C ASP A 324 13.77 29.54 12.16
N GLU A 325 12.59 29.26 11.60
CA GLU A 325 11.43 30.12 11.73
C GLU A 325 10.19 29.28 12.01
N LEU A 326 9.24 29.89 12.72
CA LEU A 326 7.96 29.29 13.03
C LEU A 326 6.91 30.15 12.36
N TYR A 327 6.00 29.52 11.61
CA TYR A 327 5.06 30.23 10.76
C TYR A 327 3.63 29.93 11.20
N ARG A 328 2.78 30.94 11.04
CA ARG A 328 1.36 30.84 11.35
C ARG A 328 0.54 31.15 10.11
N SER A 329 -0.51 30.36 9.91
CA SER A 329 -1.51 30.60 8.89
C SER A 329 -2.88 30.59 9.55
N VAL A 330 -3.79 31.41 9.05
CA VAL A 330 -5.15 31.43 9.55
C VAL A 330 -6.16 31.06 8.47
N ASP A 331 -5.69 30.66 7.29
CA ASP A 331 -6.56 30.31 6.17
C ASP A 331 -6.15 28.98 5.56
N GLY A 332 -5.82 28.01 6.41
CA GLY A 332 -5.60 26.66 5.94
C GLY A 332 -4.38 26.43 5.09
N GLY A 333 -3.35 27.30 5.20
CA GLY A 333 -2.13 27.14 4.46
C GLY A 333 -1.95 28.06 3.26
N LYS A 334 -2.93 28.94 3.00
CA LYS A 334 -2.82 29.78 1.80
C LYS A 334 -1.81 30.90 1.99
N HIS A 335 -1.77 31.52 3.17
CA HIS A 335 -0.78 32.53 3.50
C HIS A 335 -0.20 32.28 4.88
N TRP A 336 1.05 32.71 5.08
CA TRP A 336 1.74 32.52 6.34
C TRP A 336 2.42 33.81 6.77
N ALA A 337 2.68 33.90 8.07
CA ALA A 337 3.49 34.97 8.61
C ALA A 337 4.59 34.36 9.48
N PRO A 338 5.81 34.89 9.42
CA PRO A 338 6.84 34.46 10.38
C PRO A 338 6.54 35.00 11.77
N LEU A 339 6.91 34.20 12.79
CA LEU A 339 6.59 34.54 14.17
C LEU A 339 7.78 34.97 15.01
N LEU A 340 8.93 34.30 14.89
CA LEU A 340 10.00 34.52 15.88
C LEU A 340 10.82 35.77 15.59
N ALA A 341 11.00 36.10 14.31
CA ALA A 341 11.92 37.17 13.94
C ALA A 341 11.58 38.47 14.65
N ASP A 342 10.30 38.83 14.65
CA ASP A 342 9.81 40.07 15.23
C ASP A 342 9.35 39.93 16.68
N ALA A 343 9.56 38.77 17.31
CA ALA A 343 8.99 38.48 18.62
C ALA A 343 9.94 38.84 19.75
N VAL A 344 9.40 38.91 20.96
CA VAL A 344 10.16 39.18 22.17
C VAL A 344 10.23 37.89 22.99
N PHE A 345 11.44 37.54 23.44
CA PHE A 345 11.66 36.36 24.27
C PHE A 345 12.11 36.82 25.66
N ASP A 346 11.51 36.25 26.71
CA ASP A 346 11.90 36.56 28.07
C ASP A 346 12.86 35.49 28.58
N HIS A 347 14.12 35.88 28.79
CA HIS A 347 15.15 34.97 29.27
C HIS A 347 15.39 35.08 30.77
N SER A 348 14.54 35.78 31.52
CA SER A 348 14.85 36.00 32.93
C SER A 348 14.82 34.69 33.72
N ALA A 349 14.05 33.70 33.25
CA ALA A 349 13.95 32.41 33.94
C ALA A 349 15.24 31.61 33.81
N ALA A 350 15.85 31.60 32.63
CA ALA A 350 17.11 30.89 32.40
C ALA A 350 17.99 31.83 31.61
N PRO A 351 18.76 32.67 32.30
CA PRO A 351 19.50 33.75 31.60
C PRO A 351 20.37 33.26 30.46
N TRP A 352 20.93 32.05 30.56
CA TRP A 352 21.80 31.52 29.51
C TRP A 352 21.06 31.33 28.17
N THR A 353 19.73 31.21 28.18
CA THR A 353 18.98 31.07 26.92
C THR A 353 19.05 32.31 26.04
N ALA A 354 19.46 33.45 26.61
CA ALA A 354 19.68 34.63 25.78
C ALA A 354 20.76 34.39 24.75
N HIS A 355 21.66 33.44 24.97
CA HIS A 355 22.73 33.14 24.02
C HIS A 355 22.47 31.87 23.22
N ALA A 356 21.31 31.26 23.39
CA ALA A 356 20.85 30.15 22.57
C ALA A 356 19.96 30.66 21.44
N THR A 357 19.75 29.78 20.45
CA THR A 357 18.94 30.08 19.28
C THR A 357 17.90 28.99 19.12
N PRO A 358 16.63 29.32 18.96
CA PRO A 358 15.61 28.28 18.75
C PRO A 358 15.94 27.44 17.54
N HIS A 359 15.95 26.12 17.76
CA HIS A 359 16.36 25.14 16.77
C HIS A 359 15.78 23.81 17.22
N TRP A 360 15.84 22.83 16.33
CA TRP A 360 15.24 21.53 16.60
C TRP A 360 13.79 21.66 17.06
N MET A 361 13.02 22.47 16.34
CA MET A 361 11.59 22.59 16.62
C MET A 361 10.86 21.40 15.98
N GLY A 362 10.99 20.24 16.62
CA GLY A 362 10.36 19.02 16.14
C GLY A 362 8.99 18.71 16.70
N ALA A 363 8.40 19.62 17.47
CA ALA A 363 7.09 19.35 18.05
C ALA A 363 6.45 20.67 18.44
N LEU A 364 5.13 20.77 18.23
CA LEU A 364 4.35 21.97 18.50
C LEU A 364 3.00 21.56 19.07
N ALA A 365 2.38 22.46 19.84
CA ALA A 365 1.04 22.18 20.33
C ALA A 365 0.36 23.48 20.73
N ILE A 366 -0.94 23.58 20.46
CA ILE A 366 -1.73 24.77 20.76
C ILE A 366 -2.73 24.41 21.86
N ASP A 367 -2.79 25.24 22.89
CA ASP A 367 -3.72 25.06 24.00
C ASP A 367 -5.15 24.94 23.48
N PRO A 368 -5.83 23.82 23.70
CA PRO A 368 -7.23 23.67 23.24
C PRO A 368 -8.20 24.61 23.94
N PHE A 369 -7.77 25.32 24.98
CA PHE A 369 -8.61 26.27 25.67
C PHE A 369 -8.22 27.72 25.45
N ASP A 370 -7.07 27.98 24.82
CA ASP A 370 -6.65 29.36 24.60
C ASP A 370 -5.72 29.40 23.38
N GLY A 371 -6.24 29.86 22.24
CA GLY A 371 -5.44 29.97 21.04
C GLY A 371 -4.25 30.91 21.18
N ASN A 372 -4.27 31.78 22.19
CA ASN A 372 -3.09 32.60 22.48
C ASN A 372 -1.89 31.78 22.93
N HIS A 373 -2.13 30.58 23.45
CA HIS A 373 -1.14 29.81 24.18
C HIS A 373 -0.68 28.65 23.29
N ALA A 374 0.57 28.73 22.83
CA ALA A 374 1.18 27.65 22.04
C ALA A 374 2.57 27.35 22.60
N LEU A 375 2.95 26.07 22.52
CA LEU A 375 4.27 25.60 22.92
C LEU A 375 5.05 25.14 21.69
N PHE A 376 6.35 25.47 21.63
CA PHE A 376 7.24 24.77 20.72
C PHE A 376 8.47 24.30 21.46
N VAL A 377 8.96 23.13 21.08
CA VAL A 377 10.13 22.54 21.71
C VAL A 377 11.39 23.01 20.98
N THR A 378 12.50 22.93 21.68
CA THR A 378 13.82 23.14 21.10
C THR A 378 14.73 22.04 21.63
N GLY A 379 15.95 22.02 21.14
CA GLY A 379 17.00 21.19 21.72
C GLY A 379 17.47 21.63 23.08
N TYR A 380 16.86 22.69 23.65
CA TYR A 380 17.20 23.12 25.00
C TYR A 380 15.98 23.47 25.85
N GLY A 381 14.76 23.12 25.45
CA GLY A 381 13.63 23.34 26.32
C GLY A 381 12.42 23.82 25.55
N ILE A 382 11.41 24.30 26.30
CA ILE A 382 10.11 24.67 25.73
C ILE A 382 9.97 26.19 25.73
N TRP A 383 9.41 26.75 24.65
CA TRP A 383 8.94 28.14 24.63
C TRP A 383 7.41 28.17 24.53
N ALA A 384 6.82 29.18 25.17
CA ALA A 384 5.36 29.31 25.28
C ALA A 384 4.94 30.73 24.95
N SER A 385 4.00 30.87 24.01
CA SER A 385 3.48 32.18 23.64
C SER A 385 2.38 32.59 24.60
N ARG A 386 2.21 33.91 24.73
CA ARG A 386 1.17 34.48 25.56
C ARG A 386 0.02 35.10 24.77
N ASN A 387 0.30 35.58 23.56
CA ASN A 387 -0.61 36.45 22.81
C ASN A 387 -0.52 36.14 21.33
N LEU A 388 -0.56 34.85 21.00
CA LEU A 388 -0.38 34.41 19.62
C LEU A 388 -1.46 34.98 18.69
N GLN A 389 -2.68 35.13 19.20
CA GLN A 389 -3.77 35.69 18.41
C GLN A 389 -3.75 37.20 18.40
N ASP A 390 -3.35 37.82 19.50
CA ASP A 390 -3.64 39.22 19.77
C ASP A 390 -2.50 40.18 19.45
N PHE A 391 -1.32 39.67 19.11
CA PHE A 391 -0.17 40.57 18.97
C PHE A 391 -0.28 41.40 17.67
N ALA A 392 0.43 42.52 17.68
CA ALA A 392 0.59 43.35 16.49
C ALA A 392 1.90 44.11 16.62
N ALA A 393 2.92 43.70 15.87
CA ALA A 393 4.26 44.26 15.96
C ALA A 393 4.37 45.56 15.17
N PRO A 394 5.20 46.51 15.62
CA PRO A 394 6.11 46.36 16.75
C PRO A 394 5.57 46.81 18.11
N GLN A 395 4.47 47.57 18.15
CA GLN A 395 4.04 48.14 19.43
C GLN A 395 3.55 47.09 20.41
N ARG A 396 2.98 45.98 19.93
CA ARG A 396 2.49 44.90 20.78
C ARG A 396 3.05 43.58 20.27
N PRO A 397 4.34 43.34 20.48
CA PRO A 397 4.99 42.17 19.85
C PRO A 397 4.59 40.86 20.49
N LEU A 398 4.57 39.81 19.67
CA LEU A 398 4.39 38.45 20.17
C LEU A 398 5.39 38.17 21.28
N GLN A 399 4.90 37.64 22.40
CA GLN A 399 5.71 37.42 23.59
C GLN A 399 5.88 35.94 23.85
N TRP A 400 7.14 35.50 23.93
CA TRP A 400 7.49 34.12 24.28
C TRP A 400 8.17 34.08 25.64
N TRP A 401 7.78 33.11 26.47
CA TRP A 401 8.50 32.87 27.72
C TRP A 401 8.94 31.41 27.83
N PHE A 402 9.94 31.20 28.66
CA PHE A 402 10.58 29.89 28.80
C PHE A 402 9.83 29.12 29.88
N GLN A 403 8.70 28.52 29.47
CA GLN A 403 7.82 27.75 30.36
C GLN A 403 8.52 26.42 30.67
N ASP A 404 9.49 26.48 31.60
CA ASP A 404 10.32 25.32 31.93
C ASP A 404 10.58 25.14 33.42
N ARG A 405 9.85 25.84 34.29
CA ARG A 405 9.96 25.64 35.73
C ARG A 405 9.69 24.18 36.10
N GLY A 406 10.60 23.60 36.89
CA GLY A 406 10.52 22.19 37.23
C GLY A 406 11.11 21.25 36.21
N LEU A 407 11.32 21.69 34.97
CA LEU A 407 11.87 20.83 33.93
C LEU A 407 13.38 20.98 33.86
N GLU A 408 14.10 19.90 34.17
CA GLU A 408 15.56 19.87 34.14
C GLU A 408 16.03 18.65 33.38
N GLU A 409 16.80 18.87 32.31
CA GLU A 409 17.05 17.80 31.36
C GLU A 409 18.52 17.72 30.93
N THR A 410 19.45 18.25 31.72
CA THR A 410 20.83 18.19 31.30
C THR A 410 21.43 16.83 31.62
N VAL A 411 22.52 16.52 30.94
CA VAL A 411 23.33 15.35 31.21
C VAL A 411 24.69 15.85 31.67
N PRO A 412 24.92 15.98 32.96
CA PRO A 412 26.23 16.42 33.43
C PRO A 412 27.27 15.32 33.17
N LEU A 413 28.51 15.76 32.99
CA LEU A 413 29.61 14.84 32.78
C LEU A 413 30.63 14.89 33.90
N ASP A 414 30.69 15.99 34.66
CA ASP A 414 31.54 16.07 35.84
C ASP A 414 30.96 17.15 36.74
N LEU A 415 31.30 17.07 38.03
CA LEU A 415 30.86 18.02 39.03
C LEU A 415 32.01 18.32 39.98
N LEU A 416 32.08 19.57 40.44
CA LEU A 416 33.12 19.98 41.36
C LEU A 416 32.54 20.84 42.46
N SER A 417 32.86 20.50 43.70
CA SER A 417 32.51 21.32 44.86
C SER A 417 33.81 21.76 45.53
N PRO A 418 34.28 22.97 45.27
CA PRO A 418 35.62 23.37 45.71
C PRO A 418 35.69 23.76 47.18
N MET A 419 36.92 23.79 47.70
CA MET A 419 37.14 24.15 49.11
C MET A 419 36.69 25.57 49.41
N ALA A 420 36.56 26.41 48.39
CA ALA A 420 36.09 27.79 48.53
C ALA A 420 35.58 28.20 47.17
N GLY A 421 34.80 29.29 47.15
CA GLY A 421 34.18 29.73 45.92
C GLY A 421 32.71 29.34 45.90
N ALA A 422 32.15 29.15 44.72
CA ALA A 422 30.83 28.56 44.60
C ALA A 422 30.82 27.17 45.21
N HIS A 423 29.64 26.72 45.61
CA HIS A 423 29.56 25.38 46.15
C HIS A 423 29.53 24.32 45.06
N LEU A 424 29.16 24.69 43.84
CA LEU A 424 29.08 23.73 42.74
C LEU A 424 29.53 24.40 41.45
N LEU A 425 30.41 23.72 40.73
CA LEU A 425 30.73 24.04 39.36
C LEU A 425 30.46 22.79 38.53
N SER A 426 29.82 22.97 37.38
CA SER A 426 29.33 21.81 36.62
C SER A 426 30.04 21.73 35.28
N ALA A 427 30.20 20.50 34.80
CA ALA A 427 30.62 20.22 33.43
C ALA A 427 29.49 19.42 32.77
N LEU A 428 28.85 20.03 31.76
CA LEU A 428 27.60 19.54 31.22
C LEU A 428 27.72 19.23 29.73
N GLY A 429 26.99 18.19 29.31
CA GLY A 429 26.79 17.99 27.89
C GLY A 429 26.10 19.19 27.27
N ASP A 430 26.53 19.54 26.05
CA ASP A 430 25.82 20.46 25.15
C ASP A 430 25.95 21.93 25.53
N ILE A 431 25.89 22.27 26.82
CA ILE A 431 25.84 23.67 27.22
C ILE A 431 26.98 24.03 28.17
N ASP A 432 28.06 23.24 28.16
CA ASP A 432 29.34 23.61 28.78
C ASP A 432 29.29 23.50 30.30
N GLY A 433 28.63 24.43 30.97
CA GLY A 433 28.51 24.33 32.41
C GLY A 433 28.32 25.69 33.05
N PHE A 434 28.21 25.65 34.39
CA PHE A 434 27.97 26.87 35.17
C PHE A 434 28.77 26.89 36.45
N ARG A 435 29.15 28.09 36.87
CA ARG A 435 29.53 28.36 38.24
C ARG A 435 28.23 28.70 38.98
N HIS A 436 27.76 27.76 39.82
CA HIS A 436 26.42 27.89 40.40
C HIS A 436 26.51 28.77 41.64
N ASP A 437 26.41 30.10 41.43
CA ASP A 437 26.46 31.03 42.56
C ASP A 437 25.31 30.77 43.52
N GLU A 438 24.11 30.52 42.99
CA GLU A 438 22.97 30.06 43.75
C GLU A 438 22.47 28.79 43.10
N LEU A 439 22.25 27.75 43.91
CA LEU A 439 21.76 26.48 43.38
C LEU A 439 20.28 26.53 42.99
N ASP A 440 19.51 27.49 43.53
CA ASP A 440 18.09 27.58 43.25
C ASP A 440 17.75 28.67 42.23
N ARG A 441 18.75 29.24 41.56
CA ARG A 441 18.51 30.28 40.55
C ARG A 441 19.37 29.97 39.34
N ALA A 442 18.79 30.06 38.15
CA ALA A 442 19.54 29.77 36.94
C ALA A 442 20.54 30.89 36.62
N GLN A 443 21.65 30.50 36.03
CA GLN A 443 22.86 31.32 35.88
C GLN A 443 23.13 31.55 34.40
N LEU A 444 24.17 32.34 34.13
CA LEU A 444 24.82 32.35 32.83
C LEU A 444 25.88 31.27 32.81
N GLN A 445 26.19 30.78 31.61
CA GLN A 445 27.27 29.81 31.43
C GLN A 445 28.61 30.48 31.71
N TYR A 446 29.65 29.65 31.90
CA TYR A 446 30.99 30.14 32.20
C TYR A 446 31.37 31.29 31.27
N ALA A 447 31.83 32.39 31.85
CA ALA A 447 32.38 33.47 31.04
C ALA A 447 33.65 33.03 30.34
N GLY A 448 33.89 33.62 29.18
CA GLY A 448 35.09 33.34 28.42
C GLY A 448 34.77 32.38 27.31
N PRO A 449 35.77 31.62 26.87
CA PRO A 449 35.55 30.73 25.72
C PRO A 449 34.47 29.69 26.02
N ARG A 450 33.72 29.32 24.98
CA ARG A 450 32.55 28.47 25.10
C ARG A 450 32.86 27.09 24.52
N LEU A 451 32.73 26.06 25.36
CA LEU A 451 32.82 24.67 24.94
C LEU A 451 31.43 24.12 24.60
N THR A 452 31.40 23.06 23.79
CA THR A 452 30.14 22.34 23.58
C THR A 452 29.81 21.49 24.81
N ASN A 453 30.52 20.38 25.00
CA ASN A 453 30.45 19.59 26.23
C ASN A 453 31.46 20.15 27.23
N GLY A 454 31.03 20.29 28.47
CA GLY A 454 32.00 20.32 29.55
C GLY A 454 32.20 18.89 30.00
N GLU A 455 33.44 18.39 29.96
CA GLU A 455 33.68 16.97 30.17
C GLU A 455 34.31 16.66 31.52
N SER A 456 35.24 17.50 31.96
CA SER A 456 35.99 17.27 33.19
C SER A 456 36.28 18.63 33.81
N ILE A 457 36.25 18.70 35.14
CA ILE A 457 36.49 19.96 35.83
C ILE A 457 37.12 19.65 37.19
N ASP A 458 38.05 20.50 37.63
CA ASP A 458 38.78 20.28 38.87
C ASP A 458 39.32 21.61 39.41
N ALA A 459 39.59 21.62 40.72
CA ALA A 459 40.14 22.80 41.40
C ALA A 459 41.26 22.42 42.36
N ALA A 460 42.22 23.32 42.51
CA ALA A 460 43.35 23.11 43.42
C ALA A 460 42.86 22.93 44.84
N GLY A 461 43.32 21.85 45.48
CA GLY A 461 42.93 21.58 46.85
C GLY A 461 43.26 22.70 47.82
N GLN A 462 44.48 23.25 47.73
CA GLN A 462 44.88 24.32 48.65
C GLN A 462 44.83 25.72 48.04
N ALA A 463 44.37 25.86 46.79
CA ALA A 463 44.19 27.16 46.16
C ALA A 463 42.97 27.09 45.24
N PRO A 464 41.78 27.04 45.83
CA PRO A 464 40.58 26.66 45.07
C PRO A 464 40.14 27.70 44.06
N GLN A 465 40.75 28.89 44.03
CA GLN A 465 40.43 29.87 42.99
C GLN A 465 40.94 29.42 41.62
N TRP A 466 41.89 28.49 41.59
CA TRP A 466 42.43 27.97 40.34
C TRP A 466 41.59 26.77 39.92
N VAL A 467 40.82 26.93 38.86
CA VAL A 467 39.96 25.91 38.30
C VAL A 467 40.44 25.58 36.89
N VAL A 468 40.26 24.33 36.49
CA VAL A 468 40.50 23.92 35.11
C VAL A 468 39.33 23.07 34.66
N ARG A 469 38.98 23.19 33.38
CA ARG A 469 38.01 22.28 32.80
C ARG A 469 38.42 21.93 31.37
N SER A 470 37.90 20.80 30.89
CA SER A 470 38.09 20.40 29.50
C SER A 470 36.76 19.95 28.93
N GLY A 471 36.70 19.90 27.61
CA GLY A 471 35.53 19.40 26.94
C GLY A 471 35.70 19.36 25.43
N THR A 472 34.57 19.42 24.74
CA THR A 472 34.50 19.28 23.31
C THR A 472 34.14 20.61 22.66
N VAL A 473 34.40 20.70 21.36
CA VAL A 473 33.84 21.74 20.51
C VAL A 473 33.21 21.01 19.33
N ARG A 474 31.88 21.07 19.23
CA ARG A 474 31.18 20.40 18.15
C ARG A 474 31.60 21.02 16.82
N ASP A 475 31.83 20.18 15.81
N ASP A 475 31.83 20.18 15.82
CA ASP A 475 32.21 20.65 14.47
CA ASP A 475 32.22 20.60 14.47
C ASP A 475 33.46 21.53 14.54
C ASP A 475 33.46 21.49 14.51
N ARG A 476 34.44 21.06 15.30
CA ARG A 476 35.69 21.82 15.48
C ARG A 476 36.46 21.95 14.17
N ARG A 477 36.68 23.19 13.72
CA ARG A 477 37.42 23.43 12.49
C ARG A 477 38.45 24.56 12.58
N ASN A 478 38.61 25.22 13.73
CA ASN A 478 39.56 26.31 13.86
C ASN A 478 40.51 26.11 15.03
N ASN A 479 40.84 24.85 15.32
CA ASN A 479 41.87 24.49 16.31
C ASN A 479 41.57 25.05 17.69
N GLU A 480 40.29 25.20 18.03
CA GLU A 480 39.90 25.67 19.35
C GLU A 480 40.56 24.81 20.43
N ILE A 481 41.16 25.48 21.41
CA ILE A 481 41.81 24.79 22.52
C ILE A 481 40.75 24.31 23.50
N ARG A 482 40.78 23.02 23.83
CA ARG A 482 39.69 22.40 24.55
C ARG A 482 39.96 22.22 26.05
N ALA A 483 41.00 22.85 26.58
CA ALA A 483 41.18 22.98 28.03
C ALA A 483 41.23 24.46 28.38
N LEU A 484 40.60 24.82 29.49
CA LEU A 484 40.47 26.20 29.94
C LEU A 484 40.79 26.25 31.42
N TYR A 485 41.32 27.40 31.87
CA TYR A 485 41.69 27.60 33.27
C TYR A 485 41.18 28.94 33.77
N SER A 486 40.80 28.97 35.04
CA SER A 486 40.37 30.17 35.73
C SER A 486 41.23 30.39 36.96
N ARG A 487 41.45 31.66 37.31
CA ARG A 487 42.15 31.99 38.54
C ARG A 487 41.24 32.68 39.55
N ASP A 488 39.95 32.78 39.26
CA ASP A 488 39.02 33.44 40.17
C ASP A 488 37.80 32.58 40.45
N GLY A 489 38.00 31.27 40.59
CA GLY A 489 36.90 30.40 40.96
C GLY A 489 35.88 30.19 39.86
N GLY A 490 36.31 30.28 38.60
CA GLY A 490 35.42 30.09 37.46
C GLY A 490 34.61 31.30 37.06
N LYS A 491 34.91 32.48 37.59
CA LYS A 491 34.18 33.67 37.13
C LYS A 491 34.64 34.09 35.75
N GLN A 492 35.93 33.95 35.45
CA GLN A 492 36.50 34.27 34.16
C GLN A 492 37.51 33.18 33.79
N TRP A 493 37.67 32.95 32.50
CA TRP A 493 38.47 31.83 32.04
C TRP A 493 39.40 32.27 30.89
N THR A 494 40.47 31.52 30.74
CA THR A 494 41.41 31.66 29.63
C THR A 494 41.71 30.28 29.08
N ALA A 495 41.77 30.15 27.75
CA ALA A 495 42.18 28.87 27.15
C ALA A 495 43.63 28.56 27.47
N PHE A 496 43.93 27.27 27.63
CA PHE A 496 45.33 26.83 27.70
C PHE A 496 46.05 27.32 26.45
N ALA A 497 47.36 27.53 26.55
CA ALA A 497 48.08 28.06 25.41
C ALA A 497 48.16 27.05 24.26
N SER A 498 47.99 25.76 24.54
CA SER A 498 47.93 24.75 23.49
C SER A 498 47.40 23.44 24.06
N GLU A 499 46.99 22.57 23.16
CA GLU A 499 46.72 21.18 23.52
C GLU A 499 47.99 20.35 23.42
N PRO A 500 48.05 19.22 24.13
CA PRO A 500 49.19 18.29 23.99
C PRO A 500 49.25 17.69 22.59
N PRO A 501 50.38 17.08 22.21
CA PRO A 501 50.52 16.62 20.81
C PRO A 501 49.69 15.41 20.46
N ALA A 502 49.01 14.76 21.41
CA ALA A 502 48.23 13.57 21.09
C ALA A 502 46.86 13.67 21.76
N GLY A 503 45.85 13.12 21.11
CA GLY A 503 44.51 13.05 21.65
C GLY A 503 43.56 14.01 20.95
N GLN A 504 42.30 13.96 21.39
CA GLN A 504 41.24 14.77 20.79
C GLN A 504 40.34 15.38 21.88
N GLY A 505 40.93 16.25 22.69
CA GLY A 505 40.19 17.04 23.65
C GLY A 505 39.48 16.21 24.70
N ALA A 506 38.47 16.81 25.32
CA ALA A 506 37.65 16.17 26.34
C ALA A 506 38.51 15.45 27.38
N GLY A 507 38.30 14.15 27.56
CA GLY A 507 39.11 13.38 28.48
C GLY A 507 38.90 13.79 29.93
N SER A 508 39.97 13.69 30.72
CA SER A 508 39.94 14.07 32.13
C SER A 508 41.11 15.01 32.43
N ILE A 509 40.87 15.97 33.33
CA ILE A 509 41.87 16.96 33.69
C ILE A 509 41.96 17.08 35.21
N ALA A 510 43.13 17.45 35.71
CA ALA A 510 43.30 17.54 37.15
C ALA A 510 44.34 18.61 37.44
N ILE A 511 44.25 19.21 38.63
CA ILE A 511 45.18 20.27 39.01
C ILE A 511 45.70 20.01 40.42
N GLY A 512 47.01 20.18 40.60
CA GLY A 512 47.65 19.85 41.85
C GLY A 512 47.28 20.81 42.96
N ALA A 513 47.66 20.41 44.19
CA ALA A 513 47.08 21.05 45.38
C ALA A 513 47.43 22.52 45.46
N ASP A 514 48.59 22.92 44.92
CA ASP A 514 49.05 24.30 44.95
C ASP A 514 48.84 25.00 43.62
N ALA A 515 48.16 24.36 42.66
CA ALA A 515 47.82 24.88 41.32
C ALA A 515 49.03 25.03 40.41
N ALA A 516 50.17 24.46 40.76
CA ALA A 516 51.35 24.63 39.94
C ALA A 516 51.41 23.63 38.80
N GLN A 517 50.79 22.46 38.94
CA GLN A 517 50.78 21.43 37.91
C GLN A 517 49.36 21.04 37.52
N VAL A 518 49.16 20.86 36.22
CA VAL A 518 47.95 20.30 35.66
C VAL A 518 48.33 19.04 34.88
N VAL A 519 47.53 18.00 35.02
CA VAL A 519 47.66 16.80 34.20
C VAL A 519 46.38 16.64 33.40
N TRP A 520 46.50 16.65 32.08
CA TRP A 520 45.38 16.48 31.16
C TRP A 520 45.58 15.21 30.36
N ALA A 521 44.56 14.36 30.33
CA ALA A 521 44.55 13.19 29.47
C ALA A 521 43.46 13.40 28.43
N PRO A 522 43.77 14.02 27.29
CA PRO A 522 42.80 14.10 26.19
C PRO A 522 42.38 12.71 25.75
N GLU A 523 41.16 12.65 25.24
CA GLU A 523 40.62 11.43 24.65
C GLU A 523 41.64 10.77 23.74
N ARG A 524 42.02 9.53 24.09
CA ARG A 524 42.94 8.69 23.33
C ARG A 524 44.35 9.27 23.28
N GLY A 525 44.71 10.13 24.24
CA GLY A 525 46.01 10.78 24.18
C GLY A 525 47.00 10.41 25.26
N GLY A 526 46.57 9.70 26.29
CA GLY A 526 47.40 9.56 27.47
C GLY A 526 47.55 10.89 28.23
N ASN A 527 48.35 10.82 29.29
CA ASN A 527 48.47 11.88 30.28
C ASN A 527 49.65 12.79 29.99
N TRP A 528 49.40 14.09 29.99
CA TRP A 528 50.38 15.13 29.72
C TRP A 528 50.40 16.13 30.87
N ARG A 529 51.60 16.54 31.25
CA ARG A 529 51.80 17.42 32.40
C ARG A 529 52.17 18.82 31.91
N THR A 530 51.58 19.84 32.53
CA THR A 530 52.01 21.21 32.28
C THR A 530 52.07 21.98 33.59
N SER A 531 53.10 22.83 33.70
CA SER A 531 53.24 23.75 34.81
C SER A 531 53.00 25.19 34.39
N ASP A 532 52.60 25.42 33.13
CA ASP A 532 52.34 26.78 32.65
C ASP A 532 51.12 26.80 31.73
N PHE A 533 50.08 26.05 32.13
CA PHE A 533 48.79 26.08 31.43
C PHE A 533 48.93 25.96 29.91
N GLY A 534 49.74 25.00 29.48
CA GLY A 534 49.79 24.66 28.07
C GLY A 534 50.81 25.40 27.24
N ALA A 535 51.61 26.29 27.83
CA ALA A 535 52.75 26.80 27.08
C ALA A 535 53.67 25.66 26.69
N GLN A 536 53.92 24.73 27.61
CA GLN A 536 54.69 23.52 27.33
C GLN A 536 53.96 22.31 27.90
N TRP A 537 54.17 21.15 27.26
CA TRP A 537 53.66 19.87 27.73
C TRP A 537 54.77 18.81 27.76
N GLN A 538 54.68 17.91 28.74
CA GLN A 538 55.54 16.74 28.90
C GLN A 538 54.65 15.53 29.10
N ARG A 539 54.99 14.40 28.47
CA ARG A 539 54.20 13.21 28.75
C ARG A 539 54.54 12.70 30.16
N VAL A 540 53.50 12.34 30.91
CA VAL A 540 53.71 11.77 32.25
C VAL A 540 54.42 10.43 32.14
N ASP A 541 55.55 10.29 32.82
CA ASP A 541 56.33 9.06 32.77
C ASP A 541 55.73 7.96 33.63
N GLY A 542 55.57 6.78 33.05
CA GLY A 542 55.23 5.61 33.83
C GLY A 542 53.76 5.31 33.92
N LEU A 543 52.95 5.84 33.00
CA LEU A 543 51.55 5.49 32.96
C LEU A 543 51.17 4.97 31.58
N PRO A 544 50.31 3.96 31.50
CA PRO A 544 49.66 3.65 30.23
C PRO A 544 48.67 4.75 29.85
N ASP A 545 48.39 4.82 28.55
CA ASP A 545 47.52 5.87 28.04
C ASP A 545 46.11 5.80 28.61
N THR A 546 45.69 4.63 29.09
CA THR A 546 44.36 4.44 29.64
C THR A 546 44.27 4.82 31.13
N ALA A 547 45.33 5.35 31.72
CA ALA A 547 45.25 5.79 33.11
C ALA A 547 44.54 7.13 33.23
N VAL A 548 43.85 7.32 34.35
CA VAL A 548 43.23 8.59 34.73
C VAL A 548 43.89 9.07 36.01
N VAL A 549 44.26 10.34 36.04
CA VAL A 549 45.12 10.89 37.10
C VAL A 549 44.30 11.82 37.98
N MET A 550 44.45 11.67 39.30
CA MET A 550 43.85 12.59 40.25
C MET A 550 44.94 13.19 41.15
N ALA A 551 44.75 14.42 41.57
CA ALA A 551 45.71 15.11 42.43
C ALA A 551 45.36 14.93 43.91
N ASP A 552 46.39 14.87 44.75
CA ASP A 552 46.18 15.03 46.19
C ASP A 552 45.61 16.42 46.45
N ARG A 553 44.80 16.54 47.49
CA ARG A 553 44.22 17.84 47.86
C ARG A 553 45.11 18.68 48.76
N VAL A 554 46.13 18.09 49.40
CA VAL A 554 46.93 18.76 50.41
C VAL A 554 48.40 18.89 49.98
N ASP A 555 49.01 17.80 49.54
CA ASP A 555 50.42 17.76 49.19
C ASP A 555 50.54 17.83 47.67
N ALA A 556 51.10 18.94 47.16
CA ALA A 556 51.27 19.10 45.73
C ALA A 556 52.25 18.09 45.11
N ARG A 557 53.09 17.46 45.92
CA ARG A 557 53.97 16.42 45.39
C ARG A 557 53.22 15.14 45.03
N ARG A 558 52.03 14.92 45.58
CA ARG A 558 51.35 13.63 45.49
C ARG A 558 50.27 13.63 44.42
N TRP A 559 50.26 12.58 43.60
CA TRP A 559 49.19 12.32 42.65
C TRP A 559 48.93 10.82 42.59
N TYR A 560 47.78 10.46 42.05
CA TYR A 560 47.36 9.07 41.98
C TYR A 560 46.77 8.79 40.61
N ALA A 561 46.75 7.51 40.24
CA ALA A 561 46.23 7.12 38.95
C ALA A 561 45.65 5.71 39.02
N VAL A 562 44.56 5.49 38.30
CA VAL A 562 43.98 4.16 38.11
C VAL A 562 43.94 3.90 36.62
N ASP A 563 44.57 2.82 36.18
CA ASP A 563 44.41 2.39 34.79
C ASP A 563 43.02 1.81 34.59
N VAL A 564 42.20 2.44 33.74
CA VAL A 564 40.81 2.00 33.62
C VAL A 564 40.73 0.63 32.98
N ALA A 565 41.72 0.29 32.15
CA ALA A 565 41.71 -0.99 31.45
C ALA A 565 42.08 -2.15 32.34
N SER A 566 42.87 -1.93 33.40
CA SER A 566 43.38 -2.99 34.24
C SER A 566 43.00 -2.88 35.70
N GLY A 567 42.63 -1.69 36.18
CA GLY A 567 42.31 -1.48 37.58
C GLY A 567 43.52 -1.33 38.47
N GLN A 568 44.72 -1.30 37.91
CA GLN A 568 45.92 -1.16 38.73
C GLN A 568 46.03 0.27 39.23
N LEU A 569 46.54 0.41 40.46
CA LEU A 569 46.74 1.72 41.08
C LEU A 569 48.18 2.16 40.90
N TYR A 570 48.36 3.41 40.49
CA TYR A 570 49.65 4.04 40.35
C TYR A 570 49.75 5.22 41.30
N GLU A 571 50.99 5.60 41.65
CA GLU A 571 51.23 6.66 42.61
C GLU A 571 52.40 7.53 42.18
N SER A 572 52.29 8.83 42.45
CA SER A 572 53.37 9.78 42.17
C SER A 572 53.70 10.59 43.41
N THR A 573 54.99 10.76 43.68
CA THR A 573 55.48 11.64 44.74
C THR A 573 56.42 12.72 44.20
N ASP A 574 56.39 12.98 42.90
CA ASP A 574 57.28 13.98 42.31
C ASP A 574 56.50 15.01 41.50
N ALA A 575 55.30 15.37 41.98
CA ALA A 575 54.46 16.40 41.38
C ALA A 575 53.98 15.98 40.00
N ALA A 576 53.82 14.67 39.80
CA ALA A 576 53.23 14.04 38.61
C ALA A 576 54.16 14.01 37.41
N ARG A 577 55.46 14.22 37.63
CA ARG A 577 56.42 13.96 36.56
C ARG A 577 56.42 12.47 36.19
N SER A 578 56.27 11.60 37.18
CA SER A 578 56.38 10.16 36.96
C SER A 578 55.53 9.43 38.00
N PHE A 579 55.17 8.20 37.66
CA PHE A 579 54.31 7.35 38.49
C PHE A 579 54.93 5.97 38.59
N ARG A 580 54.79 5.36 39.75
CA ARG A 580 55.16 3.96 39.95
C ARG A 580 53.88 3.14 40.10
N ALA A 581 53.88 1.94 39.53
CA ALA A 581 52.82 0.99 39.82
C ALA A 581 52.93 0.55 41.28
N THR A 582 51.82 0.61 42.00
CA THR A 582 51.82 0.28 43.41
C THR A 582 51.74 -1.22 43.67
N GLY A 583 51.40 -2.01 42.65
CA GLY A 583 51.17 -3.42 42.82
C GLY A 583 49.77 -3.80 43.22
N VAL A 584 48.85 -2.84 43.28
CA VAL A 584 47.58 -2.98 43.97
C VAL A 584 46.44 -2.88 42.96
N GLN A 585 45.50 -3.80 43.06
CA GLN A 585 44.37 -3.88 42.14
C GLN A 585 43.17 -3.26 42.84
N VAL A 586 42.58 -2.22 42.23
CA VAL A 586 41.46 -1.51 42.84
C VAL A 586 40.16 -1.72 42.11
N GLY A 587 40.18 -2.39 40.96
CA GLY A 587 39.01 -2.66 40.15
C GLY A 587 38.86 -1.66 39.01
N SER A 588 38.32 -2.14 37.89
CA SER A 588 37.95 -1.29 36.77
C SER A 588 36.66 -0.53 37.08
N PRO A 589 36.50 0.65 36.50
CA PRO A 589 35.32 1.47 36.84
C PRO A 589 34.05 0.93 36.19
N ALA A 590 32.93 1.23 36.83
CA ALA A 590 31.63 0.98 36.22
C ALA A 590 31.47 1.77 34.92
N ARG A 591 30.96 1.11 33.88
CA ARG A 591 30.55 1.84 32.69
C ARG A 591 29.35 2.74 33.02
N ASP A 592 29.50 4.03 32.77
CA ASP A 592 28.50 5.06 33.07
C ASP A 592 28.47 6.01 31.86
N GLU A 593 27.94 7.23 32.04
CA GLU A 593 27.99 8.20 30.94
C GLU A 593 29.44 8.44 30.51
N ARG A 594 30.34 8.61 31.49
CA ARG A 594 31.78 8.68 31.27
C ARG A 594 32.44 7.72 32.27
N THR A 595 32.84 6.55 31.76
CA THR A 595 33.62 5.58 32.54
C THR A 595 34.82 6.24 33.19
N ARG A 596 34.73 6.49 34.50
CA ARG A 596 35.83 7.15 35.21
C ARG A 596 36.09 6.47 36.56
N PRO A 597 37.35 6.23 36.88
CA PRO A 597 37.66 5.61 38.17
C PRO A 597 37.24 6.53 39.31
N GLN A 598 36.73 5.90 40.36
CA GLN A 598 36.27 6.60 41.55
C GLN A 598 37.43 6.65 42.54
N LEU A 599 38.21 7.72 42.46
CA LEU A 599 39.35 7.93 43.32
C LEU A 599 39.22 9.30 43.93
N ARG A 600 39.09 9.36 45.26
CA ARG A 600 38.78 10.61 45.96
C ARG A 600 39.78 10.83 47.10
N PRO A 601 40.82 11.63 46.88
CA PRO A 601 41.73 11.94 47.99
C PRO A 601 41.04 12.76 49.06
N ASP A 602 41.51 12.58 50.29
CA ASP A 602 40.96 13.26 51.45
C ASP A 602 41.20 14.77 51.33
N PRO A 603 40.16 15.59 51.29
CA PRO A 603 40.38 17.04 51.19
C PRO A 603 41.20 17.60 52.34
N TRP A 604 41.32 16.89 53.46
CA TRP A 604 41.98 17.40 54.65
C TRP A 604 43.26 16.66 55.03
N ARG A 605 43.60 15.56 54.37
CA ARG A 605 44.77 14.78 54.77
C ARG A 605 45.57 14.40 53.54
N ALA A 606 46.83 14.81 53.50
CA ALA A 606 47.74 14.40 52.43
C ALA A 606 47.93 12.89 52.46
N GLY A 607 47.87 12.27 51.29
CA GLY A 607 48.20 10.86 51.15
C GLY A 607 47.13 9.87 51.61
N VAL A 608 45.93 10.33 51.90
CA VAL A 608 44.80 9.46 52.20
C VAL A 608 43.85 9.50 51.01
N VAL A 609 43.54 8.33 50.45
CA VAL A 609 42.70 8.25 49.25
C VAL A 609 41.57 7.26 49.48
N TYR A 610 40.34 7.66 49.17
CA TYR A 610 39.21 6.75 49.16
C TYR A 610 38.92 6.34 47.72
N LEU A 611 38.63 5.05 47.53
CA LEU A 611 38.40 4.48 46.21
C LEU A 611 37.15 3.61 46.23
N ALA A 612 36.59 3.40 45.04
CA ALA A 612 35.44 2.53 44.89
C ALA A 612 35.47 1.92 43.49
N SER A 613 34.94 0.71 43.39
CA SER A 613 34.76 0.07 42.08
C SER A 613 33.75 -1.06 42.25
N PRO A 614 33.04 -1.42 41.19
CA PRO A 614 32.12 -2.56 41.32
C PRO A 614 32.79 -3.84 41.76
N GLY A 615 34.04 -4.07 41.32
CA GLY A 615 34.68 -5.35 41.58
C GLY A 615 35.16 -5.51 43.00
N LYS A 616 35.64 -4.41 43.61
CA LYS A 616 36.32 -4.48 44.89
C LYS A 616 35.59 -3.77 46.04
N GLY A 617 34.54 -3.02 45.76
CA GLY A 617 33.86 -2.35 46.84
C GLY A 617 34.45 -1.00 47.14
N VAL A 618 34.61 -0.67 48.42
CA VAL A 618 35.07 0.65 48.84
C VAL A 618 36.34 0.47 49.64
N MET A 619 37.38 1.22 49.29
CA MET A 619 38.71 1.01 49.83
C MET A 619 39.32 2.32 50.29
N ARG A 620 40.30 2.21 51.18
CA ARG A 620 41.13 3.34 51.57
C ARG A 620 42.58 3.01 51.25
N TRP A 621 43.25 3.91 50.53
CA TRP A 621 44.68 3.80 50.25
C TRP A 621 45.44 4.79 51.14
N GLN A 622 46.33 4.25 51.97
CA GLN A 622 47.05 5.10 52.91
C GLN A 622 48.32 4.38 53.35
N ASP A 623 49.44 5.11 53.34
CA ASP A 623 50.69 4.61 53.90
C ASP A 623 51.14 3.33 53.19
N GLY A 624 50.91 3.25 51.89
CA GLY A 624 51.33 2.10 51.10
C GLY A 624 50.47 0.86 51.24
N THR A 625 49.30 0.97 51.85
CA THR A 625 48.41 -0.15 52.12
C THR A 625 47.03 0.13 51.54
N LEU A 626 46.41 -0.90 50.96
CA LEU A 626 45.01 -0.84 50.58
C LEU A 626 44.19 -1.54 51.66
N GLN A 627 43.22 -0.84 52.24
CA GLN A 627 42.28 -1.47 53.16
C GLN A 627 40.91 -1.50 52.50
N VAL A 628 40.31 -2.68 52.44
CA VAL A 628 38.94 -2.81 51.96
C VAL A 628 38.00 -2.39 53.08
N LEU A 629 37.23 -1.31 52.86
CA LEU A 629 36.38 -0.83 53.94
C LEU A 629 35.06 -1.58 53.97
N SER A 630 34.47 -1.79 52.82
CA SER A 630 33.23 -2.55 52.71
C SER A 630 33.16 -3.08 51.29
N GLN A 631 32.23 -4.00 51.09
CA GLN A 631 32.09 -4.69 49.81
C GLN A 631 30.63 -4.69 49.39
N PRO A 632 30.07 -3.54 49.02
CA PRO A 632 28.70 -3.52 48.51
C PRO A 632 28.58 -4.34 47.25
N ASP A 633 27.34 -4.74 46.92
CA ASP A 633 27.09 -5.49 45.69
C ASP A 633 27.69 -4.79 44.47
N GLU A 634 27.56 -3.45 44.41
CA GLU A 634 28.14 -2.69 43.30
C GLU A 634 28.39 -1.25 43.74
N ALA A 635 29.65 -0.91 43.97
CA ALA A 635 30.03 0.45 44.34
C ALA A 635 30.39 1.20 43.06
N ARG A 636 29.48 2.07 42.59
CA ARG A 636 29.60 2.69 41.27
C ARG A 636 30.20 4.09 41.30
N SER A 637 29.74 4.96 42.19
CA SER A 637 30.14 6.36 42.17
C SER A 637 30.31 6.86 43.59
N LEU A 638 31.50 7.40 43.89
CA LEU A 638 31.91 7.73 45.25
C LEU A 638 32.24 9.21 45.37
N GLY A 639 31.74 9.83 46.44
CA GLY A 639 32.09 11.20 46.75
C GLY A 639 32.50 11.34 48.20
N ILE A 640 33.19 12.45 48.49
CA ILE A 640 33.67 12.73 49.84
C ILE A 640 33.30 14.16 50.21
N GLY A 641 32.89 14.35 51.47
CA GLY A 641 32.52 15.66 52.00
C GLY A 641 32.80 15.81 53.49
N LYS A 642 32.34 16.93 54.04
CA LYS A 642 32.63 17.28 55.43
C LYS A 642 31.99 16.29 56.40
N ALA A 643 32.76 15.84 57.38
CA ALA A 643 32.23 14.95 58.41
C ALA A 643 31.06 15.59 59.13
N LEU A 644 30.05 14.78 59.44
CA LEU A 644 28.87 15.33 60.12
C LEU A 644 29.22 15.83 61.50
N ARG A 645 30.11 15.11 62.20
CA ARG A 645 30.59 15.47 63.52
C ARG A 645 32.06 15.86 63.44
N ALA A 646 32.46 16.86 64.22
CA ALA A 646 33.84 17.33 64.17
C ALA A 646 34.76 16.27 64.78
N GLY A 647 35.88 16.02 64.13
CA GLY A 647 36.78 14.98 64.56
C GLY A 647 36.54 13.62 63.94
N ALA A 648 35.41 13.43 63.28
CA ALA A 648 35.04 12.16 62.69
C ALA A 648 35.61 12.04 61.28
N PRO A 649 35.69 10.82 60.74
CA PRO A 649 36.19 10.64 59.36
C PRO A 649 35.36 11.45 58.39
N PRO A 650 35.91 11.84 57.25
CA PRO A 650 35.09 12.53 56.25
C PRO A 650 33.89 11.68 55.86
N ALA A 651 32.80 12.35 55.52
CA ALA A 651 31.63 11.63 55.09
C ALA A 651 31.87 11.08 53.69
N LEU A 652 31.34 9.90 53.42
CA LEU A 652 31.42 9.29 52.10
C LEU A 652 30.01 9.09 51.55
N TYR A 653 29.86 9.31 50.26
CA TYR A 653 28.58 9.14 49.59
C TYR A 653 28.77 8.18 48.43
N LEU A 654 27.81 7.27 48.28
CA LEU A 654 27.91 6.20 47.30
C LEU A 654 26.60 6.05 46.55
N ALA A 655 26.67 6.06 45.22
CA ALA A 655 25.60 5.58 44.38
C ALA A 655 25.94 4.16 43.95
N GLY A 656 25.08 3.21 44.26
CA GLY A 656 25.32 1.85 43.83
C GLY A 656 24.28 0.90 44.36
N ARG A 657 24.65 -0.36 44.57
CA ARG A 657 23.76 -1.39 45.09
C ARG A 657 24.35 -1.88 46.40
N VAL A 658 23.57 -1.77 47.48
CA VAL A 658 23.94 -2.28 48.80
C VAL A 658 22.89 -3.29 49.22
N GLN A 659 23.31 -4.52 49.50
CA GLN A 659 22.42 -5.61 49.91
C GLN A 659 21.24 -5.74 48.94
N GLY A 660 21.56 -5.82 47.65
CA GLY A 660 20.56 -6.02 46.62
C GLY A 660 19.74 -4.80 46.24
N VAL A 661 19.93 -3.67 46.92
CA VAL A 661 19.07 -2.49 46.75
C VAL A 661 19.88 -1.35 46.16
N ASP A 662 19.44 -0.80 45.03
CA ASP A 662 20.17 0.33 44.46
C ASP A 662 19.64 1.64 45.03
N GLY A 663 20.51 2.65 45.01
CA GLY A 663 20.14 3.96 45.50
C GLY A 663 21.40 4.80 45.69
N VAL A 664 21.28 5.79 46.58
CA VAL A 664 22.38 6.64 47.01
C VAL A 664 22.50 6.51 48.52
N PHE A 665 23.74 6.43 49.00
CA PHE A 665 24.02 6.09 50.39
C PHE A 665 25.04 7.04 50.97
N ARG A 666 25.06 7.13 52.30
CA ARG A 666 26.10 7.84 53.04
C ARG A 666 26.70 6.91 54.08
N SER A 667 28.02 7.00 54.24
CA SER A 667 28.70 6.37 55.36
C SER A 667 29.26 7.45 56.27
N ASP A 668 29.08 7.27 57.58
CA ASP A 668 29.64 8.14 58.58
C ASP A 668 30.79 7.50 59.36
N ASP A 669 31.07 6.21 59.13
CA ASP A 669 32.10 5.51 59.87
C ASP A 669 33.30 5.17 58.98
N GLY A 670 33.55 6.00 57.98
CA GLY A 670 34.70 5.79 57.11
C GLY A 670 34.49 4.77 56.02
N GLY A 671 33.24 4.53 55.60
CA GLY A 671 32.97 3.60 54.52
C GLY A 671 32.79 2.15 54.91
N VAL A 672 32.52 1.85 56.17
CA VAL A 672 32.28 0.48 56.61
C VAL A 672 30.80 0.13 56.56
N GLN A 673 29.93 1.04 56.97
CA GLN A 673 28.49 0.86 56.97
C GLN A 673 27.83 1.97 56.17
N TRP A 674 26.77 1.62 55.44
CA TRP A 674 26.08 2.56 54.57
C TRP A 674 24.62 2.70 55.01
N GLN A 675 24.08 3.91 54.87
CA GLN A 675 22.66 4.14 55.08
C GLN A 675 22.08 4.76 53.82
N ARG A 676 20.96 4.23 53.37
CA ARG A 676 20.25 4.76 52.22
C ARG A 676 19.72 6.16 52.53
N ILE A 677 19.99 7.12 51.65
CA ILE A 677 19.56 8.50 51.89
C ILE A 677 18.56 9.01 50.86
N ASN A 678 18.28 8.26 49.80
CA ASN A 678 17.17 8.57 48.92
C ASN A 678 16.11 7.49 49.10
N ASP A 679 14.99 7.63 48.40
CA ASP A 679 13.97 6.61 48.45
C ASP A 679 13.60 6.22 47.01
N ASP A 680 12.71 5.24 46.89
CA ASP A 680 12.42 4.68 45.58
C ASP A 680 11.87 5.73 44.64
N ALA A 681 11.04 6.64 45.16
CA ALA A 681 10.47 7.71 44.36
C ALA A 681 11.53 8.69 43.86
N HIS A 682 12.69 8.76 44.51
CA HIS A 682 13.75 9.66 44.07
C HIS A 682 15.02 8.90 43.68
N ARG A 683 14.89 7.91 42.80
CA ARG A 683 16.06 7.15 42.38
C ARG A 683 16.71 7.70 41.11
N PHE A 684 15.92 8.28 40.19
CA PHE A 684 16.45 8.96 39.01
C PHE A 684 17.25 8.01 38.10
N GLY A 685 16.92 6.72 38.13
CA GLY A 685 17.66 5.75 37.37
C GLY A 685 18.99 5.34 38.00
N ARG A 686 20.10 5.70 37.34
CA ARG A 686 21.47 5.39 37.76
C ARG A 686 22.22 6.69 38.00
N PRO A 687 22.10 7.28 39.18
CA PRO A 687 22.91 8.48 39.50
C PRO A 687 24.40 8.19 39.44
N TYR A 688 25.16 9.22 39.09
CA TYR A 688 26.61 9.15 38.97
C TYR A 688 27.19 10.52 39.31
N SER A 689 28.53 10.62 39.21
CA SER A 689 29.28 11.80 39.67
C SER A 689 28.87 12.23 41.07
N VAL A 690 28.73 11.25 41.97
CA VAL A 690 28.42 11.55 43.36
C VAL A 690 29.52 12.44 43.93
N THR A 691 29.13 13.58 44.50
CA THR A 691 30.10 14.60 44.87
C THR A 691 29.70 15.16 46.22
N GLY A 692 30.60 15.04 47.22
CA GLY A 692 30.37 15.68 48.50
C GLY A 692 30.70 17.16 48.45
N ASP A 693 30.30 17.87 49.50
CA ASP A 693 30.63 19.28 49.66
C ASP A 693 31.61 19.39 50.82
N PRO A 694 32.86 19.79 50.58
CA PRO A 694 33.81 19.89 51.69
C PRO A 694 33.44 20.95 52.73
N ARG A 695 32.47 21.83 52.43
CA ARG A 695 32.08 22.87 53.38
C ARG A 695 30.77 22.61 54.10
N ILE A 696 29.90 21.73 53.60
CA ILE A 696 28.58 21.51 54.19
C ILE A 696 28.44 20.03 54.57
N ALA A 697 28.37 19.75 55.86
CA ALA A 697 28.14 18.39 56.33
C ALA A 697 26.74 17.94 55.93
N GLY A 698 26.65 16.70 55.43
CA GLY A 698 25.39 16.14 54.99
C GLY A 698 25.04 16.43 53.54
N ARG A 699 25.68 17.42 52.93
CA ARG A 699 25.36 17.79 51.54
C ARG A 699 25.97 16.81 50.55
N VAL A 700 25.18 16.44 49.55
CA VAL A 700 25.70 15.67 48.43
C VAL A 700 25.03 16.14 47.15
N TYR A 701 25.81 16.19 46.07
CA TYR A 701 25.37 16.44 44.73
C TYR A 701 25.51 15.15 43.94
N PHE A 702 24.65 14.96 42.93
CA PHE A 702 24.93 13.90 41.99
C PHE A 702 24.31 14.27 40.64
N ALA A 703 24.88 13.68 39.59
CA ALA A 703 24.40 13.84 38.22
C ALA A 703 23.41 12.74 37.88
N THR A 704 22.59 13.01 36.87
CA THR A 704 21.69 12.02 36.30
C THR A 704 21.78 12.11 34.78
N GLY A 705 21.46 11.00 34.11
CA GLY A 705 21.60 10.95 32.67
C GLY A 705 20.41 11.53 31.93
N GLY A 706 20.00 12.73 32.30
CA GLY A 706 18.90 13.39 31.61
C GLY A 706 17.92 14.11 32.51
N ARG A 707 18.11 14.06 33.83
CA ARG A 707 17.31 14.83 34.78
C ARG A 707 18.14 15.87 35.52
N GLY A 708 19.34 16.18 35.01
CA GLY A 708 20.14 17.26 35.54
C GLY A 708 20.90 16.87 36.79
N ILE A 709 21.22 17.89 37.60
CA ILE A 709 21.97 17.76 38.86
C ILE A 709 20.98 17.82 40.02
N PHE A 710 21.23 17.02 41.04
CA PHE A 710 20.46 17.12 42.27
C PHE A 710 21.40 17.39 43.45
N TYR A 711 20.86 18.04 44.47
CA TYR A 711 21.55 18.14 45.74
C TYR A 711 20.58 17.79 46.87
N GLY A 712 21.14 17.18 47.90
CA GLY A 712 20.36 16.77 49.05
C GLY A 712 21.03 17.16 50.35
N ASP A 713 20.18 17.38 51.35
CA ASP A 713 20.59 17.58 52.74
C ASP A 713 19.70 16.72 53.62
N PRO A 714 20.18 16.34 54.80
CA PRO A 714 19.34 15.54 55.71
C PRO A 714 18.03 16.24 56.04
N ARG A 715 16.99 15.42 56.20
CA ARG A 715 15.65 15.78 56.72
C ARG A 715 14.79 16.40 55.64
N GLY B 8 -29.42 -38.00 -26.01
CA GLY B 8 -30.49 -37.22 -26.62
C GLY B 8 -30.77 -37.79 -27.99
N PRO B 9 -32.01 -37.62 -28.47
CA PRO B 9 -32.38 -38.22 -29.78
C PRO B 9 -31.73 -37.55 -30.98
N TYR B 10 -31.04 -36.41 -30.83
CA TYR B 10 -30.42 -35.75 -31.97
C TYR B 10 -28.90 -35.77 -31.87
N GLN B 11 -28.26 -35.85 -33.03
CA GLN B 11 -26.83 -35.60 -33.16
C GLN B 11 -26.61 -34.13 -33.49
N TRP B 12 -25.94 -33.40 -32.60
CA TRP B 12 -25.72 -31.97 -32.78
C TRP B 12 -24.32 -31.72 -33.32
N ARG B 13 -24.24 -30.80 -34.29
CA ARG B 13 -22.96 -30.44 -34.88
C ARG B 13 -22.85 -28.93 -35.02
N SER B 14 -21.62 -28.44 -34.94
CA SER B 14 -21.33 -27.02 -35.14
C SER B 14 -21.34 -26.70 -36.62
N VAL B 15 -21.92 -25.55 -36.97
CA VAL B 15 -21.70 -24.97 -38.30
C VAL B 15 -20.28 -24.41 -38.33
N ALA B 16 -19.45 -24.89 -39.25
CA ALA B 16 -18.03 -24.60 -39.22
C ALA B 16 -17.75 -23.13 -39.57
N ILE B 17 -17.18 -22.40 -38.63
CA ILE B 17 -16.76 -21.02 -38.86
C ILE B 17 -15.31 -20.87 -38.44
N GLY B 18 -15.01 -21.27 -37.20
CA GLY B 18 -13.65 -21.28 -36.70
C GLY B 18 -13.35 -20.11 -35.78
N GLY B 19 -13.46 -20.32 -34.47
CA GLY B 19 -13.29 -19.21 -33.55
C GLY B 19 -14.39 -18.18 -33.76
N GLY B 20 -14.01 -16.97 -34.23
CA GLY B 20 -14.96 -15.91 -34.53
C GLY B 20 -15.20 -14.92 -33.41
N GLY B 21 -14.81 -15.22 -32.18
CA GLY B 21 -14.97 -14.30 -31.07
C GLY B 21 -13.67 -14.07 -30.34
N PHE B 22 -13.77 -13.34 -29.23
CA PHE B 22 -12.61 -12.92 -28.45
C PHE B 22 -12.29 -14.03 -27.45
N VAL B 23 -11.15 -14.68 -27.62
CA VAL B 23 -10.66 -15.66 -26.66
C VAL B 23 -9.89 -14.89 -25.59
N THR B 24 -10.31 -15.01 -24.34
CA THR B 24 -9.81 -14.11 -23.32
C THR B 24 -8.77 -14.75 -22.41
N GLY B 25 -8.41 -16.01 -22.64
CA GLY B 25 -7.37 -16.63 -21.85
C GLY B 25 -6.92 -17.94 -22.46
N VAL B 26 -5.63 -18.25 -22.35
CA VAL B 26 -5.08 -19.54 -22.78
C VAL B 26 -4.13 -20.06 -21.70
N LEU B 27 -4.15 -21.37 -21.50
CA LEU B 27 -3.45 -21.99 -20.39
C LEU B 27 -2.96 -23.37 -20.80
N PHE B 28 -1.64 -23.60 -20.73
CA PHE B 28 -1.06 -24.93 -20.84
C PHE B 28 -0.96 -25.53 -19.44
N HIS B 29 -1.02 -26.85 -19.35
CA HIS B 29 -0.77 -27.50 -18.08
C HIS B 29 0.67 -27.95 -18.00
N PRO B 30 1.46 -27.44 -17.06
CA PRO B 30 2.88 -27.81 -17.00
C PRO B 30 3.14 -29.27 -16.70
N ALA B 31 2.13 -30.06 -16.31
CA ALA B 31 2.39 -31.43 -15.92
C ALA B 31 1.98 -32.47 -16.95
N GLU B 32 1.31 -32.08 -18.05
CA GLU B 32 1.02 -33.02 -19.13
C GLU B 32 1.20 -32.35 -20.48
N ARG B 33 2.06 -32.94 -21.32
CA ARG B 33 2.24 -32.42 -22.67
C ARG B 33 0.94 -32.53 -23.46
N GLY B 34 0.64 -31.50 -24.26
CA GLY B 34 -0.52 -31.51 -25.10
C GLY B 34 -1.83 -31.12 -24.43
N LEU B 35 -1.83 -30.90 -23.11
CA LEU B 35 -3.01 -30.48 -22.39
C LEU B 35 -3.02 -28.96 -22.27
N ALA B 36 -4.04 -28.33 -22.84
CA ALA B 36 -4.23 -26.88 -22.74
C ALA B 36 -5.71 -26.55 -22.66
N TYR B 37 -6.00 -25.33 -22.23
CA TYR B 37 -7.35 -24.82 -22.02
C TYR B 37 -7.50 -23.41 -22.56
N ALA B 38 -8.72 -23.06 -22.94
CA ALA B 38 -9.03 -21.72 -23.41
C ALA B 38 -10.31 -21.21 -22.75
N ARG B 39 -10.31 -19.95 -22.32
CA ARG B 39 -11.52 -19.34 -21.81
C ARG B 39 -11.99 -18.26 -22.78
N THR B 40 -13.29 -17.96 -22.75
CA THR B 40 -13.87 -16.96 -23.64
C THR B 40 -14.84 -16.07 -22.88
N ASP B 41 -15.24 -14.95 -23.53
CA ASP B 41 -16.06 -13.97 -22.83
C ASP B 41 -17.54 -14.26 -22.91
N VAL B 42 -17.99 -14.91 -23.99
CA VAL B 42 -19.40 -15.22 -24.18
C VAL B 42 -19.66 -16.70 -24.35
N GLY B 43 -18.62 -17.52 -24.51
CA GLY B 43 -18.81 -18.88 -24.98
C GLY B 43 -18.12 -19.99 -24.21
N GLY B 44 -18.03 -19.86 -22.90
CA GLY B 44 -17.54 -20.93 -22.06
C GLY B 44 -16.05 -21.22 -22.19
N ALA B 45 -15.70 -22.44 -21.81
CA ALA B 45 -14.31 -22.86 -21.73
C ALA B 45 -14.07 -24.11 -22.58
N TYR B 46 -12.82 -24.33 -22.95
CA TYR B 46 -12.44 -25.44 -23.81
C TYR B 46 -11.22 -26.15 -23.27
N ARG B 47 -11.15 -27.45 -23.57
CA ARG B 47 -9.98 -28.27 -23.37
C ARG B 47 -9.46 -28.71 -24.75
N TRP B 48 -8.18 -28.51 -25.00
CA TRP B 48 -7.55 -29.08 -26.19
C TRP B 48 -7.26 -30.56 -25.95
N ASP B 49 -7.77 -31.40 -26.85
CA ASP B 49 -7.56 -32.84 -26.80
C ASP B 49 -6.55 -33.21 -27.88
N ALA B 50 -5.32 -33.48 -27.47
CA ALA B 50 -4.28 -33.81 -28.45
C ALA B 50 -4.64 -35.05 -29.26
N GLN B 51 -5.32 -36.03 -28.65
CA GLN B 51 -5.66 -37.27 -29.34
C GLN B 51 -6.59 -37.03 -30.52
N ALA B 52 -7.54 -36.12 -30.39
CA ALA B 52 -8.46 -35.81 -31.47
C ALA B 52 -8.15 -34.51 -32.18
N GLN B 53 -7.08 -33.80 -31.79
CA GLN B 53 -6.65 -32.54 -32.41
C GLN B 53 -7.79 -31.53 -32.52
N GLN B 54 -8.45 -31.28 -31.39
CA GLN B 54 -9.48 -30.24 -31.37
C GLN B 54 -9.65 -29.70 -29.96
N TRP B 55 -10.21 -28.51 -29.89
CA TRP B 55 -10.76 -27.97 -28.65
C TRP B 55 -12.11 -28.60 -28.37
N THR B 56 -12.37 -28.93 -27.11
CA THR B 56 -13.60 -29.58 -26.72
C THR B 56 -14.32 -28.65 -25.76
N ALA B 57 -15.51 -28.18 -26.15
CA ALA B 57 -16.25 -27.28 -25.27
C ALA B 57 -16.62 -28.00 -23.99
N LEU B 58 -16.48 -27.30 -22.87
CA LEU B 58 -16.62 -27.88 -21.55
C LEU B 58 -17.88 -27.44 -20.79
N THR B 59 -18.61 -26.46 -21.31
CA THR B 59 -19.75 -25.96 -20.54
C THR B 59 -21.04 -25.94 -21.36
N ASP B 60 -21.16 -26.79 -22.38
CA ASP B 60 -22.42 -26.87 -23.12
C ASP B 60 -23.55 -27.45 -22.27
N TRP B 61 -23.24 -28.03 -21.10
CA TRP B 61 -24.28 -28.46 -20.16
C TRP B 61 -24.97 -27.30 -19.44
N LEU B 62 -24.46 -26.08 -19.53
CA LEU B 62 -25.14 -24.97 -18.88
C LEU B 62 -26.55 -24.78 -19.46
N GLY B 63 -27.55 -24.68 -18.58
CA GLY B 63 -28.93 -24.54 -19.01
C GLY B 63 -29.39 -23.09 -19.14
N ALA B 64 -30.68 -22.95 -19.47
CA ALA B 64 -31.25 -21.61 -19.66
C ALA B 64 -31.12 -20.77 -18.41
N ASP B 65 -31.22 -21.39 -17.22
CA ASP B 65 -31.09 -20.64 -15.98
C ASP B 65 -29.69 -20.15 -15.72
N ASP B 66 -28.67 -20.75 -16.35
CA ASP B 66 -27.28 -20.43 -16.05
C ASP B 66 -26.54 -19.82 -17.23
N TRP B 67 -27.27 -19.07 -18.06
CA TRP B 67 -26.68 -18.39 -19.22
C TRP B 67 -25.52 -17.49 -18.80
N ASN B 68 -25.57 -16.93 -17.60
CA ASN B 68 -24.53 -16.02 -17.14
C ASN B 68 -23.22 -16.73 -16.79
N LEU B 69 -23.24 -18.05 -16.62
CA LEU B 69 -22.00 -18.77 -16.35
C LEU B 69 -21.23 -19.10 -17.63
N MET B 70 -21.67 -18.61 -18.78
CA MET B 70 -20.92 -18.85 -20.00
C MET B 70 -19.72 -17.92 -20.11
N GLY B 71 -19.72 -16.80 -19.38
CA GLY B 71 -18.56 -15.92 -19.35
C GLY B 71 -17.54 -16.40 -18.35
N ILE B 72 -16.34 -16.70 -18.81
CA ILE B 72 -15.29 -17.26 -17.97
C ILE B 72 -14.30 -16.13 -17.68
N ASP B 73 -14.44 -15.53 -16.49
CA ASP B 73 -13.65 -14.36 -16.11
C ASP B 73 -12.23 -14.72 -15.72
N ALA B 74 -11.97 -16.00 -15.49
CA ALA B 74 -10.65 -16.46 -15.07
C ALA B 74 -10.66 -17.99 -15.07
N PHE B 75 -9.48 -18.58 -15.19
CA PHE B 75 -9.35 -20.02 -15.00
C PHE B 75 -7.95 -20.36 -14.52
N ALA B 76 -7.80 -21.57 -14.01
CA ALA B 76 -6.56 -22.00 -13.39
C ALA B 76 -6.50 -23.53 -13.35
N VAL B 77 -5.28 -24.06 -13.40
CA VAL B 77 -5.04 -25.48 -13.16
C VAL B 77 -4.16 -25.63 -11.94
N ASP B 78 -4.12 -26.87 -11.44
CA ASP B 78 -3.26 -27.21 -10.34
C ASP B 78 -1.98 -27.78 -10.94
N PRO B 79 -0.83 -27.11 -10.82
CA PRO B 79 0.42 -27.66 -11.41
C PRO B 79 0.76 -29.04 -10.92
N ALA B 80 0.39 -29.37 -9.68
CA ALA B 80 0.72 -30.65 -9.09
C ALA B 80 -0.31 -31.73 -9.38
N ASP B 81 -1.39 -31.43 -10.11
CA ASP B 81 -2.44 -32.42 -10.39
C ASP B 81 -3.06 -32.10 -11.74
N ALA B 82 -2.67 -32.85 -12.78
CA ALA B 82 -3.15 -32.57 -14.14
C ALA B 82 -4.64 -32.84 -14.30
N ASP B 83 -5.30 -33.47 -13.33
CA ASP B 83 -6.74 -33.68 -13.42
C ASP B 83 -7.56 -32.46 -13.05
N ALA B 84 -7.01 -31.52 -12.27
CA ALA B 84 -7.79 -30.43 -11.72
C ALA B 84 -7.96 -29.28 -12.72
N LEU B 85 -9.17 -28.72 -12.78
CA LEU B 85 -9.48 -27.53 -13.57
C LEU B 85 -10.47 -26.65 -12.80
N TYR B 86 -10.19 -25.34 -12.71
CA TYR B 86 -11.07 -24.40 -12.03
C TYR B 86 -11.43 -23.24 -12.94
N LEU B 87 -12.71 -22.92 -13.01
CA LEU B 87 -13.21 -21.81 -13.82
C LEU B 87 -13.90 -20.81 -12.91
N ALA B 88 -13.60 -19.52 -13.08
CA ALA B 88 -14.38 -18.44 -12.45
C ALA B 88 -15.39 -17.97 -13.48
N ALA B 89 -16.65 -18.34 -13.31
CA ALA B 89 -17.70 -18.12 -14.30
C ALA B 89 -18.65 -17.01 -13.84
N GLY B 90 -19.06 -16.16 -14.79
CA GLY B 90 -19.86 -14.99 -14.47
C GLY B 90 -19.60 -13.89 -15.46
N THR B 91 -20.63 -13.48 -16.20
CA THR B 91 -20.47 -12.67 -17.40
C THR B 91 -20.66 -11.17 -17.17
N TYR B 92 -21.69 -10.79 -16.43
CA TYR B 92 -22.02 -9.39 -16.22
C TYR B 92 -22.25 -9.13 -14.74
N MET B 93 -22.19 -7.85 -14.36
CA MET B 93 -22.35 -7.42 -12.98
C MET B 93 -23.59 -6.56 -12.76
N HIS B 94 -24.44 -6.38 -13.76
CA HIS B 94 -25.65 -5.59 -13.62
C HIS B 94 -26.74 -6.41 -12.93
N GLU B 95 -27.91 -5.79 -12.74
CA GLU B 95 -28.89 -6.34 -11.82
C GLU B 95 -29.51 -7.63 -12.35
N ARG B 96 -29.66 -7.75 -13.66
CA ARG B 96 -30.30 -8.92 -14.23
C ARG B 96 -29.42 -10.16 -14.25
N ALA B 97 -28.11 -10.01 -14.09
CA ALA B 97 -27.21 -11.15 -14.10
C ALA B 97 -26.99 -11.66 -12.69
N GLY B 98 -26.88 -12.98 -12.55
CA GLY B 98 -26.76 -13.59 -11.23
C GLY B 98 -25.34 -13.54 -10.71
N ASN B 99 -25.19 -14.08 -9.50
CA ASN B 99 -23.89 -14.18 -8.87
C ASN B 99 -22.98 -15.14 -9.63
N ALA B 100 -21.69 -14.96 -9.43
CA ALA B 100 -20.68 -15.76 -10.10
C ALA B 100 -20.45 -17.07 -9.34
N ALA B 101 -19.67 -17.97 -9.94
CA ALA B 101 -19.44 -19.27 -9.33
C ALA B 101 -18.05 -19.77 -9.70
N VAL B 102 -17.48 -20.59 -8.83
CA VAL B 102 -16.29 -21.35 -9.16
C VAL B 102 -16.74 -22.74 -9.55
N LEU B 103 -16.46 -23.12 -10.79
CA LEU B 103 -16.69 -24.47 -11.28
C LEU B 103 -15.38 -25.24 -11.15
N ARG B 104 -15.38 -26.30 -10.35
CA ARG B 104 -14.20 -27.13 -10.15
C ARG B 104 -14.40 -28.50 -10.79
N SER B 105 -13.37 -28.99 -11.47
CA SER B 105 -13.36 -30.31 -12.06
C SER B 105 -12.11 -31.05 -11.60
N PHE B 106 -12.24 -32.36 -11.38
CA PHE B 106 -11.09 -33.19 -11.10
C PHE B 106 -11.00 -34.33 -12.11
N ASN B 107 -11.52 -34.10 -13.31
CA ASN B 107 -11.35 -34.99 -14.45
C ASN B 107 -11.23 -34.15 -15.72
N ARG B 108 -10.41 -33.09 -15.66
CA ARG B 108 -10.09 -32.23 -16.80
C ARG B 108 -11.34 -31.63 -17.47
N GLY B 109 -12.37 -31.35 -16.68
CA GLY B 109 -13.54 -30.67 -17.22
C GLY B 109 -14.65 -31.55 -17.73
N ARG B 110 -14.52 -32.89 -17.64
CA ARG B 110 -15.64 -33.76 -18.04
C ARG B 110 -16.87 -33.50 -17.17
N THR B 111 -16.68 -33.39 -15.85
CA THR B 111 -17.74 -33.03 -14.92
C THR B 111 -17.30 -31.89 -14.02
N PHE B 112 -18.27 -31.12 -13.53
CA PHE B 112 -18.00 -30.01 -12.64
C PHE B 112 -18.83 -30.11 -11.37
N GLU B 113 -18.28 -29.53 -10.30
CA GLU B 113 -19.03 -29.15 -9.12
C GLU B 113 -18.94 -27.62 -9.00
N ARG B 114 -19.96 -27.02 -8.38
CA ARG B 114 -20.19 -25.58 -8.47
C ARG B 114 -20.21 -24.97 -7.07
N ALA B 115 -19.34 -24.00 -6.83
CA ALA B 115 -19.34 -23.23 -5.59
C ALA B 115 -19.85 -21.83 -5.90
N ASP B 116 -21.00 -21.47 -5.35
CA ASP B 116 -21.59 -20.17 -5.62
C ASP B 116 -20.92 -19.08 -4.81
N LEU B 117 -20.73 -17.91 -5.44
CA LEU B 117 -20.04 -16.81 -4.77
C LEU B 117 -21.01 -15.67 -4.48
N PRO B 118 -20.76 -14.87 -3.46
CA PRO B 118 -21.71 -13.78 -3.16
C PRO B 118 -21.45 -12.49 -3.94
N PHE B 119 -20.70 -12.53 -5.03
CA PHE B 119 -20.46 -11.34 -5.85
C PHE B 119 -20.56 -11.77 -7.31
N LYS B 120 -20.55 -10.78 -8.21
CA LYS B 120 -20.65 -11.01 -9.63
C LYS B 120 -19.30 -10.81 -10.31
N LEU B 121 -19.13 -11.42 -11.48
CA LEU B 121 -17.89 -11.28 -12.23
C LEU B 121 -18.15 -10.67 -13.60
N GLY B 122 -17.07 -10.30 -14.29
CA GLY B 122 -17.18 -9.52 -15.51
C GLY B 122 -16.69 -10.24 -16.76
N GLY B 123 -17.14 -11.48 -16.97
CA GLY B 123 -16.63 -12.29 -18.06
C GLY B 123 -16.73 -11.67 -19.44
N ASN B 124 -17.78 -10.90 -19.71
CA ASN B 124 -17.90 -10.13 -20.94
C ASN B 124 -17.93 -8.63 -20.65
N GLN B 125 -17.08 -8.18 -19.75
CA GLN B 125 -16.96 -6.77 -19.42
C GLN B 125 -15.51 -6.31 -19.56
N LEU B 126 -15.27 -5.02 -19.31
CA LEU B 126 -13.92 -4.48 -19.30
C LEU B 126 -13.02 -5.28 -18.37
N GLY B 127 -11.75 -5.43 -18.76
CA GLY B 127 -10.80 -6.22 -17.99
C GLY B 127 -10.90 -7.72 -18.15
N ARG B 128 -11.75 -8.21 -19.05
CA ARG B 128 -11.98 -9.65 -19.10
C ARG B 128 -10.75 -10.43 -19.59
N ALA B 129 -9.89 -9.79 -20.40
CA ALA B 129 -8.65 -10.43 -20.84
C ALA B 129 -7.46 -10.15 -19.93
N ASN B 130 -7.61 -9.33 -18.89
CA ASN B 130 -6.64 -9.36 -17.80
C ASN B 130 -6.70 -10.72 -17.13
N GLY B 131 -5.55 -11.20 -16.64
CA GLY B 131 -5.55 -12.48 -15.96
C GLY B 131 -4.17 -12.82 -15.40
N GLU B 132 -4.15 -13.86 -14.56
CA GLU B 132 -5.38 -14.58 -14.17
C GLU B 132 -5.80 -14.23 -12.75
N ARG B 133 -7.09 -13.91 -12.57
CA ARG B 133 -7.65 -13.57 -11.27
C ARG B 133 -7.83 -14.78 -10.37
N LEU B 134 -7.83 -15.98 -10.94
CA LEU B 134 -7.98 -17.21 -10.18
C LEU B 134 -6.65 -17.96 -10.20
N ALA B 135 -6.24 -18.49 -9.05
CA ALA B 135 -4.93 -19.12 -8.98
C ALA B 135 -4.92 -20.23 -7.95
N VAL B 136 -4.23 -21.32 -8.26
CA VAL B 136 -3.99 -22.43 -7.35
C VAL B 136 -2.63 -22.24 -6.70
N ASP B 137 -2.55 -22.43 -5.39
CA ASP B 137 -1.27 -22.44 -4.68
C ASP B 137 -0.38 -23.55 -5.25
N PRO B 138 0.82 -23.23 -5.75
CA PRO B 138 1.63 -24.25 -6.44
C PRO B 138 2.39 -25.17 -5.49
N HIS B 139 2.20 -25.00 -4.19
CA HIS B 139 2.77 -25.92 -3.20
C HIS B 139 1.73 -26.60 -2.36
N ASP B 140 0.55 -25.98 -2.18
CA ASP B 140 -0.57 -26.58 -1.45
C ASP B 140 -1.82 -26.42 -2.31
N GLY B 141 -2.06 -27.39 -3.20
CA GLY B 141 -3.21 -27.40 -4.10
C GLY B 141 -4.56 -27.25 -3.42
N ARG B 142 -4.61 -27.42 -2.10
CA ARG B 142 -5.85 -27.12 -1.39
C ARG B 142 -6.20 -25.64 -1.43
N VAL B 143 -5.21 -24.78 -1.62
CA VAL B 143 -5.40 -23.34 -1.50
C VAL B 143 -5.60 -22.74 -2.87
N LEU B 144 -6.66 -21.96 -3.02
CA LEU B 144 -6.89 -21.15 -4.21
C LEU B 144 -7.16 -19.72 -3.77
N LEU B 145 -6.89 -18.77 -4.67
CA LEU B 145 -7.26 -17.39 -4.48
C LEU B 145 -8.05 -16.92 -5.69
N LEU B 146 -9.08 -16.12 -5.43
CA LEU B 146 -9.87 -15.53 -6.49
C LEU B 146 -9.93 -14.02 -6.28
N GLY B 147 -9.43 -13.26 -7.25
CA GLY B 147 -9.60 -11.82 -7.25
C GLY B 147 -10.92 -11.46 -7.89
N SER B 148 -11.72 -10.66 -7.18
CA SER B 148 -13.02 -10.25 -7.68
C SER B 148 -12.90 -8.89 -8.38
N ARG B 149 -14.02 -8.41 -8.92
CA ARG B 149 -14.02 -7.09 -9.57
C ARG B 149 -14.46 -5.96 -8.64
N ASP B 150 -15.19 -6.26 -7.56
CA ASP B 150 -15.67 -5.20 -6.68
C ASP B 150 -15.93 -5.72 -5.26
N ALA B 151 -15.23 -6.81 -4.87
CA ALA B 151 -15.43 -7.38 -3.54
C ALA B 151 -14.14 -7.94 -2.96
N GLY B 152 -12.99 -7.33 -3.29
CA GLY B 152 -11.74 -7.71 -2.65
C GLY B 152 -11.24 -9.09 -3.10
N LEU B 153 -10.57 -9.76 -2.17
CA LEU B 153 -9.87 -11.01 -2.47
C LEU B 153 -10.48 -12.13 -1.66
N TRP B 154 -10.67 -13.27 -2.30
CA TRP B 154 -11.35 -14.41 -1.71
C TRP B 154 -10.42 -15.62 -1.76
N ARG B 155 -10.61 -16.53 -0.81
CA ARG B 155 -9.66 -17.61 -0.60
C ARG B 155 -10.43 -18.88 -0.32
N SER B 156 -9.86 -20.01 -0.75
CA SER B 156 -10.37 -21.33 -0.47
C SER B 156 -9.22 -22.18 0.05
N ASP B 157 -9.53 -23.06 1.00
CA ASP B 157 -8.52 -24.01 1.46
C ASP B 157 -9.00 -25.46 1.32
N ASP B 158 -10.05 -25.69 0.54
CA ASP B 158 -10.57 -27.04 0.27
C ASP B 158 -10.78 -27.25 -1.22
N ARG B 159 -9.79 -26.85 -2.03
CA ARG B 159 -9.81 -27.07 -3.48
C ARG B 159 -11.03 -26.46 -4.13
N GLY B 160 -11.46 -25.30 -3.60
CA GLY B 160 -12.49 -24.52 -4.24
C GLY B 160 -13.91 -24.89 -3.89
N ALA B 161 -14.13 -25.77 -2.91
CA ALA B 161 -15.50 -26.12 -2.53
C ALA B 161 -16.18 -24.99 -1.75
N HIS B 162 -15.42 -24.25 -0.95
CA HIS B 162 -15.96 -23.12 -0.19
C HIS B 162 -15.00 -21.96 -0.26
N TRP B 163 -15.55 -20.74 -0.13
CA TRP B 163 -14.78 -19.53 -0.28
C TRP B 163 -15.08 -18.55 0.85
N ALA B 164 -14.04 -17.84 1.30
CA ALA B 164 -14.17 -16.80 2.31
C ALA B 164 -13.28 -15.61 1.97
N LYS B 165 -13.76 -14.41 2.32
CA LYS B 165 -13.03 -13.18 2.05
C LYS B 165 -11.72 -13.15 2.82
N VAL B 166 -10.67 -12.65 2.16
CA VAL B 166 -9.39 -12.42 2.82
C VAL B 166 -9.51 -11.07 3.50
N ALA B 167 -9.75 -11.10 4.82
CA ALA B 167 -10.13 -9.89 5.53
C ALA B 167 -9.01 -8.86 5.53
N SER B 168 -7.76 -9.33 5.50
CA SER B 168 -6.61 -8.42 5.53
C SER B 168 -6.38 -7.69 4.21
N PHE B 169 -7.00 -8.14 3.10
CA PHE B 169 -6.85 -7.45 1.82
C PHE B 169 -7.88 -6.34 1.75
N PRO B 170 -7.46 -5.08 1.57
CA PRO B 170 -8.40 -3.96 1.73
C PRO B 170 -9.25 -3.79 0.48
N ASP B 171 -10.56 -3.64 0.68
CA ASP B 171 -11.43 -3.24 -0.41
C ASP B 171 -10.94 -1.95 -1.05
N ALA B 172 -10.31 -1.08 -0.26
CA ALA B 172 -9.81 0.19 -0.76
C ALA B 172 -8.68 0.03 -1.75
N ALA B 173 -8.08 -1.15 -1.83
CA ALA B 173 -7.08 -1.37 -2.86
C ALA B 173 -7.67 -1.31 -4.26
N LEU B 174 -8.99 -1.49 -4.39
CA LEU B 174 -9.66 -1.44 -5.69
C LEU B 174 -10.22 -0.06 -6.01
N ALA B 175 -9.92 0.95 -5.20
CA ALA B 175 -10.32 2.31 -5.53
C ALA B 175 -9.67 2.73 -6.84
N GLY B 176 -10.46 3.39 -7.69
CA GLY B 176 -10.05 3.71 -9.03
C GLY B 176 -10.16 2.57 -10.03
N ALA B 177 -10.43 1.34 -9.58
CA ALA B 177 -10.43 0.19 -10.49
C ALA B 177 -11.76 0.08 -11.19
N THR B 178 -12.17 1.16 -11.82
CA THR B 178 -13.32 1.21 -12.69
C THR B 178 -12.91 1.97 -13.95
N ALA B 179 -13.72 1.82 -15.00
CA ALA B 179 -13.39 2.41 -16.29
C ALA B 179 -14.65 2.48 -17.13
N ARG B 180 -14.67 3.42 -18.09
CA ARG B 180 -15.73 3.48 -19.09
C ARG B 180 -15.43 2.57 -20.27
N ASN B 181 -16.48 1.95 -20.83
CA ASN B 181 -16.35 1.15 -22.04
C ASN B 181 -16.65 2.01 -23.28
N HIS B 182 -16.68 1.37 -24.45
CA HIS B 182 -16.80 2.09 -25.72
C HIS B 182 -18.11 2.85 -25.85
N VAL B 183 -19.16 2.42 -25.14
CA VAL B 183 -20.45 3.05 -25.21
C VAL B 183 -20.69 4.00 -24.03
N GLY B 184 -19.67 4.23 -23.20
CA GLY B 184 -19.73 5.23 -22.15
C GLY B 184 -20.15 4.76 -20.78
N ARG B 185 -20.35 3.46 -20.59
CA ARG B 185 -20.84 2.92 -19.33
C ARG B 185 -19.68 2.54 -18.43
N GLU B 186 -19.75 2.96 -17.17
CA GLU B 186 -18.74 2.61 -16.18
C GLU B 186 -18.91 1.17 -15.74
N GLN B 187 -17.79 0.49 -15.53
CA GLN B 187 -17.80 -0.91 -15.14
C GLN B 187 -16.72 -1.16 -14.12
N ALA B 188 -17.04 -2.00 -13.14
CA ALA B 188 -16.09 -2.38 -12.10
C ALA B 188 -15.08 -3.37 -12.68
N VAL B 189 -13.82 -2.97 -12.83
CA VAL B 189 -12.80 -3.89 -13.32
C VAL B 189 -12.03 -4.57 -12.19
N GLY B 190 -11.65 -3.83 -11.14
CA GLY B 190 -11.09 -4.47 -9.94
C GLY B 190 -9.72 -5.12 -10.16
N ILE B 191 -9.61 -6.35 -9.71
CA ILE B 191 -8.33 -7.06 -9.71
C ILE B 191 -8.05 -7.63 -11.10
N ALA B 192 -6.80 -7.45 -11.56
CA ALA B 192 -6.34 -8.00 -12.84
C ALA B 192 -5.79 -9.41 -12.74
N PHE B 193 -5.02 -9.71 -11.68
CA PHE B 193 -4.42 -11.03 -11.59
C PHE B 193 -4.05 -11.30 -10.14
N VAL B 194 -3.87 -12.59 -9.83
CA VAL B 194 -3.36 -13.01 -8.52
C VAL B 194 -2.24 -14.01 -8.79
N VAL B 195 -1.06 -13.77 -8.24
CA VAL B 195 0.14 -14.49 -8.65
C VAL B 195 0.90 -15.00 -7.44
N PHE B 196 1.05 -16.31 -7.36
CA PHE B 196 1.89 -16.95 -6.36
C PHE B 196 3.35 -16.91 -6.80
N ASP B 197 4.25 -16.63 -5.87
CA ASP B 197 5.70 -16.75 -6.13
C ASP B 197 6.13 -18.13 -5.67
N ALA B 198 6.11 -19.10 -6.61
CA ALA B 198 6.45 -20.48 -6.26
C ALA B 198 7.85 -20.60 -5.64
N ALA B 199 8.80 -19.76 -6.08
CA ALA B 199 10.14 -19.84 -5.52
C ALA B 199 10.16 -19.58 -4.02
N SER B 200 9.18 -18.87 -3.48
CA SER B 200 9.20 -18.57 -2.06
C SER B 200 8.67 -19.70 -1.19
N GLY B 201 8.17 -20.79 -1.78
CA GLY B 201 7.49 -21.81 -1.03
C GLY B 201 8.19 -23.17 -1.06
N ASN B 202 7.58 -24.10 -0.32
CA ASN B 202 8.00 -25.49 -0.28
C ASN B 202 6.78 -26.39 -0.26
N THR B 203 6.93 -27.58 -0.83
CA THR B 203 5.84 -28.54 -0.95
C THR B 203 5.09 -28.71 0.37
N GLY B 204 3.75 -28.68 0.28
CA GLY B 204 2.90 -29.02 1.39
C GLY B 204 2.45 -27.87 2.25
N THR B 205 3.15 -26.73 2.20
CA THR B 205 2.86 -25.53 2.98
C THR B 205 2.38 -24.43 2.05
N PRO B 206 1.35 -23.69 2.44
CA PRO B 206 0.88 -22.57 1.59
C PRO B 206 2.02 -21.64 1.21
N THR B 207 2.02 -21.22 -0.05
CA THR B 207 3.07 -20.37 -0.59
C THR B 207 3.08 -19.03 0.14
N PRO B 208 4.23 -18.57 0.64
CA PRO B 208 4.24 -17.36 1.46
C PRO B 208 4.07 -16.06 0.69
N ARG B 209 4.57 -15.96 -0.55
CA ARG B 209 4.59 -14.68 -1.26
C ARG B 209 3.54 -14.69 -2.35
N ILE B 210 2.63 -13.72 -2.29
CA ILE B 210 1.52 -13.60 -3.23
C ILE B 210 1.47 -12.16 -3.75
N TYR B 211 1.27 -12.01 -5.06
CA TYR B 211 1.07 -10.71 -5.69
C TYR B 211 -0.36 -10.60 -6.19
N VAL B 212 -0.92 -9.40 -6.03
CA VAL B 212 -2.24 -9.06 -6.52
C VAL B 212 -2.10 -7.80 -7.36
N GLY B 213 -2.48 -7.88 -8.63
CA GLY B 213 -2.56 -6.72 -9.50
C GLY B 213 -3.97 -6.14 -9.55
N VAL B 214 -4.06 -4.82 -9.54
CA VAL B 214 -5.34 -4.13 -9.57
C VAL B 214 -5.38 -3.21 -10.80
N SER B 215 -6.46 -3.30 -11.57
CA SER B 215 -6.58 -2.48 -12.78
C SER B 215 -6.98 -1.06 -12.37
N THR B 216 -6.00 -0.29 -11.88
CA THR B 216 -6.25 1.08 -11.43
C THR B 216 -5.04 1.95 -11.73
N GLU B 217 -5.30 3.24 -11.95
CA GLU B 217 -4.21 4.21 -12.08
C GLU B 217 -3.59 4.54 -10.73
N GLN B 218 -4.25 4.24 -9.62
CA GLN B 218 -3.63 4.36 -8.31
C GLN B 218 -2.70 3.17 -8.09
N THR B 219 -2.28 2.92 -6.84
CA THR B 219 -1.43 1.79 -6.52
C THR B 219 -1.98 0.50 -7.13
N SER B 220 -1.21 -0.11 -8.04
CA SER B 220 -1.77 -1.24 -8.80
C SER B 220 -1.10 -2.57 -8.51
N LEU B 221 -0.06 -2.64 -7.69
CA LEU B 221 0.59 -3.91 -7.37
C LEU B 221 0.76 -4.04 -5.86
N TYR B 222 0.21 -5.12 -5.30
CA TYR B 222 0.30 -5.43 -3.89
C TYR B 222 0.98 -6.77 -3.70
N VAL B 223 1.63 -6.93 -2.56
CA VAL B 223 2.34 -8.16 -2.24
C VAL B 223 2.10 -8.51 -0.78
N SER B 224 2.00 -9.82 -0.51
CA SER B 224 2.00 -10.36 0.84
C SER B 224 3.21 -11.27 0.99
N GLU B 225 3.85 -11.22 2.16
CA GLU B 225 4.97 -12.09 2.47
C GLU B 225 4.60 -13.20 3.45
N ASP B 226 3.36 -13.24 3.93
CA ASP B 226 2.95 -14.21 4.93
C ASP B 226 1.68 -14.92 4.50
N ALA B 227 1.66 -15.43 3.26
CA ALA B 227 0.56 -16.26 2.73
C ALA B 227 -0.79 -15.54 2.75
N GLY B 228 -0.77 -14.21 2.68
CA GLY B 228 -2.00 -13.42 2.62
C GLY B 228 -2.44 -12.79 3.92
N ARG B 229 -1.68 -12.93 5.00
CA ARG B 229 -2.14 -12.37 6.27
C ARG B 229 -1.96 -10.86 6.35
N SER B 230 -1.06 -10.28 5.56
CA SER B 230 -0.92 -8.83 5.49
C SER B 230 -0.45 -8.46 4.09
N TRP B 231 -0.67 -7.20 3.70
CA TRP B 231 -0.53 -6.76 2.32
C TRP B 231 0.13 -5.38 2.27
N ALA B 232 1.13 -5.24 1.39
CA ALA B 232 1.81 -3.98 1.18
C ALA B 232 1.87 -3.65 -0.31
N PRO B 233 1.90 -2.37 -0.66
CA PRO B 233 2.22 -2.00 -2.03
C PRO B 233 3.68 -2.35 -2.33
N VAL B 234 3.92 -2.82 -3.55
CA VAL B 234 5.29 -3.10 -3.98
C VAL B 234 6.04 -1.79 -4.12
N ALA B 235 7.24 -1.72 -3.53
CA ALA B 235 8.00 -0.48 -3.57
C ALA B 235 8.45 -0.17 -4.99
N GLY B 236 8.46 1.12 -5.32
CA GLY B 236 8.95 1.58 -6.60
C GLY B 236 8.08 1.31 -7.79
N GLN B 237 6.86 0.81 -7.59
CA GLN B 237 6.04 0.47 -8.73
C GLN B 237 5.65 1.72 -9.51
N PRO B 238 5.49 1.60 -10.82
CA PRO B 238 4.97 2.73 -11.61
C PRO B 238 3.50 2.92 -11.35
N ARG B 239 3.05 4.18 -11.43
CA ARG B 239 1.64 4.50 -11.29
C ARG B 239 1.16 5.29 -12.50
N GLY B 240 -0.15 5.31 -12.68
CA GLY B 240 -0.78 6.03 -13.78
C GLY B 240 -1.31 5.13 -14.88
N LEU B 241 -0.84 3.90 -14.97
CA LEU B 241 -1.27 2.93 -15.97
C LEU B 241 -1.74 1.66 -15.24
N ARG B 242 -2.46 0.80 -15.97
CA ARG B 242 -3.13 -0.35 -15.36
C ARG B 242 -2.47 -1.65 -15.77
N PRO B 243 -1.97 -2.47 -14.86
CA PRO B 243 -1.37 -3.74 -15.28
C PRO B 243 -2.45 -4.75 -15.64
N SER B 244 -2.09 -5.63 -16.56
CA SER B 244 -3.00 -6.68 -17.00
C SER B 244 -2.47 -8.09 -16.81
N HIS B 245 -1.14 -8.28 -16.81
CA HIS B 245 -0.53 -9.59 -16.62
C HIS B 245 0.79 -9.45 -15.87
N MET B 246 1.19 -10.51 -15.17
CA MET B 246 2.46 -10.54 -14.47
C MET B 246 3.08 -11.92 -14.69
N ALA B 247 4.19 -11.97 -15.40
CA ALA B 247 4.72 -13.25 -15.84
C ALA B 247 6.17 -13.41 -15.39
N GLY B 248 6.63 -14.65 -15.46
CA GLY B 248 8.01 -14.99 -15.17
C GLY B 248 8.20 -15.31 -13.70
N GLY B 249 9.25 -14.75 -13.10
CA GLY B 249 9.44 -14.82 -11.68
C GLY B 249 10.47 -15.85 -11.22
N SER B 250 10.64 -16.96 -11.95
CA SER B 250 11.45 -18.09 -11.47
C SER B 250 12.93 -17.75 -11.33
N ASP B 251 13.42 -16.75 -12.05
CA ASP B 251 14.80 -16.32 -11.98
C ASP B 251 14.95 -15.02 -11.19
N GLY B 252 13.89 -14.54 -10.56
CA GLY B 252 13.92 -13.29 -9.83
C GLY B 252 13.51 -12.08 -10.63
N HIS B 253 13.15 -12.25 -11.91
CA HIS B 253 12.64 -11.19 -12.78
C HIS B 253 11.18 -11.45 -13.13
N TRP B 254 10.34 -10.45 -12.88
CA TRP B 254 8.93 -10.47 -13.21
C TRP B 254 8.66 -9.49 -14.35
N TYR B 255 7.66 -9.81 -15.14
CA TYR B 255 7.34 -9.00 -16.31
C TYR B 255 5.87 -8.64 -16.26
N LEU B 256 5.57 -7.35 -16.46
CA LEU B 256 4.20 -6.84 -16.30
C LEU B 256 3.81 -5.97 -17.47
N SER B 257 2.66 -6.26 -18.07
CA SER B 257 2.13 -5.47 -19.16
C SER B 257 1.12 -4.48 -18.59
N TYR B 258 1.13 -3.26 -19.14
CA TYR B 258 0.27 -2.16 -18.69
C TYR B 258 -0.42 -1.52 -19.87
N GLY B 259 -1.68 -1.11 -19.68
CA GLY B 259 -2.33 -0.21 -20.61
C GLY B 259 -2.91 0.96 -19.84
N ASP B 260 -3.22 2.03 -20.58
CA ASP B 260 -3.88 3.17 -19.93
C ASP B 260 -5.36 2.94 -19.74
N GLN B 261 -5.88 1.79 -20.14
CA GLN B 261 -7.25 1.35 -19.94
C GLN B 261 -7.20 -0.13 -19.61
N PRO B 262 -8.27 -0.68 -19.01
CA PRO B 262 -8.28 -2.11 -18.73
C PRO B 262 -8.32 -2.98 -19.97
N GLY B 263 -8.92 -2.48 -21.06
CA GLY B 263 -9.17 -3.27 -22.26
C GLY B 263 -10.46 -4.08 -22.15
N PRO B 264 -10.97 -4.57 -23.29
CA PRO B 264 -10.36 -4.41 -24.62
C PRO B 264 -10.80 -3.12 -25.32
N ASP B 265 -11.87 -2.49 -24.84
CA ASP B 265 -12.59 -1.47 -25.60
C ASP B 265 -11.69 -0.32 -26.01
N LEU B 266 -11.01 0.27 -25.05
CA LEU B 266 -10.22 1.46 -25.33
C LEU B 266 -8.83 1.19 -24.78
N MET B 267 -7.84 1.76 -25.45
CA MET B 267 -6.47 1.78 -24.94
C MET B 267 -5.69 2.67 -25.89
N ALA B 268 -4.94 3.60 -25.33
CA ALA B 268 -4.16 4.51 -26.14
C ALA B 268 -2.86 4.89 -25.43
N GLY B 269 -2.30 3.95 -24.68
CA GLY B 269 -1.07 4.16 -23.96
C GLY B 269 -0.80 2.91 -23.17
N GLY B 270 0.42 2.82 -22.67
CA GLY B 270 0.78 1.68 -21.83
C GLY B 270 2.28 1.60 -21.71
N ALA B 271 2.72 0.47 -21.11
CA ALA B 271 4.13 0.24 -20.86
C ALA B 271 4.37 -1.25 -20.67
N LEU B 272 5.65 -1.61 -20.71
CA LEU B 272 6.12 -2.94 -20.36
C LEU B 272 7.22 -2.77 -19.33
N TRP B 273 7.09 -3.44 -18.19
CA TRP B 273 8.03 -3.26 -17.09
C TRP B 273 8.64 -4.58 -16.69
N LYS B 274 9.94 -4.53 -16.36
CA LYS B 274 10.66 -5.63 -15.74
C LYS B 274 10.87 -5.28 -14.27
N PHE B 275 10.48 -6.19 -13.38
CA PHE B 275 10.57 -5.97 -11.95
C PHE B 275 11.51 -7.01 -11.33
N THR B 276 12.52 -6.53 -10.60
CA THR B 276 13.53 -7.39 -9.97
C THR B 276 13.52 -7.12 -8.48
N PRO B 277 12.64 -7.79 -7.71
CA PRO B 277 12.44 -7.40 -6.30
C PRO B 277 13.70 -7.46 -5.45
N ALA B 278 14.60 -8.41 -5.69
CA ALA B 278 15.78 -8.54 -4.83
C ALA B 278 16.65 -7.29 -4.90
N GLN B 279 16.58 -6.55 -6.01
CA GLN B 279 17.32 -5.31 -6.18
C GLN B 279 16.43 -4.07 -6.07
N GLY B 280 15.14 -4.23 -5.80
CA GLY B 280 14.24 -3.09 -5.83
C GLY B 280 14.23 -2.35 -7.15
N ARG B 281 14.49 -3.04 -8.25
CA ARG B 281 14.69 -2.39 -9.54
C ARG B 281 13.49 -2.57 -10.46
N TRP B 282 13.11 -1.49 -11.13
CA TRP B 282 12.11 -1.45 -12.18
C TRP B 282 12.77 -0.93 -13.44
N ARG B 283 12.56 -1.61 -14.56
CA ARG B 283 13.16 -1.21 -15.83
C ARG B 283 12.07 -1.33 -16.90
N GLU B 284 11.84 -0.24 -17.62
CA GLU B 284 10.89 -0.24 -18.71
C GLU B 284 11.54 -0.88 -19.93
N ILE B 285 10.90 -1.92 -20.48
CA ILE B 285 11.51 -2.78 -21.50
C ILE B 285 10.61 -2.92 -22.72
N SER B 286 9.77 -1.92 -22.99
CA SER B 286 8.83 -2.04 -24.10
C SER B 286 9.61 -2.20 -25.41
N PRO B 287 9.15 -3.11 -26.30
CA PRO B 287 9.84 -3.28 -27.58
C PRO B 287 9.91 -2.00 -28.41
N ILE B 288 8.83 -1.22 -28.45
CA ILE B 288 8.81 0.04 -29.21
C ILE B 288 8.22 1.14 -28.34
N PRO B 289 8.67 2.39 -28.49
CA PRO B 289 8.17 3.47 -27.63
C PRO B 289 6.77 3.94 -28.01
N GLN B 290 6.13 4.63 -27.06
CA GLN B 290 4.92 5.38 -27.37
C GLN B 290 5.28 6.55 -28.29
N PRO B 291 4.31 7.08 -29.04
CA PRO B 291 4.55 8.33 -29.78
C PRO B 291 4.77 9.52 -28.84
N ALA B 292 5.43 10.56 -29.38
CA ALA B 292 5.84 11.70 -28.56
C ALA B 292 4.65 12.43 -27.96
N SER B 293 3.58 12.62 -28.73
CA SER B 293 2.38 13.24 -28.23
C SER B 293 1.17 12.55 -28.83
N GLY B 294 0.02 12.76 -28.20
CA GLY B 294 -1.22 12.15 -28.67
C GLY B 294 -1.39 10.72 -28.21
N ASP B 295 -2.32 10.05 -28.88
CA ASP B 295 -2.75 8.70 -28.50
C ASP B 295 -1.71 7.67 -28.90
N GLY B 296 -1.36 6.78 -27.96
CA GLY B 296 -0.52 5.64 -28.26
C GLY B 296 -1.27 4.32 -28.25
N PHE B 297 -0.65 3.32 -27.64
CA PHE B 297 -1.19 1.97 -27.68
C PHE B 297 -0.78 1.26 -26.40
N GLY B 298 -1.48 0.18 -26.07
CA GLY B 298 -1.11 -0.58 -24.88
C GLY B 298 -0.16 -1.72 -25.15
N TRP B 299 0.30 -2.32 -24.06
CA TRP B 299 0.92 -3.64 -24.10
C TRP B 299 -0.12 -4.62 -23.54
N GLY B 300 -0.69 -5.43 -24.43
CA GLY B 300 -1.80 -6.27 -24.04
C GLY B 300 -1.42 -7.46 -23.15
N ALA B 301 -0.25 -8.06 -23.37
CA ALA B 301 0.10 -9.26 -22.63
C ALA B 301 1.61 -9.46 -22.72
N VAL B 302 2.13 -10.21 -21.76
CA VAL B 302 3.51 -10.65 -21.75
C VAL B 302 3.49 -12.08 -21.23
N ALA B 303 4.42 -12.89 -21.74
CA ALA B 303 4.56 -14.26 -21.32
C ALA B 303 6.04 -14.62 -21.33
N VAL B 304 6.40 -15.61 -20.51
CA VAL B 304 7.76 -16.09 -20.40
C VAL B 304 7.80 -17.57 -20.76
N ASP B 305 8.78 -17.96 -21.55
CA ASP B 305 8.96 -19.36 -21.90
C ASP B 305 9.17 -20.19 -20.63
N PRO B 306 8.31 -21.18 -20.35
CA PRO B 306 8.45 -21.94 -19.09
C PRO B 306 9.78 -22.66 -18.94
N GLN B 307 10.51 -22.93 -20.02
CA GLN B 307 11.80 -23.59 -19.95
C GLN B 307 12.98 -22.64 -20.04
N GLN B 308 12.73 -21.36 -20.36
CA GLN B 308 13.79 -20.39 -20.65
C GLN B 308 13.36 -19.03 -20.11
N PRO B 309 13.75 -18.72 -18.87
CA PRO B 309 13.18 -17.54 -18.20
C PRO B 309 13.55 -16.20 -18.84
N GLN B 310 14.57 -16.16 -19.70
CA GLN B 310 14.93 -14.92 -20.38
C GLN B 310 14.23 -14.74 -21.71
N VAL B 311 13.31 -15.66 -22.08
CA VAL B 311 12.64 -15.65 -23.37
C VAL B 311 11.22 -15.11 -23.16
N LEU B 312 10.90 -14.00 -23.84
CA LEU B 312 9.67 -13.25 -23.60
C LEU B 312 8.91 -13.07 -24.91
N LEU B 313 7.59 -12.98 -24.78
CA LEU B 313 6.72 -12.49 -25.84
C LEU B 313 5.88 -11.36 -25.27
N ALA B 314 5.59 -10.36 -26.09
CA ALA B 314 4.85 -9.19 -25.64
C ALA B 314 4.12 -8.61 -26.85
N SER B 315 2.81 -8.37 -26.69
CA SER B 315 1.93 -7.91 -27.75
C SER B 315 1.55 -6.45 -27.54
N THR B 316 1.40 -5.71 -28.64
CA THR B 316 0.75 -4.41 -28.58
C THR B 316 -0.77 -4.59 -28.54
N PHE B 317 -1.46 -3.53 -28.14
CA PHE B 317 -2.92 -3.58 -28.05
C PHE B 317 -3.49 -2.29 -28.60
N ARG B 318 -4.35 -2.39 -29.62
CA ARG B 318 -4.93 -1.22 -30.28
C ARG B 318 -3.85 -0.31 -30.86
N ARG B 319 -2.75 -0.89 -31.33
CA ARG B 319 -1.75 -0.13 -32.07
C ARG B 319 -2.25 0.07 -33.51
N ARG B 320 -2.32 1.32 -33.93
CA ARG B 320 -2.83 1.66 -35.26
C ARG B 320 -1.75 2.32 -36.11
N THR B 321 -0.48 2.14 -35.75
CA THR B 321 0.62 2.83 -36.42
C THR B 321 1.66 1.83 -36.89
N PRO B 322 1.32 0.94 -37.84
CA PRO B 322 0.07 0.80 -38.60
C PRO B 322 -0.93 -0.24 -38.04
N ARG B 323 -0.44 -1.19 -37.26
CA ARG B 323 -1.28 -2.26 -36.72
C ARG B 323 -0.52 -2.91 -35.59
N ASP B 324 -1.10 -3.97 -35.03
CA ASP B 324 -0.51 -4.62 -33.88
C ASP B 324 0.66 -5.50 -34.28
N GLU B 325 1.58 -5.68 -33.33
CA GLU B 325 2.77 -6.51 -33.51
C GLU B 325 3.01 -7.30 -32.23
N LEU B 326 3.66 -8.44 -32.39
CA LEU B 326 4.03 -9.30 -31.28
C LEU B 326 5.54 -9.44 -31.31
N TYR B 327 6.19 -9.20 -30.16
CA TYR B 327 7.64 -9.14 -30.11
C TYR B 327 8.18 -10.29 -29.27
N ARG B 328 9.39 -10.74 -29.63
CA ARG B 328 10.12 -11.76 -28.89
C ARG B 328 11.48 -11.22 -28.49
N SER B 329 11.87 -11.50 -27.24
CA SER B 329 13.19 -11.23 -26.73
C SER B 329 13.78 -12.55 -26.23
N VAL B 330 15.08 -12.73 -26.41
CA VAL B 330 15.77 -13.90 -25.87
C VAL B 330 16.75 -13.52 -24.77
N ASP B 331 16.82 -12.24 -24.41
CA ASP B 331 17.75 -11.79 -23.39
C ASP B 331 17.05 -10.93 -22.35
N GLY B 332 15.85 -11.35 -21.96
CA GLY B 332 15.17 -10.77 -20.83
C GLY B 332 14.71 -9.34 -21.01
N GLY B 333 14.49 -8.90 -22.25
CA GLY B 333 13.94 -7.58 -22.51
C GLY B 333 14.93 -6.57 -23.04
N LYS B 334 16.19 -6.96 -23.21
CA LYS B 334 17.21 -6.05 -23.69
C LYS B 334 17.05 -5.74 -25.18
N HIS B 335 16.77 -6.77 -25.97
CA HIS B 335 16.57 -6.62 -27.40
C HIS B 335 15.34 -7.40 -27.81
N TRP B 336 14.62 -6.88 -28.80
CA TRP B 336 13.38 -7.51 -29.24
C TRP B 336 13.40 -7.69 -30.74
N ALA B 337 12.58 -8.63 -31.21
CA ALA B 337 12.36 -8.75 -32.64
C ALA B 337 10.86 -8.81 -32.88
N PRO B 338 10.35 -8.15 -33.92
CA PRO B 338 8.93 -8.29 -34.24
C PRO B 338 8.69 -9.62 -34.92
N LEU B 339 7.49 -10.16 -34.75
CA LEU B 339 7.26 -11.52 -35.16
C LEU B 339 6.29 -11.68 -36.32
N LEU B 340 5.21 -10.90 -36.38
CA LEU B 340 4.13 -11.18 -37.34
C LEU B 340 4.37 -10.61 -38.73
N ALA B 341 5.04 -9.46 -38.84
CA ALA B 341 5.15 -8.80 -40.13
C ALA B 341 5.85 -9.67 -41.16
N ASP B 342 6.90 -10.36 -40.75
CA ASP B 342 7.68 -11.23 -41.62
C ASP B 342 7.19 -12.67 -41.60
N ALA B 343 6.06 -12.95 -40.95
CA ALA B 343 5.63 -14.31 -40.73
C ALA B 343 4.67 -14.77 -41.82
N VAL B 344 4.37 -16.06 -41.80
CA VAL B 344 3.44 -16.66 -42.73
C VAL B 344 2.27 -17.23 -41.93
N PHE B 345 1.05 -16.91 -42.35
CA PHE B 345 -0.16 -17.36 -41.69
C PHE B 345 -0.87 -18.34 -42.60
N ASP B 346 -1.22 -19.51 -42.08
CA ASP B 346 -2.06 -20.46 -42.82
C ASP B 346 -3.51 -20.20 -42.46
N HIS B 347 -4.29 -19.76 -43.46
CA HIS B 347 -5.72 -19.50 -43.30
C HIS B 347 -6.61 -20.63 -43.77
N SER B 348 -6.04 -21.76 -44.22
CA SER B 348 -6.85 -22.78 -44.88
C SER B 348 -7.89 -23.42 -43.96
N ALA B 349 -7.71 -23.33 -42.64
CA ALA B 349 -8.72 -23.81 -41.71
C ALA B 349 -10.00 -22.97 -41.79
N ALA B 350 -9.86 -21.65 -41.83
CA ALA B 350 -11.00 -20.74 -41.87
C ALA B 350 -10.63 -19.64 -42.84
N PRO B 351 -10.99 -19.81 -44.12
CA PRO B 351 -10.50 -18.89 -45.16
C PRO B 351 -10.79 -17.42 -44.90
N TRP B 352 -11.90 -17.11 -44.20
CA TRP B 352 -12.27 -15.72 -43.95
C TRP B 352 -11.24 -14.98 -43.10
N THR B 353 -10.38 -15.70 -42.36
CA THR B 353 -9.35 -15.03 -41.58
C THR B 353 -8.28 -14.39 -42.46
N ALA B 354 -8.18 -14.81 -43.72
CA ALA B 354 -7.26 -14.16 -44.65
C ALA B 354 -7.56 -12.67 -44.79
N HIS B 355 -8.80 -12.25 -44.53
CA HIS B 355 -9.17 -10.84 -44.59
C HIS B 355 -9.31 -10.19 -43.21
N ALA B 356 -8.88 -10.88 -42.15
CA ALA B 356 -8.84 -10.32 -40.82
C ALA B 356 -7.41 -9.87 -40.49
N THR B 357 -7.28 -9.09 -39.42
CA THR B 357 -5.98 -8.62 -38.99
C THR B 357 -5.79 -8.91 -37.52
N PRO B 358 -4.69 -9.55 -37.12
CA PRO B 358 -4.49 -9.84 -35.69
C PRO B 358 -4.56 -8.57 -34.84
N HIS B 359 -5.43 -8.62 -33.84
CA HIS B 359 -5.74 -7.47 -32.99
C HIS B 359 -6.31 -8.03 -31.70
N TRP B 360 -6.44 -7.17 -30.70
CA TRP B 360 -6.87 -7.56 -29.36
C TRP B 360 -6.05 -8.74 -28.83
N MET B 361 -4.74 -8.62 -28.98
CA MET B 361 -3.83 -9.63 -28.43
C MET B 361 -3.65 -9.35 -26.93
N GLY B 362 -4.64 -9.79 -26.15
CA GLY B 362 -4.65 -9.57 -24.72
C GLY B 362 -4.26 -10.78 -23.88
N ALA B 363 -3.73 -11.83 -24.50
CA ALA B 363 -3.30 -13.02 -23.75
C ALA B 363 -2.35 -13.84 -24.60
N LEU B 364 -1.31 -14.38 -23.96
CA LEU B 364 -0.24 -15.13 -24.61
C LEU B 364 0.14 -16.31 -23.74
N ALA B 365 0.64 -17.37 -24.38
CA ALA B 365 1.17 -18.52 -23.63
C ALA B 365 2.12 -19.32 -24.50
N ILE B 366 3.14 -19.89 -23.86
CA ILE B 366 4.15 -20.70 -24.52
C ILE B 366 4.09 -22.11 -23.95
N ASP B 367 4.02 -23.08 -24.83
CA ASP B 367 3.96 -24.48 -24.45
C ASP B 367 5.14 -24.83 -23.55
N PRO B 368 4.93 -25.29 -22.32
CA PRO B 368 6.06 -25.63 -21.43
C PRO B 368 6.80 -26.90 -21.85
N PHE B 369 6.34 -27.59 -22.88
CA PHE B 369 7.03 -28.74 -23.42
C PHE B 369 7.68 -28.46 -24.77
N ASP B 370 7.40 -27.29 -25.36
CA ASP B 370 7.94 -27.00 -26.69
C ASP B 370 7.91 -25.48 -26.88
N GLY B 371 9.08 -24.85 -26.76
CA GLY B 371 9.20 -23.42 -26.99
C GLY B 371 8.89 -22.99 -28.41
N ASN B 372 8.84 -23.94 -29.36
CA ASN B 372 8.37 -23.60 -30.71
C ASN B 372 6.89 -23.27 -30.75
N HIS B 373 6.14 -23.68 -29.74
CA HIS B 373 4.69 -23.65 -29.75
C HIS B 373 4.20 -22.55 -28.81
N ALA B 374 3.71 -21.45 -29.39
CA ALA B 374 3.11 -20.37 -28.62
C ALA B 374 1.75 -20.03 -29.20
N LEU B 375 0.83 -19.65 -28.33
CA LEU B 375 -0.53 -19.23 -28.71
C LEU B 375 -0.70 -17.74 -28.42
N PHE B 376 -1.38 -17.02 -29.31
CA PHE B 376 -1.87 -15.71 -28.93
C PHE B 376 -3.33 -15.61 -29.33
N VAL B 377 -4.09 -14.91 -28.50
CA VAL B 377 -5.52 -14.70 -28.72
C VAL B 377 -5.72 -13.48 -29.60
N THR B 378 -6.87 -13.43 -30.25
CA THR B 378 -7.33 -12.25 -30.97
C THR B 378 -8.82 -12.10 -30.70
N GLY B 379 -9.38 -11.03 -31.23
CA GLY B 379 -10.83 -10.89 -31.22
C GLY B 379 -11.57 -11.86 -32.12
N TYR B 380 -10.87 -12.76 -32.82
CA TYR B 380 -11.55 -13.73 -33.69
C TYR B 380 -11.01 -15.15 -33.55
N GLY B 381 -10.12 -15.41 -32.61
CA GLY B 381 -9.67 -16.77 -32.39
C GLY B 381 -8.22 -16.81 -31.98
N ILE B 382 -7.66 -18.02 -32.08
CA ILE B 382 -6.32 -18.33 -31.57
C ILE B 382 -5.38 -18.54 -32.76
N TRP B 383 -4.16 -18.01 -32.64
CA TRP B 383 -3.06 -18.33 -33.55
C TRP B 383 -1.97 -19.07 -32.78
N ALA B 384 -1.39 -20.08 -33.43
CA ALA B 384 -0.42 -20.97 -32.81
C ALA B 384 0.82 -21.06 -33.69
N SER B 385 1.99 -20.92 -33.09
CA SER B 385 3.24 -21.01 -33.83
C SER B 385 3.71 -22.45 -33.91
N ARG B 386 4.38 -22.79 -35.01
CA ARG B 386 4.97 -24.12 -35.19
C ARG B 386 6.47 -24.15 -34.91
N ASN B 387 7.17 -23.06 -35.19
CA ASN B 387 8.63 -23.04 -35.25
C ASN B 387 9.16 -21.73 -34.66
N LEU B 388 8.75 -21.42 -33.43
CA LEU B 388 9.05 -20.11 -32.87
C LEU B 388 10.52 -19.95 -32.52
N GLN B 389 11.21 -21.02 -32.11
CA GLN B 389 12.63 -20.89 -31.81
C GLN B 389 13.55 -21.26 -32.95
N ASP B 390 13.04 -21.89 -34.00
CA ASP B 390 13.89 -22.39 -35.08
C ASP B 390 13.81 -21.57 -36.36
N PHE B 391 12.80 -20.71 -36.51
CA PHE B 391 12.63 -20.02 -37.79
C PHE B 391 13.78 -19.05 -38.04
N ALA B 392 14.10 -18.88 -39.32
CA ALA B 392 15.11 -17.92 -39.78
C ALA B 392 14.57 -17.31 -41.06
N ALA B 393 13.94 -16.14 -40.92
CA ALA B 393 13.42 -15.44 -42.09
C ALA B 393 14.56 -14.88 -42.93
N PRO B 394 14.40 -14.82 -44.26
CA PRO B 394 13.19 -15.21 -45.00
C PRO B 394 13.19 -16.67 -45.52
N GLN B 395 14.30 -17.41 -45.40
CA GLN B 395 14.34 -18.76 -45.95
C GLN B 395 13.36 -19.69 -45.26
N ARG B 396 13.29 -19.63 -43.93
CA ARG B 396 12.42 -20.48 -43.12
C ARG B 396 11.55 -19.60 -42.21
N PRO B 397 10.50 -18.99 -42.76
CA PRO B 397 9.74 -18.01 -41.98
C PRO B 397 8.96 -18.64 -40.82
N LEU B 398 8.72 -17.82 -39.80
CA LEU B 398 7.81 -18.18 -38.72
C LEU B 398 6.44 -18.56 -39.29
N GLN B 399 5.92 -19.70 -38.85
CA GLN B 399 4.67 -20.23 -39.38
C GLN B 399 3.60 -20.20 -38.29
N TRP B 400 2.51 -19.48 -38.56
CA TRP B 400 1.33 -19.46 -37.69
C TRP B 400 0.20 -20.23 -38.35
N TRP B 401 -0.56 -20.98 -37.56
CA TRP B 401 -1.74 -21.66 -38.04
C TRP B 401 -2.90 -21.41 -37.08
N PHE B 402 -4.11 -21.55 -37.61
CA PHE B 402 -5.32 -21.13 -36.88
C PHE B 402 -5.82 -22.35 -36.11
N GLN B 403 -5.24 -22.54 -34.91
CA GLN B 403 -5.49 -23.71 -34.05
C GLN B 403 -6.83 -23.49 -33.35
N ASP B 404 -7.91 -23.73 -34.09
CA ASP B 404 -9.25 -23.44 -33.59
C ASP B 404 -10.28 -24.53 -33.90
N ARG B 405 -9.85 -25.70 -34.37
CA ARG B 405 -10.77 -26.81 -34.56
C ARG B 405 -11.57 -27.10 -33.30
N GLY B 406 -12.89 -27.23 -33.46
CA GLY B 406 -13.78 -27.44 -32.33
C GLY B 406 -14.17 -26.20 -31.58
N LEU B 407 -13.43 -25.11 -31.72
CA LEU B 407 -13.77 -23.85 -31.06
C LEU B 407 -14.67 -23.02 -31.97
N GLU B 408 -15.88 -22.73 -31.49
CA GLU B 408 -16.85 -21.91 -32.21
C GLU B 408 -17.42 -20.90 -31.23
N GLU B 409 -17.30 -19.61 -31.55
CA GLU B 409 -17.57 -18.57 -30.58
C GLU B 409 -18.38 -17.41 -31.16
N THR B 410 -19.06 -17.60 -32.28
CA THR B 410 -19.80 -16.47 -32.80
C THR B 410 -21.10 -16.28 -32.04
N VAL B 411 -21.68 -15.11 -32.22
CA VAL B 411 -22.99 -14.76 -31.68
C VAL B 411 -23.89 -14.46 -32.87
N PRO B 412 -24.63 -15.43 -33.39
CA PRO B 412 -25.50 -15.15 -34.53
C PRO B 412 -26.64 -14.24 -34.10
N LEU B 413 -27.15 -13.48 -35.06
CA LEU B 413 -28.30 -12.61 -34.84
C LEU B 413 -29.51 -13.01 -35.68
N ASP B 414 -29.30 -13.71 -36.80
CA ASP B 414 -30.41 -14.23 -37.58
C ASP B 414 -29.89 -15.41 -38.39
N LEU B 415 -30.83 -16.26 -38.84
CA LEU B 415 -30.50 -17.45 -39.60
C LEU B 415 -31.61 -17.71 -40.63
N LEU B 416 -31.22 -18.17 -41.82
CA LEU B 416 -32.14 -18.39 -42.91
C LEU B 416 -31.82 -19.72 -43.59
N SER B 417 -32.84 -20.55 -43.73
CA SER B 417 -32.74 -21.77 -44.52
C SER B 417 -33.70 -21.60 -45.68
N PRO B 418 -33.22 -21.20 -46.85
CA PRO B 418 -34.12 -20.88 -47.97
C PRO B 418 -34.65 -22.13 -48.66
N MET B 419 -35.63 -21.92 -49.54
CA MET B 419 -36.27 -23.05 -50.19
C MET B 419 -35.39 -23.70 -51.26
N ALA B 420 -34.34 -23.00 -51.70
CA ALA B 420 -33.37 -23.53 -52.64
C ALA B 420 -32.08 -22.76 -52.42
N GLY B 421 -30.97 -23.30 -52.93
CA GLY B 421 -29.65 -22.73 -52.71
C GLY B 421 -28.91 -23.41 -51.57
N ALA B 422 -28.03 -22.69 -50.88
CA ALA B 422 -27.47 -23.24 -49.66
C ALA B 422 -28.58 -23.52 -48.66
N HIS B 423 -28.31 -24.45 -47.74
CA HIS B 423 -29.29 -24.76 -46.71
C HIS B 423 -29.23 -23.80 -45.53
N LEU B 424 -28.18 -23.01 -45.40
CA LEU B 424 -28.10 -22.05 -44.30
C LEU B 424 -27.37 -20.78 -44.74
N LEU B 425 -27.96 -19.63 -44.44
CA LEU B 425 -27.31 -18.34 -44.57
C LEU B 425 -27.35 -17.66 -43.21
N SER B 426 -26.24 -17.08 -42.79
CA SER B 426 -26.12 -16.62 -41.42
C SER B 426 -25.91 -15.11 -41.37
N ALA B 427 -26.43 -14.52 -40.30
CA ALA B 427 -26.23 -13.11 -39.97
C ALA B 427 -25.64 -13.10 -38.57
N LEU B 428 -24.40 -12.64 -38.46
CA LEU B 428 -23.59 -12.83 -37.27
C LEU B 428 -23.07 -11.49 -36.75
N GLY B 429 -22.93 -11.41 -35.43
CA GLY B 429 -22.21 -10.29 -34.86
C GLY B 429 -20.78 -10.28 -35.35
N ASP B 430 -20.26 -9.06 -35.57
CA ASP B 430 -18.83 -8.83 -35.78
C ASP B 430 -18.32 -9.24 -37.16
N ILE B 431 -18.77 -10.37 -37.70
CA ILE B 431 -18.17 -10.86 -38.93
C ILE B 431 -19.19 -11.05 -40.03
N ASP B 432 -20.34 -10.37 -39.92
CA ASP B 432 -21.30 -10.22 -41.00
C ASP B 432 -22.07 -11.52 -41.24
N GLY B 433 -21.47 -12.50 -41.90
CA GLY B 433 -22.13 -13.77 -42.08
C GLY B 433 -21.58 -14.53 -43.27
N PHE B 434 -22.18 -15.71 -43.50
CA PHE B 434 -21.73 -16.60 -44.56
C PHE B 434 -22.92 -17.22 -45.29
N ARG B 435 -22.68 -17.55 -46.54
CA ARG B 435 -23.51 -18.51 -47.26
C ARG B 435 -22.86 -19.86 -47.08
N HIS B 436 -23.48 -20.74 -46.29
CA HIS B 436 -22.82 -22.00 -45.89
C HIS B 436 -23.07 -23.07 -46.93
N ASP B 437 -22.25 -23.03 -47.99
CA ASP B 437 -22.32 -24.07 -49.02
C ASP B 437 -22.19 -25.47 -48.43
N GLU B 438 -21.27 -25.62 -47.47
CA GLU B 438 -21.10 -26.84 -46.69
C GLU B 438 -21.08 -26.46 -45.21
N LEU B 439 -21.92 -27.12 -44.41
CA LEU B 439 -22.04 -26.85 -42.98
C LEU B 439 -20.83 -27.30 -42.17
N ASP B 440 -19.97 -28.14 -42.74
CA ASP B 440 -18.85 -28.69 -42.01
C ASP B 440 -17.50 -28.19 -42.51
N ARG B 441 -17.50 -27.21 -43.41
CA ARG B 441 -16.28 -26.55 -43.89
C ARG B 441 -16.45 -25.05 -43.76
N ALA B 442 -15.42 -24.37 -43.27
CA ALA B 442 -15.50 -22.93 -43.09
C ALA B 442 -15.46 -22.21 -44.44
N GLN B 443 -16.12 -21.06 -44.51
CA GLN B 443 -16.39 -20.37 -45.77
C GLN B 443 -15.72 -19.00 -45.78
N LEU B 444 -15.82 -18.33 -46.93
CA LEU B 444 -15.58 -16.90 -47.00
C LEU B 444 -16.87 -16.16 -46.63
N GLN B 445 -16.71 -14.97 -46.06
CA GLN B 445 -17.86 -14.12 -45.78
C GLN B 445 -18.53 -13.70 -47.09
N TYR B 446 -19.79 -13.24 -46.98
CA TYR B 446 -20.54 -12.76 -48.13
C TYR B 446 -19.69 -11.87 -49.03
N ALA B 447 -19.69 -12.18 -50.33
CA ALA B 447 -19.06 -11.30 -51.30
C ALA B 447 -19.84 -9.99 -51.43
N GLY B 448 -19.13 -8.93 -51.79
CA GLY B 448 -19.74 -7.62 -51.85
C GLY B 448 -19.45 -6.79 -50.63
N PRO B 449 -20.25 -5.73 -50.42
CA PRO B 449 -19.98 -4.82 -49.29
C PRO B 449 -19.98 -5.55 -47.95
N ARG B 450 -19.12 -5.11 -47.05
CA ARG B 450 -18.91 -5.77 -45.75
C ARG B 450 -19.68 -5.03 -44.66
N LEU B 451 -20.53 -5.75 -43.95
CA LEU B 451 -21.19 -5.23 -42.76
C LEU B 451 -20.37 -5.66 -41.54
N THR B 452 -20.54 -4.93 -40.44
CA THR B 452 -19.96 -5.38 -39.18
C THR B 452 -20.82 -6.50 -38.58
N ASN B 453 -22.03 -6.17 -38.12
CA ASN B 453 -23.03 -7.16 -37.71
C ASN B 453 -23.91 -7.49 -38.90
N GLY B 454 -24.16 -8.77 -39.12
CA GLY B 454 -25.33 -9.17 -39.85
C GLY B 454 -26.44 -9.29 -38.84
N GLU B 455 -27.48 -8.47 -38.96
CA GLU B 455 -28.54 -8.40 -37.97
C GLU B 455 -29.79 -9.17 -38.37
N SER B 456 -30.14 -9.15 -39.66
CA SER B 456 -31.39 -9.72 -40.15
C SER B 456 -31.19 -10.18 -41.58
N ILE B 457 -31.84 -11.29 -41.95
CA ILE B 457 -31.63 -11.90 -43.27
C ILE B 457 -32.89 -12.67 -43.66
N ASP B 458 -33.29 -12.56 -44.93
CA ASP B 458 -34.50 -13.21 -45.43
C ASP B 458 -34.40 -13.48 -46.93
N ALA B 459 -35.22 -14.42 -47.41
CA ALA B 459 -35.25 -14.77 -48.82
C ALA B 459 -36.69 -14.99 -49.27
N ALA B 460 -36.95 -14.66 -50.54
CA ALA B 460 -38.29 -14.75 -51.10
C ALA B 460 -38.76 -16.19 -51.09
N GLY B 461 -39.98 -16.39 -50.59
CA GLY B 461 -40.49 -17.75 -50.41
C GLY B 461 -40.70 -18.50 -51.71
N GLN B 462 -41.16 -17.80 -52.76
CA GLN B 462 -41.35 -18.43 -54.06
C GLN B 462 -40.23 -18.11 -55.04
N ALA B 463 -39.24 -17.34 -54.61
CA ALA B 463 -38.10 -16.96 -55.45
C ALA B 463 -36.84 -16.93 -54.58
N PRO B 464 -36.38 -18.09 -54.14
CA PRO B 464 -35.35 -18.13 -53.09
C PRO B 464 -34.00 -17.58 -53.49
N GLN B 465 -33.73 -17.36 -54.78
CA GLN B 465 -32.46 -16.74 -55.17
C GLN B 465 -32.37 -15.30 -54.68
N TRP B 466 -33.50 -14.66 -54.41
CA TRP B 466 -33.53 -13.27 -53.96
C TRP B 466 -33.42 -13.23 -52.44
N VAL B 467 -32.30 -12.72 -51.95
CA VAL B 467 -32.00 -12.64 -50.53
C VAL B 467 -31.77 -11.18 -50.18
N VAL B 468 -32.18 -10.79 -48.98
CA VAL B 468 -31.87 -9.48 -48.42
C VAL B 468 -31.28 -9.65 -47.03
N ARG B 469 -30.33 -8.77 -46.67
CA ARG B 469 -29.84 -8.71 -45.31
C ARG B 469 -29.59 -7.27 -44.88
N SER B 470 -29.65 -7.04 -43.57
CA SER B 470 -29.32 -5.75 -43.00
C SER B 470 -28.39 -5.95 -41.81
N GLY B 471 -27.75 -4.85 -41.40
CA GLY B 471 -26.88 -4.90 -40.25
C GLY B 471 -26.29 -3.56 -39.87
N THR B 472 -25.11 -3.60 -39.24
CA THR B 472 -24.41 -2.42 -38.77
C THR B 472 -23.15 -2.21 -39.59
N VAL B 473 -22.61 -1.00 -39.50
CA VAL B 473 -21.24 -0.71 -39.89
C VAL B 473 -20.66 0.09 -38.74
N ARG B 474 -19.66 -0.48 -38.06
CA ARG B 474 -19.13 0.10 -36.83
C ARG B 474 -18.37 1.39 -37.11
N ASP B 475 -17.42 1.35 -38.05
CA ASP B 475 -16.66 2.53 -38.45
C ASP B 475 -17.29 2.99 -39.77
N ARG B 476 -18.29 3.87 -39.66
CA ARG B 476 -19.15 4.27 -40.78
C ARG B 476 -18.81 5.69 -41.19
N ARG B 477 -17.85 5.84 -42.10
CA ARG B 477 -17.36 7.16 -42.50
C ARG B 477 -18.06 7.73 -43.72
N ASN B 478 -18.76 6.88 -44.49
CA ASN B 478 -19.18 7.23 -45.84
C ASN B 478 -20.66 6.97 -46.09
N ASN B 479 -21.49 7.03 -45.03
CA ASN B 479 -22.93 6.79 -45.16
C ASN B 479 -23.19 5.43 -45.82
N GLU B 480 -22.43 4.43 -45.39
CA GLU B 480 -22.55 3.09 -45.96
C GLU B 480 -23.98 2.56 -45.79
N ILE B 481 -24.60 2.14 -46.89
CA ILE B 481 -25.98 1.64 -46.84
C ILE B 481 -26.01 0.28 -46.15
N ARG B 482 -26.89 0.14 -45.16
CA ARG B 482 -26.85 -1.03 -44.29
C ARG B 482 -27.93 -2.07 -44.61
N ALA B 483 -28.50 -2.04 -45.81
CA ALA B 483 -29.27 -3.15 -46.34
C ALA B 483 -28.68 -3.55 -47.69
N LEU B 484 -28.60 -4.86 -47.94
CA LEU B 484 -28.00 -5.39 -49.15
C LEU B 484 -28.88 -6.51 -49.69
N TYR B 485 -28.85 -6.68 -51.02
CA TYR B 485 -29.65 -7.71 -51.68
C TYR B 485 -28.79 -8.54 -52.61
N SER B 486 -29.20 -9.80 -52.80
CA SER B 486 -28.57 -10.72 -53.73
C SER B 486 -29.65 -11.30 -54.62
N ARG B 487 -29.30 -11.56 -55.89
CA ARG B 487 -30.23 -12.24 -56.80
C ARG B 487 -29.75 -13.64 -57.15
N ASP B 488 -28.66 -14.11 -56.53
CA ASP B 488 -28.10 -15.43 -56.81
C ASP B 488 -27.95 -16.25 -55.53
N GLY B 489 -28.80 -16.03 -54.54
CA GLY B 489 -28.80 -16.86 -53.35
C GLY B 489 -27.71 -16.53 -52.35
N GLY B 490 -27.19 -15.31 -52.37
CA GLY B 490 -26.16 -14.90 -51.45
C GLY B 490 -24.73 -15.06 -51.93
N LYS B 491 -24.52 -15.37 -53.22
CA LYS B 491 -23.16 -15.45 -53.74
C LYS B 491 -22.57 -14.07 -53.98
N GLN B 492 -23.37 -13.15 -54.54
CA GLN B 492 -22.96 -11.79 -54.84
C GLN B 492 -24.03 -10.85 -54.31
N TRP B 493 -23.59 -9.70 -53.80
CA TRP B 493 -24.51 -8.77 -53.15
C TRP B 493 -24.33 -7.35 -53.67
N THR B 494 -25.43 -6.60 -53.65
CA THR B 494 -25.45 -5.20 -54.00
C THR B 494 -26.14 -4.42 -52.90
N ALA B 495 -25.59 -3.25 -52.55
CA ALA B 495 -26.22 -2.41 -51.55
C ALA B 495 -27.55 -1.88 -52.07
N PHE B 496 -28.52 -1.70 -51.16
CA PHE B 496 -29.74 -0.98 -51.55
C PHE B 496 -29.36 0.41 -52.02
N ALA B 497 -30.24 1.01 -52.83
CA ALA B 497 -29.94 2.33 -53.39
C ALA B 497 -29.92 3.42 -52.32
N SER B 498 -30.61 3.21 -51.20
CA SER B 498 -30.64 4.16 -50.09
C SER B 498 -31.24 3.47 -48.89
N GLU B 499 -31.06 4.09 -47.71
CA GLU B 499 -31.81 3.73 -46.52
C GLU B 499 -33.07 4.57 -46.42
N PRO B 500 -34.06 4.13 -45.64
CA PRO B 500 -35.27 4.96 -45.46
C PRO B 500 -34.94 6.23 -44.68
N PRO B 501 -35.83 7.22 -44.68
CA PRO B 501 -35.46 8.51 -44.08
C PRO B 501 -35.62 8.55 -42.57
N ALA B 502 -35.57 7.39 -41.90
CA ALA B 502 -35.73 7.29 -40.46
C ALA B 502 -35.07 6.01 -39.98
N GLY B 503 -34.36 6.09 -38.85
CA GLY B 503 -33.72 4.92 -38.27
C GLY B 503 -32.21 4.94 -38.43
N GLN B 504 -31.59 3.90 -37.88
CA GLN B 504 -30.13 3.73 -37.82
C GLN B 504 -29.71 2.35 -38.29
N GLY B 505 -30.24 1.89 -39.43
CA GLY B 505 -29.77 0.61 -39.94
C GLY B 505 -30.18 -0.56 -39.06
N ALA B 506 -29.49 -1.69 -39.25
CA ALA B 506 -29.77 -2.94 -38.54
C ALA B 506 -31.24 -3.31 -38.63
N GLY B 507 -31.86 -3.49 -37.46
CA GLY B 507 -33.27 -3.74 -37.36
C GLY B 507 -33.65 -5.08 -37.98
N SER B 508 -34.83 -5.12 -38.61
CA SER B 508 -35.34 -6.34 -39.23
C SER B 508 -35.78 -6.04 -40.65
N ILE B 509 -35.64 -7.04 -41.51
CA ILE B 509 -35.93 -6.88 -42.94
C ILE B 509 -36.62 -8.13 -43.46
N ALA B 510 -37.40 -7.98 -44.53
CA ALA B 510 -38.15 -9.12 -45.03
C ALA B 510 -38.46 -8.90 -46.50
N ILE B 511 -38.54 -9.99 -47.25
CA ILE B 511 -38.80 -9.90 -48.68
C ILE B 511 -40.02 -10.77 -49.01
N GLY B 512 -40.91 -10.21 -49.84
CA GLY B 512 -42.16 -10.86 -50.18
C GLY B 512 -41.97 -12.11 -51.02
N ALA B 513 -43.06 -12.87 -51.15
CA ALA B 513 -42.97 -14.23 -51.68
C ALA B 513 -42.40 -14.27 -53.09
N ASP B 514 -42.65 -13.21 -53.88
CA ASP B 514 -42.18 -13.16 -55.26
C ASP B 514 -41.01 -12.19 -55.44
N ALA B 515 -40.43 -11.70 -54.35
CA ALA B 515 -39.29 -10.78 -54.33
C ALA B 515 -39.62 -9.41 -54.89
N ALA B 516 -40.89 -9.09 -55.10
CA ALA B 516 -41.25 -7.77 -55.61
C ALA B 516 -41.22 -6.69 -54.53
N GLN B 517 -41.44 -7.03 -53.26
CA GLN B 517 -41.46 -6.03 -52.18
C GLN B 517 -40.53 -6.40 -51.04
N VAL B 518 -39.81 -5.41 -50.52
CA VAL B 518 -39.04 -5.54 -49.28
C VAL B 518 -39.61 -4.56 -48.26
N VAL B 519 -39.76 -5.03 -47.04
CA VAL B 519 -40.06 -4.17 -45.89
C VAL B 519 -38.86 -4.20 -44.95
N TRP B 520 -38.31 -3.03 -44.67
CA TRP B 520 -37.21 -2.89 -43.74
C TRP B 520 -37.66 -1.97 -42.60
N ALA B 521 -37.43 -2.42 -41.36
CA ALA B 521 -37.61 -1.60 -40.17
C ALA B 521 -36.24 -1.36 -39.56
N PRO B 522 -35.56 -0.27 -39.92
CA PRO B 522 -34.29 0.05 -39.26
C PRO B 522 -34.53 0.35 -37.79
N GLU B 523 -33.49 0.13 -36.99
CA GLU B 523 -33.52 0.46 -35.58
C GLU B 523 -34.08 1.86 -35.36
N ARG B 524 -35.15 1.94 -34.55
CA ARG B 524 -35.83 3.19 -34.22
C ARG B 524 -36.34 3.93 -35.46
N GLY B 525 -36.72 3.19 -36.49
CA GLY B 525 -37.18 3.83 -37.72
C GLY B 525 -38.61 3.54 -38.16
N GLY B 526 -39.22 2.49 -37.63
CA GLY B 526 -40.47 2.02 -38.19
C GLY B 526 -40.27 1.31 -39.53
N ASN B 527 -41.38 0.84 -40.10
CA ASN B 527 -41.35 -0.01 -41.28
C ASN B 527 -41.53 0.77 -42.57
N TRP B 528 -40.69 0.46 -43.55
CA TRP B 528 -40.66 1.14 -44.85
C TRP B 528 -40.68 0.10 -45.97
N ARG B 529 -41.47 0.39 -47.00
CA ARG B 529 -41.70 -0.51 -48.12
C ARG B 529 -40.90 -0.04 -49.33
N THR B 530 -40.26 -0.99 -50.03
CA THR B 530 -39.63 -0.66 -51.30
C THR B 530 -39.89 -1.77 -52.31
N SER B 531 -40.22 -1.37 -53.54
CA SER B 531 -40.35 -2.31 -54.64
C SER B 531 -39.16 -2.23 -55.59
N ASP B 532 -38.14 -1.45 -55.26
CA ASP B 532 -36.99 -1.29 -56.13
C ASP B 532 -35.70 -1.23 -55.31
N PHE B 533 -35.62 -2.05 -54.27
CA PHE B 533 -34.41 -2.18 -53.44
C PHE B 533 -33.81 -0.81 -53.08
N GLY B 534 -34.68 0.10 -52.67
CA GLY B 534 -34.23 1.35 -52.09
C GLY B 534 -34.11 2.53 -53.04
N ALA B 535 -34.44 2.37 -54.33
CA ALA B 535 -34.58 3.56 -55.15
C ALA B 535 -35.63 4.49 -54.55
N GLN B 536 -36.70 3.92 -54.01
CA GLN B 536 -37.76 4.67 -53.35
C GLN B 536 -38.26 3.91 -52.13
N TRP B 537 -38.46 4.63 -51.02
CA TRP B 537 -39.08 4.07 -49.81
C TRP B 537 -40.41 4.77 -49.53
N GLN B 538 -41.40 4.01 -49.03
CA GLN B 538 -42.64 4.56 -48.49
C GLN B 538 -42.91 3.96 -47.11
N ARG B 539 -43.33 4.80 -46.16
CA ARG B 539 -43.64 4.24 -44.85
C ARG B 539 -44.85 3.33 -44.95
N VAL B 540 -44.76 2.16 -44.32
CA VAL B 540 -45.88 1.23 -44.32
C VAL B 540 -47.03 1.82 -43.51
N ASP B 541 -48.20 1.93 -44.12
CA ASP B 541 -49.36 2.50 -43.44
C ASP B 541 -49.96 1.53 -42.42
N GLY B 542 -50.33 2.07 -41.27
CA GLY B 542 -51.14 1.34 -40.33
C GLY B 542 -50.39 0.53 -39.28
N LEU B 543 -49.08 0.67 -39.19
CA LEU B 543 -48.31 -0.02 -38.19
C LEU B 543 -47.64 0.98 -37.25
N PRO B 544 -47.63 0.72 -35.94
CA PRO B 544 -46.75 1.48 -35.06
C PRO B 544 -45.29 1.18 -35.35
N ASP B 545 -44.42 2.10 -34.92
CA ASP B 545 -43.02 1.99 -35.25
C ASP B 545 -42.37 0.75 -34.64
N THR B 546 -42.99 0.18 -33.62
CA THR B 546 -42.47 -0.97 -32.90
C THR B 546 -42.94 -2.30 -33.50
N ALA B 547 -43.54 -2.27 -34.68
CA ALA B 547 -43.97 -3.50 -35.34
C ALA B 547 -42.80 -4.16 -36.05
N VAL B 548 -42.84 -5.49 -36.12
CA VAL B 548 -41.92 -6.25 -36.94
C VAL B 548 -42.75 -7.01 -37.97
N VAL B 549 -42.29 -7.00 -39.21
CA VAL B 549 -43.07 -7.42 -40.36
C VAL B 549 -42.45 -8.70 -40.92
N MET B 550 -43.27 -9.71 -41.15
CA MET B 550 -42.84 -10.92 -41.84
C MET B 550 -43.69 -11.12 -43.09
N ALA B 551 -43.11 -11.75 -44.11
CA ALA B 551 -43.80 -11.98 -45.38
C ALA B 551 -44.38 -13.38 -45.43
N ASP B 552 -45.54 -13.51 -46.07
CA ASP B 552 -46.03 -14.84 -46.40
C ASP B 552 -45.09 -15.49 -47.39
N ARG B 553 -45.00 -16.82 -47.33
CA ARG B 553 -44.05 -17.53 -48.16
C ARG B 553 -44.61 -17.95 -49.51
N VAL B 554 -45.93 -17.84 -49.71
CA VAL B 554 -46.59 -18.32 -50.91
C VAL B 554 -47.25 -17.17 -51.69
N ASP B 555 -48.00 -16.31 -50.98
CA ASP B 555 -48.83 -15.28 -51.60
C ASP B 555 -48.14 -13.96 -51.35
N ALA B 556 -47.65 -13.34 -52.44
CA ALA B 556 -46.96 -12.06 -52.33
C ALA B 556 -47.86 -10.93 -51.83
N ARG B 557 -49.18 -11.08 -51.94
CA ARG B 557 -50.06 -10.05 -51.40
C ARG B 557 -50.06 -10.02 -49.87
N ARG B 558 -49.64 -11.10 -49.21
CA ARG B 558 -49.83 -11.27 -47.77
C ARG B 558 -48.55 -10.98 -46.99
N TRP B 559 -48.70 -10.17 -45.93
CA TRP B 559 -47.67 -9.95 -44.92
C TRP B 559 -48.33 -9.91 -43.55
N TYR B 560 -47.51 -10.05 -42.51
CA TYR B 560 -47.99 -10.04 -41.14
C TYR B 560 -47.04 -9.20 -40.31
N ALA B 561 -47.53 -8.76 -39.15
CA ALA B 561 -46.72 -7.95 -38.26
C ALA B 561 -47.15 -8.20 -36.81
N VAL B 562 -46.19 -8.12 -35.90
CA VAL B 562 -46.47 -8.17 -34.46
C VAL B 562 -45.83 -6.95 -33.84
N ASP B 563 -46.63 -6.14 -33.16
CA ASP B 563 -46.11 -5.04 -32.39
C ASP B 563 -45.41 -5.60 -31.16
N VAL B 564 -44.08 -5.44 -31.08
CA VAL B 564 -43.37 -6.05 -29.95
C VAL B 564 -43.71 -5.37 -28.63
N ALA B 565 -44.21 -4.13 -28.66
CA ALA B 565 -44.59 -3.44 -27.43
C ALA B 565 -45.90 -3.96 -26.87
N SER B 566 -46.89 -4.18 -27.73
CA SER B 566 -48.24 -4.52 -27.30
C SER B 566 -48.61 -5.98 -27.50
N GLY B 567 -47.91 -6.70 -28.36
CA GLY B 567 -48.28 -8.07 -28.71
C GLY B 567 -49.42 -8.17 -29.70
N GLN B 568 -49.87 -7.05 -30.26
CA GLN B 568 -50.97 -7.07 -31.21
C GLN B 568 -50.51 -7.62 -32.55
N LEU B 569 -51.39 -8.37 -33.20
CA LEU B 569 -51.12 -8.95 -34.51
C LEU B 569 -51.77 -8.09 -35.58
N TYR B 570 -51.01 -7.79 -36.62
CA TYR B 570 -51.48 -7.03 -37.78
C TYR B 570 -51.35 -7.86 -39.04
N GLU B 571 -52.10 -7.46 -40.07
CA GLU B 571 -52.28 -8.25 -41.27
C GLU B 571 -52.34 -7.35 -42.48
N SER B 572 -51.62 -7.72 -43.54
CA SER B 572 -51.69 -7.04 -44.83
C SER B 572 -52.14 -8.01 -45.92
N THR B 573 -53.03 -7.53 -46.79
CA THR B 573 -53.41 -8.27 -47.98
C THR B 573 -53.23 -7.42 -49.23
N ASP B 574 -52.46 -6.34 -49.15
CA ASP B 574 -52.17 -5.48 -50.30
C ASP B 574 -50.68 -5.34 -50.54
N ALA B 575 -49.93 -6.42 -50.34
CA ALA B 575 -48.51 -6.47 -50.64
C ALA B 575 -47.72 -5.52 -49.75
N ALA B 576 -48.23 -5.30 -48.53
CA ALA B 576 -47.61 -4.58 -47.41
C ALA B 576 -47.70 -3.06 -47.55
N ARG B 577 -48.51 -2.57 -48.48
CA ARG B 577 -48.82 -1.14 -48.50
C ARG B 577 -49.41 -0.69 -47.17
N SER B 578 -50.32 -1.50 -46.61
CA SER B 578 -51.05 -1.13 -45.41
C SER B 578 -51.36 -2.39 -44.62
N PHE B 579 -51.48 -2.23 -43.30
CA PHE B 579 -51.80 -3.30 -42.38
C PHE B 579 -53.02 -2.92 -41.55
N ARG B 580 -53.84 -3.90 -41.24
CA ARG B 580 -54.96 -3.73 -40.34
C ARG B 580 -54.65 -4.39 -39.01
N ALA B 581 -55.08 -3.76 -37.92
CA ALA B 581 -55.04 -4.45 -36.64
C ALA B 581 -56.06 -5.57 -36.65
N THR B 582 -55.62 -6.79 -36.32
CA THR B 582 -56.54 -7.92 -36.29
C THR B 582 -57.35 -7.99 -35.00
N GLY B 583 -56.98 -7.22 -33.99
CA GLY B 583 -57.62 -7.28 -32.69
C GLY B 583 -57.11 -8.37 -31.79
N VAL B 584 -56.18 -9.20 -32.26
CA VAL B 584 -55.78 -10.41 -31.56
C VAL B 584 -54.43 -10.20 -30.89
N GLN B 585 -54.33 -10.64 -29.64
CA GLN B 585 -53.14 -10.49 -28.82
C GLN B 585 -52.35 -11.79 -28.88
N VAL B 586 -51.12 -11.74 -29.39
CA VAL B 586 -50.31 -12.94 -29.54
C VAL B 586 -49.11 -12.96 -28.61
N GLY B 587 -48.98 -11.96 -27.74
CA GLY B 587 -47.92 -11.94 -26.76
C GLY B 587 -46.64 -11.29 -27.22
N SER B 588 -46.06 -10.46 -26.35
CA SER B 588 -44.79 -9.83 -26.65
C SER B 588 -43.66 -10.86 -26.68
N PRO B 589 -42.58 -10.54 -27.37
CA PRO B 589 -41.46 -11.49 -27.47
C PRO B 589 -40.60 -11.56 -26.21
N ALA B 590 -39.90 -12.70 -26.10
CA ALA B 590 -38.91 -12.91 -25.05
C ALA B 590 -37.65 -12.11 -25.33
N ARG B 591 -37.07 -11.54 -24.28
CA ARG B 591 -35.74 -10.93 -24.37
C ARG B 591 -34.69 -11.97 -24.76
N ASP B 592 -33.78 -11.57 -25.64
CA ASP B 592 -32.69 -12.40 -26.12
C ASP B 592 -31.64 -11.46 -26.72
N GLU B 593 -30.70 -12.01 -27.50
CA GLU B 593 -29.73 -11.17 -28.21
C GLU B 593 -30.47 -10.02 -28.87
N ARG B 594 -31.44 -10.35 -29.73
CA ARG B 594 -32.35 -9.40 -30.35
C ARG B 594 -33.77 -9.86 -30.10
N THR B 595 -34.52 -9.11 -29.29
CA THR B 595 -35.94 -9.37 -29.10
C THR B 595 -36.68 -9.36 -30.44
N ARG B 596 -37.24 -10.50 -30.81
CA ARG B 596 -37.92 -10.58 -32.08
C ARG B 596 -39.16 -11.47 -31.98
N PRO B 597 -40.31 -10.99 -32.42
CA PRO B 597 -41.51 -11.84 -32.41
C PRO B 597 -41.28 -13.10 -33.24
N GLN B 598 -41.80 -14.20 -32.74
CA GLN B 598 -41.72 -15.49 -33.43
C GLN B 598 -42.98 -15.67 -34.25
N LEU B 599 -42.89 -15.31 -35.53
CA LEU B 599 -44.00 -15.41 -36.47
C LEU B 599 -43.48 -16.13 -37.70
N ARG B 600 -44.02 -17.32 -37.97
CA ARG B 600 -43.47 -18.22 -38.98
C ARG B 600 -44.54 -18.62 -39.98
N PRO B 601 -44.66 -17.91 -41.10
CA PRO B 601 -45.60 -18.33 -42.14
C PRO B 601 -45.24 -19.71 -42.70
N ASP B 602 -46.26 -20.49 -43.02
CA ASP B 602 -46.07 -21.86 -43.50
C ASP B 602 -45.41 -21.82 -44.88
N PRO B 603 -44.24 -22.45 -45.07
CA PRO B 603 -43.57 -22.38 -46.37
C PRO B 603 -44.41 -22.88 -47.53
N TRP B 604 -45.45 -23.68 -47.29
CA TRP B 604 -46.21 -24.31 -48.37
C TRP B 604 -47.67 -23.87 -48.45
N ARG B 605 -48.12 -22.97 -47.59
CA ARG B 605 -49.54 -22.64 -47.55
C ARG B 605 -49.69 -21.13 -47.34
N ALA B 606 -50.28 -20.48 -48.33
CA ALA B 606 -50.61 -19.07 -48.19
C ALA B 606 -51.58 -18.87 -47.02
N GLY B 607 -51.29 -17.88 -46.17
CA GLY B 607 -52.21 -17.46 -45.15
C GLY B 607 -52.25 -18.31 -43.90
N VAL B 608 -51.30 -19.22 -43.72
CA VAL B 608 -51.16 -20.03 -42.51
C VAL B 608 -49.90 -19.59 -41.79
N VAL B 609 -50.03 -19.22 -40.52
CA VAL B 609 -48.93 -18.64 -39.77
C VAL B 609 -48.85 -19.31 -38.41
N TYR B 610 -47.65 -19.77 -38.05
CA TYR B 610 -47.39 -20.31 -36.73
C TYR B 610 -46.67 -19.26 -35.89
N LEU B 611 -47.10 -19.11 -34.64
CA LEU B 611 -46.55 -18.09 -33.75
C LEU B 611 -46.21 -18.68 -32.38
N ALA B 612 -45.29 -18.02 -31.69
CA ALA B 612 -44.92 -18.37 -30.33
C ALA B 612 -44.65 -17.11 -29.52
N SER B 613 -44.90 -17.19 -28.21
CA SER B 613 -44.50 -16.14 -27.28
C SER B 613 -44.52 -16.72 -25.88
N PRO B 614 -43.72 -16.20 -24.96
CA PRO B 614 -43.79 -16.70 -23.58
C PRO B 614 -45.16 -16.55 -22.96
N GLY B 615 -45.88 -15.48 -23.29
CA GLY B 615 -47.13 -15.21 -22.62
C GLY B 615 -48.30 -16.05 -23.10
N LYS B 616 -48.28 -16.46 -24.37
CA LYS B 616 -49.42 -17.12 -24.98
C LYS B 616 -49.14 -18.54 -25.48
N GLY B 617 -47.89 -18.97 -25.55
CA GLY B 617 -47.59 -20.35 -25.96
C GLY B 617 -47.33 -20.44 -27.45
N VAL B 618 -47.95 -21.43 -28.10
CA VAL B 618 -47.72 -21.70 -29.52
C VAL B 618 -49.06 -21.67 -30.23
N MET B 619 -49.17 -20.83 -31.26
CA MET B 619 -50.44 -20.50 -31.87
C MET B 619 -50.39 -20.70 -33.39
N ARG B 620 -51.56 -20.89 -33.97
CA ARG B 620 -51.73 -20.87 -35.41
C ARG B 620 -52.72 -19.78 -35.78
N TRP B 621 -52.36 -18.97 -36.76
CA TRP B 621 -53.22 -17.92 -37.30
C TRP B 621 -53.65 -18.28 -38.72
N GLN B 622 -54.96 -18.44 -38.92
CA GLN B 622 -55.45 -18.91 -40.20
C GLN B 622 -56.92 -18.50 -40.36
N ASP B 623 -57.26 -17.98 -41.54
CA ASP B 623 -58.64 -17.64 -41.90
C ASP B 623 -59.29 -16.73 -40.85
N GLY B 624 -58.52 -15.76 -40.36
CA GLY B 624 -59.02 -14.79 -39.41
C GLY B 624 -59.18 -15.27 -37.99
N THR B 625 -58.64 -16.44 -37.66
CA THR B 625 -58.82 -17.08 -36.36
C THR B 625 -57.47 -17.39 -35.74
N LEU B 626 -57.34 -17.15 -34.45
CA LEU B 626 -56.20 -17.63 -33.68
C LEU B 626 -56.59 -18.92 -32.97
N GLN B 627 -55.77 -19.95 -33.13
CA GLN B 627 -55.89 -21.16 -32.34
C GLN B 627 -54.64 -21.31 -31.50
N VAL B 628 -54.83 -21.46 -30.19
CA VAL B 628 -53.73 -21.83 -29.28
C VAL B 628 -53.49 -23.33 -29.42
N LEU B 629 -52.27 -23.70 -29.86
CA LEU B 629 -52.01 -25.12 -30.08
C LEU B 629 -51.53 -25.82 -28.81
N SER B 630 -50.65 -25.17 -28.07
CA SER B 630 -50.16 -25.69 -26.81
C SER B 630 -49.70 -24.50 -26.00
N GLN B 631 -49.45 -24.73 -24.72
CA GLN B 631 -49.07 -23.67 -23.80
C GLN B 631 -47.86 -24.10 -22.98
N PRO B 632 -46.68 -24.21 -23.60
CA PRO B 632 -45.47 -24.45 -22.82
C PRO B 632 -45.27 -23.38 -21.76
N ASP B 633 -44.45 -23.70 -20.76
CA ASP B 633 -44.12 -22.71 -19.74
C ASP B 633 -43.49 -21.46 -20.36
N GLU B 634 -42.64 -21.64 -21.38
CA GLU B 634 -42.03 -20.50 -22.04
C GLU B 634 -41.66 -20.89 -23.46
N ALA B 635 -42.42 -20.40 -24.43
CA ALA B 635 -42.15 -20.61 -25.85
C ALA B 635 -41.35 -19.42 -26.36
N ARG B 636 -40.02 -19.56 -26.41
CA ARG B 636 -39.12 -18.44 -26.72
C ARG B 636 -38.86 -18.29 -28.21
N SER B 637 -38.56 -19.37 -28.93
CA SER B 637 -38.07 -19.28 -30.29
C SER B 637 -38.63 -20.44 -31.11
N LEU B 638 -39.25 -20.12 -32.25
CA LEU B 638 -40.00 -21.11 -33.03
C LEU B 638 -39.44 -21.21 -34.45
N GLY B 639 -39.24 -22.44 -34.91
CA GLY B 639 -38.84 -22.72 -36.27
C GLY B 639 -39.82 -23.63 -36.99
N ILE B 640 -39.76 -23.67 -38.32
CA ILE B 640 -40.69 -24.47 -39.10
C ILE B 640 -39.90 -25.12 -40.23
N GLY B 641 -40.16 -26.41 -40.48
CA GLY B 641 -39.39 -27.21 -41.40
C GLY B 641 -40.25 -28.29 -42.04
N LYS B 642 -39.63 -29.07 -42.92
CA LYS B 642 -40.36 -30.08 -43.69
C LYS B 642 -40.94 -31.16 -42.78
N ALA B 643 -42.20 -31.51 -43.01
CA ALA B 643 -42.85 -32.55 -42.23
C ALA B 643 -42.11 -33.87 -42.34
N LEU B 644 -42.02 -34.59 -41.22
CA LEU B 644 -41.31 -35.87 -41.24
C LEU B 644 -42.01 -36.89 -42.12
N ARG B 645 -43.34 -36.83 -42.19
CA ARG B 645 -44.15 -37.70 -43.03
C ARG B 645 -44.87 -36.88 -44.08
N ALA B 646 -44.85 -37.35 -45.33
CA ALA B 646 -45.56 -36.67 -46.40
C ALA B 646 -47.04 -36.56 -46.05
N GLY B 647 -47.62 -35.39 -46.29
CA GLY B 647 -49.01 -35.16 -45.93
C GLY B 647 -49.24 -34.65 -44.51
N ALA B 648 -48.23 -34.69 -43.64
CA ALA B 648 -48.39 -34.28 -42.26
C ALA B 648 -48.22 -32.76 -42.13
N PRO B 649 -48.64 -32.19 -41.00
CA PRO B 649 -48.39 -30.75 -40.80
C PRO B 649 -46.91 -30.48 -40.82
N PRO B 650 -46.50 -29.26 -41.18
CA PRO B 650 -45.08 -28.92 -41.14
C PRO B 650 -44.52 -29.20 -39.74
N ALA B 651 -43.28 -29.68 -39.71
CA ALA B 651 -42.60 -29.84 -38.43
C ALA B 651 -42.37 -28.48 -37.79
N LEU B 652 -42.51 -28.43 -36.47
CA LEU B 652 -42.27 -27.24 -35.67
C LEU B 652 -41.14 -27.53 -34.68
N TYR B 653 -40.30 -26.52 -34.48
CA TYR B 653 -39.16 -26.62 -33.58
C TYR B 653 -39.22 -25.45 -32.60
N LEU B 654 -38.96 -25.76 -31.34
CA LEU B 654 -39.14 -24.81 -30.26
C LEU B 654 -37.97 -24.88 -29.31
N ALA B 655 -37.34 -23.74 -29.05
CA ALA B 655 -36.47 -23.56 -27.90
C ALA B 655 -37.26 -22.86 -26.79
N GLY B 656 -37.22 -23.41 -25.59
CA GLY B 656 -37.87 -22.79 -24.46
C GLY B 656 -38.02 -23.78 -23.32
N ARG B 657 -39.12 -23.71 -22.60
CA ARG B 657 -39.34 -24.62 -21.48
C ARG B 657 -40.70 -25.28 -21.64
N VAL B 658 -40.71 -26.61 -21.54
CA VAL B 658 -41.92 -27.42 -21.72
C VAL B 658 -42.00 -28.35 -20.52
N GLN B 659 -43.13 -28.32 -19.81
CA GLN B 659 -43.33 -29.11 -18.59
C GLN B 659 -42.12 -29.02 -17.66
N GLY B 660 -41.56 -27.82 -17.50
CA GLY B 660 -40.50 -27.58 -16.55
C GLY B 660 -39.08 -27.80 -17.05
N VAL B 661 -38.90 -28.35 -18.24
CA VAL B 661 -37.58 -28.69 -18.78
C VAL B 661 -37.20 -27.68 -19.86
N ASP B 662 -36.04 -27.02 -19.71
CA ASP B 662 -35.58 -26.14 -20.77
C ASP B 662 -34.74 -26.93 -21.75
N GLY B 663 -34.85 -26.58 -23.02
CA GLY B 663 -34.19 -27.31 -24.08
C GLY B 663 -34.77 -26.95 -25.42
N VAL B 664 -34.50 -27.82 -26.40
CA VAL B 664 -35.01 -27.69 -27.76
C VAL B 664 -35.95 -28.86 -28.04
N PHE B 665 -37.06 -28.57 -28.73
CA PHE B 665 -38.14 -29.54 -28.89
C PHE B 665 -38.63 -29.56 -30.34
N ARG B 666 -39.24 -30.68 -30.73
CA ARG B 666 -39.93 -30.80 -32.00
C ARG B 666 -41.36 -31.24 -31.77
N SER B 667 -42.29 -30.68 -32.55
CA SER B 667 -43.67 -31.15 -32.60
C SER B 667 -43.93 -31.69 -33.99
N ASP B 668 -44.57 -32.86 -34.07
CA ASP B 668 -44.95 -33.45 -35.34
C ASP B 668 -46.46 -33.41 -35.58
N ASP B 669 -47.25 -32.92 -34.63
CA ASP B 669 -48.70 -32.95 -34.75
C ASP B 669 -49.27 -31.54 -34.84
N GLY B 670 -48.56 -30.66 -35.53
CA GLY B 670 -49.02 -29.29 -35.70
C GLY B 670 -48.88 -28.41 -34.48
N GLY B 671 -47.96 -28.74 -33.58
CA GLY B 671 -47.67 -27.86 -32.45
C GLY B 671 -48.47 -28.14 -31.20
N VAL B 672 -49.09 -29.31 -31.09
CA VAL B 672 -49.89 -29.65 -29.91
C VAL B 672 -49.03 -30.34 -28.86
N GLN B 673 -48.20 -31.29 -29.27
CA GLN B 673 -47.31 -32.03 -28.37
C GLN B 673 -45.86 -31.86 -28.79
N TRP B 674 -44.97 -31.80 -27.80
CA TRP B 674 -43.55 -31.56 -28.03
C TRP B 674 -42.72 -32.74 -27.56
N GLN B 675 -41.68 -33.06 -28.32
CA GLN B 675 -40.68 -34.08 -27.93
C GLN B 675 -39.33 -33.40 -27.77
N ARG B 676 -38.69 -33.57 -26.62
CA ARG B 676 -37.38 -32.98 -26.45
C ARG B 676 -36.39 -33.64 -27.40
N ILE B 677 -35.57 -32.83 -28.07
CA ILE B 677 -34.63 -33.35 -29.04
C ILE B 677 -33.18 -33.08 -28.68
N ASN B 678 -32.91 -32.36 -27.60
CA ASN B 678 -31.56 -32.30 -27.08
C ASN B 678 -31.55 -32.94 -25.69
N ASP B 679 -30.43 -32.79 -24.99
CA ASP B 679 -30.29 -33.35 -23.64
C ASP B 679 -29.55 -32.35 -22.78
N ASP B 680 -29.40 -32.66 -21.49
CA ASP B 680 -28.86 -31.68 -20.57
C ASP B 680 -27.41 -31.36 -20.86
N ALA B 681 -26.66 -32.30 -21.45
CA ALA B 681 -25.27 -32.07 -21.85
C ALA B 681 -25.14 -31.21 -23.09
N HIS B 682 -26.22 -30.97 -23.84
CA HIS B 682 -26.19 -30.18 -25.05
C HIS B 682 -27.26 -29.08 -24.99
N ARG B 683 -27.25 -28.31 -23.91
CA ARG B 683 -28.25 -27.25 -23.77
C ARG B 683 -27.75 -25.91 -24.31
N PHE B 684 -26.46 -25.61 -24.16
CA PHE B 684 -25.83 -24.42 -24.75
C PHE B 684 -26.41 -23.12 -24.17
N GLY B 685 -26.74 -23.14 -22.88
CA GLY B 685 -27.39 -22.00 -22.29
C GLY B 685 -28.80 -21.80 -22.80
N ARG B 686 -29.00 -20.75 -23.59
CA ARG B 686 -30.34 -20.29 -23.99
C ARG B 686 -30.38 -20.16 -25.52
N PRO B 687 -30.64 -21.28 -26.21
CA PRO B 687 -30.72 -21.24 -27.68
C PRO B 687 -31.83 -20.34 -28.22
N TYR B 688 -31.57 -19.76 -29.39
CA TYR B 688 -32.53 -18.87 -30.06
C TYR B 688 -32.34 -18.99 -31.57
N SER B 689 -33.12 -18.18 -32.31
CA SER B 689 -33.22 -18.25 -33.77
C SER B 689 -33.42 -19.69 -34.24
N VAL B 690 -34.28 -20.42 -33.54
CA VAL B 690 -34.63 -21.77 -33.97
C VAL B 690 -35.17 -21.70 -35.39
N THR B 691 -34.61 -22.51 -36.27
CA THR B 691 -34.85 -22.37 -37.70
C THR B 691 -34.96 -23.76 -38.31
N GLY B 692 -36.13 -24.07 -38.89
CA GLY B 692 -36.28 -25.32 -39.59
C GLY B 692 -35.64 -25.26 -40.97
N ASP B 693 -35.53 -26.44 -41.59
CA ASP B 693 -35.06 -26.53 -42.97
C ASP B 693 -36.20 -26.96 -43.85
N PRO B 694 -36.67 -26.13 -44.78
CA PRO B 694 -37.81 -26.51 -45.61
C PRO B 694 -37.52 -27.67 -46.55
N ARG B 695 -36.25 -28.03 -46.76
CA ARG B 695 -35.94 -29.13 -47.65
C ARG B 695 -35.57 -30.43 -46.94
N ILE B 696 -35.23 -30.39 -45.65
CA ILE B 696 -34.74 -31.56 -44.93
C ILE B 696 -35.62 -31.83 -43.72
N ALA B 697 -36.36 -32.93 -43.76
CA ALA B 697 -37.20 -33.31 -42.63
C ALA B 697 -36.32 -33.74 -41.46
N GLY B 698 -36.68 -33.26 -40.27
CA GLY B 698 -35.90 -33.57 -39.09
C GLY B 698 -34.77 -32.61 -38.80
N ARG B 699 -34.37 -31.77 -39.76
CA ARG B 699 -33.26 -30.83 -39.55
C ARG B 699 -33.71 -29.57 -38.81
N VAL B 700 -32.91 -29.15 -37.85
CA VAL B 700 -33.12 -27.85 -37.22
C VAL B 700 -31.76 -27.19 -37.05
N TYR B 701 -31.76 -25.87 -37.18
CA TYR B 701 -30.62 -25.01 -36.87
C TYR B 701 -30.99 -24.13 -35.69
N PHE B 702 -30.02 -23.80 -34.84
CA PHE B 702 -30.29 -22.75 -33.86
C PHE B 702 -29.01 -22.01 -33.52
N ALA B 703 -29.19 -20.78 -33.04
CA ALA B 703 -28.11 -19.92 -32.61
C ALA B 703 -27.87 -20.06 -31.10
N THR B 704 -26.66 -19.71 -30.69
CA THR B 704 -26.31 -19.59 -29.29
C THR B 704 -25.57 -18.27 -29.11
N GLY B 705 -25.58 -17.76 -27.89
CA GLY B 705 -24.96 -16.47 -27.64
C GLY B 705 -23.48 -16.56 -27.31
N GLY B 706 -22.70 -17.21 -28.18
CA GLY B 706 -21.27 -17.32 -27.94
C GLY B 706 -20.67 -18.68 -28.22
N ARG B 707 -21.51 -19.67 -28.54
CA ARG B 707 -21.04 -20.96 -29.02
C ARG B 707 -21.42 -21.21 -30.49
N GLY B 708 -21.76 -20.14 -31.22
CA GLY B 708 -21.98 -20.24 -32.65
C GLY B 708 -23.35 -20.81 -33.03
N ILE B 709 -23.39 -21.41 -34.24
CA ILE B 709 -24.58 -22.04 -34.80
C ILE B 709 -24.46 -23.55 -34.63
N PHE B 710 -25.60 -24.20 -34.38
CA PHE B 710 -25.63 -25.66 -34.36
C PHE B 710 -26.71 -26.17 -35.29
N TYR B 711 -26.52 -27.38 -35.78
CA TYR B 711 -27.57 -28.05 -36.52
C TYR B 711 -27.68 -29.48 -36.05
N GLY B 712 -28.89 -30.02 -36.14
CA GLY B 712 -29.17 -31.34 -35.64
C GLY B 712 -30.10 -32.07 -36.56
N ASP B 713 -29.96 -33.39 -36.56
CA ASP B 713 -30.80 -34.35 -37.26
C ASP B 713 -31.12 -35.49 -36.30
N PRO B 714 -32.21 -36.21 -36.54
CA PRO B 714 -32.55 -37.35 -35.68
C PRO B 714 -31.50 -38.46 -35.77
N ARG B 715 -31.21 -39.02 -34.60
CA ARG B 715 -30.54 -40.31 -34.35
C ARG B 715 -29.05 -40.13 -34.12
C2 BGC C . 23.98 21.08 15.83
C3 BGC C . 23.11 20.41 16.85
C4 BGC C . 22.82 21.24 18.06
C5 BGC C . 22.52 22.71 17.76
C6 BGC C . 22.55 23.57 19.00
C1 BGC C . 23.43 22.45 15.52
O1 BGC C . 24.20 23.14 14.63
O2 BGC C . 24.05 20.24 14.66
O3 BGC C . 23.75 19.18 17.25
O4 BGC C . 21.64 20.71 18.66
O5 BGC C . 23.44 23.28 16.77
O6 BGC C . 23.82 24.11 19.25
C2 BGC C . 20.69 19.90 20.71
C3 BGC C . 20.91 19.02 21.90
C4 BGC C . 21.40 17.65 21.50
C5 BGC C . 22.66 17.75 20.64
C6 BGC C . 23.12 16.41 20.11
C1 BGC C . 21.93 19.97 19.85
O2 BGC C . 20.41 21.26 21.13
O3 BGC C . 19.70 18.87 22.70
O4 BGC C . 21.75 16.96 22.69
O5 BGC C . 22.45 18.62 19.48
O6 BGC C . 24.27 16.69 19.33
C1 XYS C . 24.75 15.51 18.64
C2 XYS C . 25.96 15.86 17.77
C3 XYS C . 25.55 16.76 16.65
C4 XYS C . 24.46 16.16 15.81
C5 XYS C . 23.28 15.67 16.65
O2 XYS C . 26.93 16.54 18.60
O3 XYS C . 26.68 17.08 15.79
O4 XYS C . 23.97 17.14 14.90
O5 XYS C . 23.67 14.86 17.82
C2 BGC D . -12.66 -2.16 -32.93
C3 BGC D . -12.63 -3.42 -32.17
C4 BGC D . -12.81 -4.59 -33.09
C5 BGC D . -11.75 -4.61 -34.19
C6 BGC D . -12.04 -5.70 -35.18
C1 BGC D . -11.57 -2.13 -33.99
O1 BGC D . -11.78 -1.05 -34.76
O2 BGC D . -12.50 -1.05 -32.00
O3 BGC D . -13.71 -3.37 -31.20
O4 BGC D . -12.62 -5.76 -32.30
O5 BGC D . -11.64 -3.32 -34.91
O6 BGC D . -12.65 -5.19 -36.33
C2 BGC D . -13.49 -7.88 -31.66
C3 BGC D . -14.71 -8.69 -31.39
C4 BGC D . -15.63 -7.95 -30.46
C5 BGC D . -16.02 -6.59 -31.04
C6 BGC D . -16.92 -5.82 -30.12
C1 BGC D . -13.85 -6.49 -32.16
O2 BGC D . -12.69 -8.48 -32.70
O3 BGC D . -14.31 -9.92 -30.70
O4 BGC D . -16.82 -8.72 -30.25
O5 BGC D . -14.81 -5.79 -31.26
O6 BGC D . -16.84 -4.47 -30.51
C1 XYS D . -17.56 -3.60 -29.60
C2 XYS D . -17.81 -2.25 -30.24
C3 XYS D . -16.50 -1.59 -30.54
C4 XYS D . -15.66 -1.41 -29.31
C5 XYS D . -15.55 -2.69 -28.47
O2 XYS D . -18.54 -2.41 -31.47
O3 XYS D . -16.72 -0.29 -31.16
O4 XYS D . -14.33 -1.06 -29.69
O5 XYS D . -16.84 -3.41 -28.30
C1 EDO E . 22.77 26.52 24.17
O1 EDO E . 23.84 25.69 23.77
C2 EDO E . 21.48 25.71 24.00
O2 EDO E . 21.32 25.37 22.64
C1 EDO F . 39.95 14.23 39.31
O1 EDO F . 40.75 15.30 38.91
C2 EDO F . 39.12 14.66 40.51
O2 EDO F . 38.11 13.72 40.72
C1 EDO G . -11.59 -5.84 21.05
O1 EDO G . -10.24 -6.17 20.81
C2 EDO G . -12.16 -4.97 19.93
O2 EDO G . -11.78 -3.63 20.11
C1 EDO H . 57.60 9.26 42.35
O1 EDO H . 56.67 9.86 41.48
C2 EDO H . 57.31 7.77 42.47
O2 EDO H . 57.48 7.21 41.19
C1 EDO I . -5.05 12.49 16.44
O1 EDO I . -3.71 12.44 16.88
C2 EDO I . -5.93 11.47 17.16
O2 EDO I . -5.39 10.17 17.11
NA NA J . 36.61 16.38 38.22
I IOD K . -1.89 6.27 -5.83
I IOD L . 27.88 -3.20 52.22
I IOD M . -1.26 41.55 22.83
I IOD N . 49.94 6.90 58.17
I IOD O . -10.32 -2.01 30.14
I IOD P . 20.16 23.31 13.82
I IOD Q . 35.84 18.16 20.03
C1 EDO R . -12.56 -10.68 -37.45
O1 EDO R . -11.66 -9.63 -37.17
C2 EDO R . -13.40 -10.24 -38.64
O2 EDO R . -12.53 -10.17 -39.72
C1 EDO S . -39.19 -18.83 -41.64
O1 EDO S . -39.88 -17.65 -41.31
C2 EDO S . -40.06 -19.70 -42.55
O2 EDO S . -41.33 -19.11 -42.68
C1 EDO T . 10.59 3.06 -11.43
O1 EDO T . 10.75 2.71 -10.08
C2 EDO T . 9.11 3.01 -11.79
O2 EDO T . 8.55 4.27 -11.50
C1 EDO U . 1.09 -9.12 -39.96
O1 EDO U . 1.57 -7.80 -39.91
C2 EDO U . -0.07 -9.30 -38.97
O2 EDO U . -0.84 -8.13 -38.92
NA NA V . -34.69 -13.56 -41.05
I IOD W . 7.68 3.22 -2.95
I IOD X . -46.64 -28.22 -23.65
I IOD Y . -9.19 -30.63 -0.14
I IOD Z . -7.87 -2.71 -32.64
I IOD AA . -2.02 -37.77 -29.28
I IOD BA . -30.65 -25.94 -54.77
I IOD CA . 11.93 -23.78 -39.04
#